data_9C2G
#
_entry.id   9C2G
#
_cell.length_a   48.417
_cell.length_b   181.005
_cell.length_c   221.720
_cell.angle_alpha   90.000
_cell.angle_beta   90.000
_cell.angle_gamma   90.000
#
_symmetry.space_group_name_H-M   'P 21 21 21'
#
loop_
_entity.id
_entity.type
_entity.pdbx_description
1 polymer 'Isobutylene epoxide hydrolase'
2 non-polymer GLYCEROL
3 non-polymer 'MAGNESIUM ION'
4 non-polymer Octadecane
5 non-polymer 'SULFATE ION'
6 water water
#
_entity_poly.entity_id   1
_entity_poly.type   'polypeptide(L)'
_entity_poly.pdbx_seq_one_letter_code
;MGSSHHHHHHSSGLVPRGSHMTTASSFATPAVRRPEEFSHNEIQLSTGVKIHYVREGSGPPLLLLHGWPGFWWEWSKVVA
PLAEHFDVIVPDLRGFGDSEKPDLGDISQYTLDHATDDQAALLDELGIDEAYVVGHDYAAIIVHKFIRKFRNRVIKAAIF
DPITPDFGEFYFGIPHVSESWYSQFHQTDMSVELVSSSRTACKIYFTHFMNHWSYRDELLTDDEMEIYVDNFMKAGNIHG
GFNYYRANLSMTSAPWNELDDEVTDLPVTILWGQGDTVVPSLLADRLPKYYSNYTLEIVEDAGHFMMVEKPDIVIERLTA
AFK
;
_entity_poly.pdbx_strand_id   A,B,C,D,E,F
#
loop_
_chem_comp.id
_chem_comp.type
_chem_comp.name
_chem_comp.formula
8K6 non-polymer Octadecane 'C18 H38'
GOL non-polymer GLYCEROL 'C3 H8 O3'
MG non-polymer 'MAGNESIUM ION' 'Mg 2'
SO4 non-polymer 'SULFATE ION' 'O4 S -2'
#
# COMPACT_ATOMS: atom_id res chain seq x y z
N VAL A 32 16.27 -30.46 30.66
CA VAL A 32 16.36 -29.08 30.19
C VAL A 32 17.81 -28.63 30.13
N ARG A 33 18.29 -28.34 28.92
CA ARG A 33 19.67 -27.92 28.70
C ARG A 33 19.71 -26.40 28.70
N ARG A 34 20.42 -25.83 29.68
CA ARG A 34 20.37 -24.40 29.93
C ARG A 34 21.20 -23.63 28.91
N PRO A 35 20.91 -22.33 28.76
CA PRO A 35 21.69 -21.52 27.80
C PRO A 35 23.19 -21.65 27.94
N GLU A 36 23.70 -21.63 29.17
CA GLU A 36 25.14 -21.71 29.39
C GLU A 36 25.72 -23.08 29.04
N GLU A 37 24.88 -24.10 28.90
CA GLU A 37 25.36 -25.43 28.50
C GLU A 37 25.49 -25.54 26.99
N PHE A 38 25.74 -24.41 26.32
CA PHE A 38 25.89 -24.36 24.88
C PHE A 38 27.19 -23.62 24.55
N SER A 39 27.58 -23.70 23.29
CA SER A 39 28.80 -23.07 22.78
C SER A 39 28.42 -21.75 22.13
N HIS A 40 28.86 -20.65 22.71
CA HIS A 40 28.39 -19.32 22.34
C HIS A 40 29.41 -18.57 21.52
N ASN A 41 28.90 -17.75 20.59
CA ASN A 41 29.73 -17.03 19.64
C ASN A 41 29.13 -15.66 19.38
N GLU A 42 29.99 -14.74 18.95
CA GLU A 42 29.58 -13.38 18.59
C GLU A 42 30.50 -12.92 17.48
N ILE A 43 29.93 -12.46 16.37
CA ILE A 43 30.75 -11.99 15.25
C ILE A 43 30.09 -10.76 14.62
N GLN A 44 30.92 -9.95 13.98
CA GLN A 44 30.50 -8.72 13.34
C GLN A 44 30.22 -9.01 11.87
N LEU A 45 29.01 -8.67 11.41
CA LEU A 45 28.60 -8.97 10.05
C LEU A 45 28.71 -7.74 9.16
N SER A 46 28.76 -8.00 7.85
CA SER A 46 28.86 -6.92 6.87
C SER A 46 27.64 -6.01 6.88
N THR A 47 26.53 -6.44 7.46
CA THR A 47 25.34 -5.61 7.54
C THR A 47 25.43 -4.54 8.61
N GLY A 48 26.58 -4.42 9.28
CA GLY A 48 26.77 -3.38 10.27
C GLY A 48 26.35 -3.75 11.67
N VAL A 49 25.97 -5.00 11.91
CA VAL A 49 25.37 -5.42 13.17
C VAL A 49 26.15 -6.61 13.72
N LYS A 50 26.28 -6.66 15.05
CA LYS A 50 26.91 -7.80 15.71
C LYS A 50 25.84 -8.84 16.04
N ILE A 51 26.10 -10.09 15.69
CA ILE A 51 25.12 -11.16 15.83
C ILE A 51 25.70 -12.24 16.74
N HIS A 52 24.91 -12.63 17.74
CA HIS A 52 25.23 -13.73 18.63
C HIS A 52 24.60 -15.03 18.12
N TYR A 53 25.31 -16.14 18.29
CA TYR A 53 24.80 -17.42 17.83
C TYR A 53 25.48 -18.54 18.60
N VAL A 54 24.79 -19.67 18.72
CA VAL A 54 25.39 -20.89 19.21
C VAL A 54 25.58 -21.83 18.01
N ARG A 55 26.45 -22.81 18.20
CA ARG A 55 26.85 -23.68 17.09
C ARG A 55 27.42 -24.98 17.63
N GLU A 56 27.05 -26.09 17.00
CA GLU A 56 27.64 -27.39 17.34
C GLU A 56 27.19 -28.40 16.30
N GLY A 57 27.99 -29.46 16.18
CA GLY A 57 27.73 -30.53 15.23
C GLY A 57 28.63 -30.44 14.02
N SER A 58 28.49 -31.44 13.16
CA SER A 58 29.28 -31.53 11.93
C SER A 58 28.40 -32.10 10.82
N GLY A 59 28.64 -31.64 9.60
CA GLY A 59 27.84 -32.00 8.46
C GLY A 59 27.42 -30.77 7.68
N PRO A 60 26.40 -30.91 6.85
CA PRO A 60 25.89 -29.75 6.11
C PRO A 60 25.41 -28.67 7.06
N PRO A 61 25.63 -27.39 6.73
CA PRO A 61 25.15 -26.33 7.62
C PRO A 61 23.63 -26.32 7.71
N LEU A 62 23.13 -26.10 8.91
CA LEU A 62 21.70 -26.02 9.19
C LEU A 62 21.44 -24.80 10.05
N LEU A 63 20.71 -23.83 9.51
CA LEU A 63 20.44 -22.55 10.15
C LEU A 63 19.02 -22.56 10.71
N LEU A 64 18.91 -22.46 12.04
CA LEU A 64 17.63 -22.46 12.73
C LEU A 64 17.33 -21.05 13.22
N LEU A 65 16.18 -20.51 12.83
CA LEU A 65 15.85 -19.10 13.06
C LEU A 65 14.57 -18.99 13.89
N HIS A 66 14.67 -18.29 15.01
CA HIS A 66 13.57 -18.12 15.96
C HIS A 66 12.68 -16.95 15.54
N GLY A 67 11.59 -16.75 16.29
CA GLY A 67 10.69 -15.64 16.12
C GLY A 67 10.45 -14.92 17.43
N TRP A 68 9.26 -14.32 17.56
CA TRP A 68 8.83 -13.62 18.75
C TRP A 68 7.60 -14.29 19.34
N PRO A 69 7.55 -14.52 20.67
CA PRO A 69 8.61 -14.32 21.66
C PRO A 69 9.70 -15.34 21.44
N GLY A 70 10.97 -15.00 21.56
CA GLY A 70 11.98 -16.01 21.34
C GLY A 70 13.37 -15.43 21.23
N PHE A 71 14.30 -16.35 21.07
CA PHE A 71 15.72 -16.11 20.89
C PHE A 71 16.30 -17.50 20.63
N TRP A 72 17.61 -17.61 20.38
CA TRP A 72 18.15 -18.89 19.93
C TRP A 72 17.70 -20.05 20.81
N TRP A 73 17.53 -19.82 22.11
CA TRP A 73 17.35 -20.91 23.06
C TRP A 73 16.05 -21.66 22.88
N GLU A 74 15.12 -21.16 22.07
CA GLU A 74 13.87 -21.89 21.86
C GLU A 74 14.10 -23.20 21.12
N TRP A 75 15.21 -23.33 20.39
CA TRP A 75 15.57 -24.55 19.70
C TRP A 75 16.34 -25.53 20.57
N SER A 76 16.49 -25.24 21.86
CA SER A 76 17.45 -25.97 22.68
C SER A 76 17.19 -27.47 22.69
N LYS A 77 15.91 -27.88 22.62
CA LYS A 77 15.60 -29.30 22.69
C LYS A 77 16.06 -30.09 21.47
N VAL A 78 16.34 -29.42 20.34
CA VAL A 78 16.62 -30.12 19.09
C VAL A 78 18.04 -29.90 18.58
N VAL A 79 18.84 -29.09 19.26
CA VAL A 79 20.18 -28.78 18.74
C VAL A 79 21.07 -30.01 18.76
N ALA A 80 21.24 -30.63 19.94
CA ALA A 80 22.15 -31.76 20.04
C ALA A 80 21.76 -32.93 19.16
N PRO A 81 20.48 -33.34 19.08
CA PRO A 81 20.13 -34.44 18.15
C PRO A 81 20.46 -34.13 16.70
N LEU A 82 20.11 -32.93 16.22
CA LEU A 82 20.42 -32.57 14.84
C LEU A 82 21.91 -32.41 14.62
N ALA A 83 22.65 -32.02 15.67
CA ALA A 83 24.09 -31.86 15.55
C ALA A 83 24.80 -33.15 15.20
N GLU A 84 24.13 -34.30 15.30
CA GLU A 84 24.71 -35.55 14.83
C GLU A 84 24.86 -35.55 13.31
N HIS A 85 23.97 -34.86 12.59
CA HIS A 85 23.97 -34.88 11.14
C HIS A 85 24.26 -33.52 10.50
N PHE A 86 24.26 -32.43 11.27
CA PHE A 86 24.40 -31.10 10.70
C PHE A 86 25.32 -30.23 11.53
N ASP A 87 25.95 -29.27 10.86
CA ASP A 87 26.59 -28.11 11.49
C ASP A 87 25.48 -27.13 11.83
N VAL A 88 24.95 -27.26 13.04
CA VAL A 88 23.77 -26.50 13.46
C VAL A 88 24.19 -25.10 13.91
N ILE A 89 23.62 -24.08 13.28
CA ILE A 89 23.92 -22.69 13.58
C ILE A 89 22.62 -22.01 13.98
N VAL A 90 22.59 -21.42 15.17
CA VAL A 90 21.35 -20.90 15.76
C VAL A 90 21.61 -19.48 16.23
N PRO A 91 21.37 -18.47 15.39
CA PRO A 91 21.63 -17.09 15.81
C PRO A 91 20.44 -16.45 16.51
N ASP A 92 20.76 -15.39 17.25
CA ASP A 92 19.75 -14.42 17.67
C ASP A 92 19.56 -13.41 16.54
N LEU A 93 18.31 -13.17 16.16
CA LEU A 93 18.01 -12.08 15.24
C LEU A 93 18.44 -10.76 15.85
N ARG A 94 18.82 -9.81 15.00
CA ARG A 94 19.04 -8.45 15.49
C ARG A 94 17.81 -8.01 16.26
N GLY A 95 18.04 -7.31 17.37
CA GLY A 95 16.95 -6.87 18.23
C GLY A 95 16.52 -7.89 19.26
N PHE A 96 17.08 -9.09 19.24
CA PHE A 96 16.69 -10.17 20.14
C PHE A 96 17.91 -10.73 20.85
N GLY A 97 17.66 -11.37 21.99
CA GLY A 97 18.69 -12.16 22.65
C GLY A 97 19.91 -11.33 22.97
N ASP A 98 21.10 -11.87 22.64
CA ASP A 98 22.36 -11.20 22.84
C ASP A 98 22.89 -10.54 21.56
N SER A 99 22.14 -10.62 20.47
CA SER A 99 22.52 -9.89 19.28
C SER A 99 22.32 -8.39 19.50
N GLU A 100 22.96 -7.61 18.64
CA GLU A 100 22.94 -6.17 18.79
C GLU A 100 21.54 -5.62 18.53
N LYS A 101 21.13 -4.66 19.36
CA LYS A 101 19.93 -3.87 19.10
C LYS A 101 20.34 -2.59 18.38
N PRO A 102 20.04 -2.42 17.11
CA PRO A 102 20.26 -1.12 16.48
C PRO A 102 19.56 -0.03 17.26
N ASP A 103 20.02 1.21 17.08
CA ASP A 103 19.41 2.39 17.66
C ASP A 103 17.91 2.19 17.84
N LEU A 104 17.47 2.03 19.08
CA LEU A 104 16.08 1.65 19.36
C LEU A 104 15.09 2.69 18.88
N GLY A 105 15.54 3.91 18.61
CA GLY A 105 14.69 4.94 18.05
C GLY A 105 14.61 4.93 16.54
N ASP A 106 15.37 4.04 15.89
CA ASP A 106 15.43 3.98 14.43
C ASP A 106 14.70 2.72 13.98
N ILE A 107 13.39 2.85 13.80
CA ILE A 107 12.55 1.71 13.43
C ILE A 107 12.98 1.10 12.11
N SER A 108 13.64 1.88 11.25
CA SER A 108 14.00 1.40 9.92
C SER A 108 15.04 0.29 9.95
N GLN A 109 15.84 0.21 11.00
CA GLN A 109 16.81 -0.86 11.16
C GLN A 109 16.18 -2.17 11.60
N TYR A 110 14.87 -2.21 11.82
CA TYR A 110 14.21 -3.42 12.32
C TYR A 110 13.28 -4.05 11.27
N THR A 111 13.47 -3.72 10.00
CA THR A 111 12.70 -4.38 8.96
C THR A 111 13.12 -5.85 8.85
N LEU A 112 12.17 -6.68 8.42
CA LEU A 112 12.49 -8.07 8.17
C LEU A 112 13.46 -8.23 7.00
N ASP A 113 13.53 -7.26 6.09
CA ASP A 113 14.53 -7.30 5.03
C ASP A 113 15.93 -7.22 5.60
N HIS A 114 16.14 -6.35 6.58
CA HIS A 114 17.43 -6.28 7.27
C HIS A 114 17.80 -7.63 7.88
N ALA A 115 16.86 -8.23 8.62
CA ALA A 115 17.14 -9.50 9.27
C ALA A 115 17.39 -10.61 8.26
N THR A 116 16.78 -10.51 7.07
CA THR A 116 17.05 -11.48 6.02
C THR A 116 18.48 -11.30 5.50
N ASP A 117 18.90 -10.06 5.26
CA ASP A 117 20.28 -9.82 4.85
C ASP A 117 21.26 -10.29 5.91
N ASP A 118 20.90 -10.18 7.19
CA ASP A 118 21.77 -10.64 8.27
C ASP A 118 22.13 -12.12 8.11
N GLN A 119 21.19 -12.92 7.61
CA GLN A 119 21.43 -14.36 7.54
C GLN A 119 22.43 -14.71 6.45
N ALA A 120 22.32 -14.08 5.27
CA ALA A 120 23.31 -14.31 4.23
C ALA A 120 24.68 -13.78 4.65
N ALA A 121 24.71 -12.65 5.35
CA ALA A 121 25.98 -12.10 5.83
C ALA A 121 26.60 -12.99 6.90
N LEU A 122 25.77 -13.70 7.67
CA LEU A 122 26.31 -14.67 8.62
C LEU A 122 26.99 -15.82 7.89
N LEU A 123 26.31 -16.39 6.89
CA LEU A 123 26.92 -17.46 6.10
C LEU A 123 28.22 -16.98 5.46
N ASP A 124 28.21 -15.78 4.88
CA ASP A 124 29.42 -15.19 4.33
C ASP A 124 30.56 -15.22 5.35
N GLU A 125 30.30 -14.65 6.54
CA GLU A 125 31.36 -14.51 7.52
C GLU A 125 31.91 -15.88 7.95
N LEU A 126 31.09 -16.92 7.87
CA LEU A 126 31.49 -18.27 8.27
C LEU A 126 32.01 -19.11 7.11
N GLY A 127 32.14 -18.54 5.92
CA GLY A 127 32.64 -19.30 4.78
C GLY A 127 31.74 -20.42 4.31
N ILE A 128 30.43 -20.22 4.40
CA ILE A 128 29.44 -21.23 4.02
C ILE A 128 28.82 -20.80 2.70
N ASP A 129 28.94 -21.66 1.68
CA ASP A 129 28.39 -21.33 0.37
C ASP A 129 26.87 -21.47 0.35
N GLU A 130 26.34 -22.56 0.91
CA GLU A 130 24.91 -22.78 0.96
C GLU A 130 24.57 -23.57 2.23
N ALA A 131 23.32 -23.47 2.65
CA ALA A 131 22.90 -24.03 3.92
C ALA A 131 21.46 -24.49 3.85
N TYR A 132 21.11 -25.41 4.74
CA TYR A 132 19.71 -25.69 5.04
C TYR A 132 19.19 -24.60 5.97
N VAL A 133 17.99 -24.10 5.68
CA VAL A 133 17.42 -22.98 6.41
C VAL A 133 16.07 -23.37 6.96
N VAL A 134 15.80 -22.97 8.21
CA VAL A 134 14.58 -23.29 8.91
C VAL A 134 14.12 -22.06 9.67
N GLY A 135 12.82 -21.77 9.59
CA GLY A 135 12.28 -20.59 10.25
C GLY A 135 10.81 -20.73 10.53
N HIS A 136 10.32 -19.89 11.43
CA HIS A 136 8.90 -19.82 11.74
C HIS A 136 8.62 -18.43 12.31
N ASP A 137 7.35 -18.11 12.45
CA ASP A 137 6.93 -16.83 13.01
C ASP A 137 7.61 -15.74 12.18
N TYR A 138 8.25 -14.74 12.80
CA TYR A 138 8.96 -13.73 12.03
C TYR A 138 9.96 -14.38 11.08
N ALA A 139 10.60 -15.46 11.52
CA ALA A 139 11.56 -16.15 10.66
C ALA A 139 10.88 -16.93 9.54
N ALA A 140 9.56 -17.11 9.58
CA ALA A 140 8.86 -17.63 8.41
C ALA A 140 8.91 -16.63 7.27
N ILE A 141 8.88 -15.35 7.59
CA ILE A 141 9.00 -14.31 6.57
C ILE A 141 10.44 -14.18 6.10
N ILE A 142 11.39 -14.26 7.02
CA ILE A 142 12.79 -14.20 6.64
C ILE A 142 13.12 -15.33 5.67
N VAL A 143 12.70 -16.55 5.99
CA VAL A 143 12.96 -17.68 5.11
C VAL A 143 12.25 -17.49 3.78
N HIS A 144 10.99 -17.07 3.81
CA HIS A 144 10.26 -16.78 2.57
C HIS A 144 11.05 -15.81 1.71
N LYS A 145 11.56 -14.74 2.33
CA LYS A 145 12.38 -13.78 1.60
C LYS A 145 13.72 -14.38 1.20
N PHE A 146 14.35 -15.14 2.10
CA PHE A 146 15.72 -15.60 1.87
C PHE A 146 15.83 -16.48 0.64
N ILE A 147 14.92 -17.45 0.49
CA ILE A 147 15.04 -18.42 -0.60
C ILE A 147 14.65 -17.84 -1.95
N ARG A 148 14.12 -16.62 -1.99
CA ARG A 148 13.86 -15.93 -3.24
C ARG A 148 14.90 -14.88 -3.57
N LYS A 149 15.50 -14.24 -2.55
CA LYS A 149 16.58 -13.31 -2.80
C LYS A 149 17.94 -14.01 -2.80
N PHE A 150 18.14 -14.98 -1.91
CA PHE A 150 19.41 -15.70 -1.83
C PHE A 150 19.19 -17.17 -2.15
N ARG A 151 18.51 -17.43 -3.27
CA ARG A 151 18.21 -18.79 -3.68
C ARG A 151 19.46 -19.66 -3.75
N ASN A 152 20.55 -19.10 -4.27
CA ASN A 152 21.77 -19.89 -4.45
C ASN A 152 22.52 -20.14 -3.15
N ARG A 153 22.02 -19.63 -2.02
CA ARG A 153 22.63 -19.87 -0.72
C ARG A 153 21.86 -20.90 0.11
N VAL A 154 20.80 -21.48 -0.43
CA VAL A 154 19.96 -22.42 0.30
C VAL A 154 19.94 -23.74 -0.47
N ILE A 155 20.12 -24.84 0.27
CA ILE A 155 20.04 -26.19 -0.28
C ILE A 155 18.58 -26.60 -0.33
N LYS A 156 17.99 -26.78 0.85
CA LYS A 156 16.55 -26.96 1.03
C LYS A 156 16.12 -26.11 2.22
N ALA A 157 14.82 -25.98 2.41
CA ALA A 157 14.30 -25.14 3.49
C ALA A 157 13.08 -25.79 4.13
N ALA A 158 12.80 -25.36 5.36
CA ALA A 158 11.60 -25.74 6.07
C ALA A 158 11.00 -24.49 6.73
N ILE A 159 9.68 -24.46 6.80
CA ILE A 159 8.96 -23.37 7.43
C ILE A 159 7.87 -23.98 8.29
N PHE A 160 7.74 -23.51 9.52
CA PHE A 160 6.68 -23.94 10.41
C PHE A 160 5.63 -22.83 10.49
N ASP A 161 4.36 -23.21 10.37
CA ASP A 161 3.23 -22.28 10.40
C ASP A 161 3.56 -21.08 9.51
N PRO A 162 3.72 -21.29 8.21
CA PRO A 162 4.28 -20.23 7.35
C PRO A 162 3.38 -19.01 7.27
N ILE A 163 4.00 -17.90 6.89
CA ILE A 163 3.33 -16.60 6.74
C ILE A 163 3.71 -16.06 5.37
N THR A 164 2.72 -15.86 4.52
CA THR A 164 2.91 -15.46 3.13
C THR A 164 2.43 -14.03 2.90
N PRO A 165 2.78 -13.43 1.76
CA PRO A 165 2.43 -12.02 1.52
C PRO A 165 0.95 -11.71 1.62
N ASP A 166 0.06 -12.69 1.49
CA ASP A 166 -1.38 -12.45 1.58
C ASP A 166 -1.89 -12.54 3.02
N PHE A 167 -0.99 -12.69 4.00
CA PHE A 167 -1.39 -12.92 5.39
C PHE A 167 -2.11 -11.72 5.98
N GLY A 168 -1.73 -10.51 5.59
CA GLY A 168 -2.24 -9.32 6.26
C GLY A 168 -3.76 -9.23 6.24
N GLU A 169 -4.36 -9.43 5.07
CA GLU A 169 -5.80 -9.29 4.94
C GLU A 169 -6.54 -10.13 5.97
N PHE A 170 -6.02 -11.34 6.25
CA PHE A 170 -6.63 -12.19 7.25
C PHE A 170 -6.22 -11.77 8.66
N TYR A 171 -4.91 -11.59 8.87
CA TYR A 171 -4.36 -11.30 10.19
C TYR A 171 -5.03 -10.08 10.81
N PHE A 172 -5.22 -9.02 10.02
CA PHE A 172 -5.87 -7.79 10.49
C PHE A 172 -7.35 -7.76 10.14
N GLY A 173 -7.94 -8.91 9.84
CA GLY A 173 -9.34 -8.98 9.46
C GLY A 173 -10.24 -9.42 10.60
N ILE A 174 -11.53 -9.53 10.27
CA ILE A 174 -12.54 -10.01 11.20
C ILE A 174 -12.66 -11.52 11.02
N PRO A 175 -12.59 -12.33 12.09
CA PRO A 175 -12.47 -11.99 13.51
C PRO A 175 -11.05 -12.12 14.07
N HIS A 176 -10.03 -12.26 13.22
CA HIS A 176 -8.69 -12.53 13.73
C HIS A 176 -8.10 -11.35 14.48
N VAL A 177 -8.70 -10.17 14.41
CA VAL A 177 -8.29 -9.06 15.25
C VAL A 177 -8.31 -9.48 16.73
N SER A 178 -9.13 -10.48 17.05
CA SER A 178 -9.12 -11.03 18.40
C SER A 178 -7.74 -11.55 18.79
N GLU A 179 -6.93 -11.94 17.79
CA GLU A 179 -5.64 -12.57 18.02
C GLU A 179 -4.45 -11.67 17.72
N SER A 180 -4.60 -10.70 16.81
CA SER A 180 -3.50 -9.86 16.38
C SER A 180 -3.39 -8.56 17.16
N TRP A 181 -4.20 -8.39 18.21
CA TRP A 181 -4.20 -7.15 18.98
C TRP A 181 -2.79 -6.78 19.45
N TYR A 182 -2.00 -7.79 19.83
CA TYR A 182 -0.68 -7.52 20.40
C TYR A 182 0.23 -6.76 19.42
N SER A 183 0.08 -7.02 18.12
CA SER A 183 0.90 -6.30 17.15
C SER A 183 0.64 -4.79 17.24
N GLN A 184 -0.59 -4.39 17.55
CA GLN A 184 -0.91 -2.98 17.67
C GLN A 184 -0.61 -2.46 19.07
N PHE A 185 -0.74 -3.30 20.10
CA PHE A 185 -0.27 -2.93 21.43
C PHE A 185 1.17 -2.43 21.36
N HIS A 186 2.02 -3.16 20.65
CA HIS A 186 3.46 -2.90 20.67
C HIS A 186 3.85 -1.64 19.92
N GLN A 187 2.91 -0.98 19.24
CA GLN A 187 3.19 0.32 18.64
C GLN A 187 3.24 1.42 19.68
N THR A 188 2.64 1.22 20.84
CA THR A 188 2.57 2.26 21.86
C THR A 188 3.83 2.27 22.70
N ASP A 189 4.21 3.47 23.16
CA ASP A 189 5.28 3.58 24.13
C ASP A 189 4.90 2.92 25.46
N MET A 190 3.61 2.93 25.80
CA MET A 190 3.20 2.36 27.09
C MET A 190 3.44 0.85 27.15
N SER A 191 3.45 0.16 26.01
CA SER A 191 3.68 -1.28 26.03
C SER A 191 5.07 -1.60 26.53
N VAL A 192 6.08 -0.88 26.01
CA VAL A 192 7.44 -1.07 26.49
C VAL A 192 7.52 -0.76 27.98
N GLU A 193 6.95 0.38 28.39
CA GLU A 193 7.00 0.81 29.78
C GLU A 193 6.37 -0.21 30.71
N LEU A 194 5.20 -0.74 30.33
CA LEU A 194 4.48 -1.67 31.19
C LEU A 194 5.18 -3.03 31.26
N VAL A 195 5.48 -3.61 30.10
CA VAL A 195 6.02 -4.97 30.08
C VAL A 195 7.39 -5.02 30.75
N SER A 196 8.19 -3.98 30.59
CA SER A 196 9.52 -3.92 31.20
C SER A 196 9.52 -3.32 32.60
N SER A 197 8.34 -3.02 33.15
CA SER A 197 8.29 -2.37 34.46
C SER A 197 8.84 -3.26 35.58
N SER A 198 8.89 -4.57 35.38
CA SER A 198 9.48 -5.47 36.37
C SER A 198 9.55 -6.87 35.78
N ARG A 199 10.30 -7.74 36.45
CA ARG A 199 10.33 -9.15 36.05
C ARG A 199 8.93 -9.75 36.07
N THR A 200 8.14 -9.43 37.11
CA THR A 200 6.83 -10.04 37.26
C THR A 200 5.89 -9.62 36.14
N ALA A 201 5.87 -8.32 35.81
CA ALA A 201 5.04 -7.87 34.69
C ALA A 201 5.51 -8.49 33.38
N CYS A 202 6.82 -8.56 33.18
CA CYS A 202 7.37 -9.21 31.99
C CYS A 202 6.91 -10.65 31.90
N LYS A 203 7.01 -11.40 32.99
CA LYS A 203 6.63 -12.82 32.97
C LYS A 203 5.14 -12.98 32.74
N ILE A 204 4.31 -12.15 33.37
CA ILE A 204 2.88 -12.20 33.15
C ILE A 204 2.56 -12.04 31.66
N TYR A 205 3.15 -11.03 31.04
CA TYR A 205 2.80 -10.71 29.65
C TYR A 205 3.23 -11.83 28.71
N PHE A 206 4.51 -12.20 28.74
CA PHE A 206 5.01 -13.19 27.80
C PHE A 206 4.41 -14.58 28.04
N THR A 207 4.03 -14.88 29.29
CA THR A 207 3.44 -16.19 29.57
C THR A 207 2.15 -16.40 28.78
N HIS A 208 1.39 -15.34 28.52
CA HIS A 208 0.14 -15.50 27.79
C HIS A 208 0.39 -16.06 26.39
N PHE A 209 1.36 -15.50 25.68
CA PHE A 209 1.54 -15.87 24.28
C PHE A 209 2.13 -17.27 24.14
N MET A 210 3.04 -17.66 25.04
CA MET A 210 3.61 -19.01 24.96
C MET A 210 2.54 -20.07 25.12
N ASN A 211 1.55 -19.83 25.99
CA ASN A 211 0.49 -20.80 26.24
C ASN A 211 -0.66 -20.67 25.24
N HIS A 212 -1.18 -19.45 25.06
CA HIS A 212 -2.36 -19.29 24.21
C HIS A 212 -2.07 -19.75 22.79
N TRP A 213 -0.85 -19.51 22.30
CA TRP A 213 -0.48 -19.91 20.95
C TRP A 213 -0.10 -21.39 20.87
N SER A 214 -0.24 -22.15 21.94
CA SER A 214 0.19 -23.54 22.01
C SER A 214 -1.01 -24.47 22.12
N TYR A 215 -0.83 -25.70 21.60
CA TYR A 215 -1.90 -26.69 21.68
C TYR A 215 -2.23 -27.04 23.12
N ARG A 216 -1.23 -27.43 23.91
CA ARG A 216 -1.46 -27.75 25.30
C ARG A 216 -1.57 -26.47 26.12
N ASP A 217 -2.05 -26.62 27.35
CA ASP A 217 -2.42 -25.45 28.16
C ASP A 217 -1.20 -24.70 28.67
N GLU A 218 -0.15 -25.41 29.07
CA GLU A 218 1.07 -24.81 29.59
C GLU A 218 2.25 -25.31 28.77
N LEU A 219 2.96 -24.38 28.11
CA LEU A 219 4.06 -24.78 27.25
C LEU A 219 5.34 -24.98 28.04
N LEU A 220 5.73 -23.98 28.84
CA LEU A 220 7.01 -23.98 29.52
C LEU A 220 6.84 -24.31 30.99
N THR A 221 7.81 -25.05 31.54
CA THR A 221 7.95 -25.14 32.98
C THR A 221 8.30 -23.76 33.54
N ASP A 222 8.05 -23.58 34.83
CA ASP A 222 8.36 -22.30 35.45
C ASP A 222 9.83 -21.94 35.25
N ASP A 223 10.73 -22.90 35.47
CA ASP A 223 12.15 -22.62 35.32
C ASP A 223 12.48 -22.22 33.88
N GLU A 224 11.85 -22.87 32.90
CA GLU A 224 12.03 -22.48 31.51
C GLU A 224 11.57 -21.03 31.28
N MET A 225 10.38 -20.71 31.76
CA MET A 225 9.87 -19.34 31.61
C MET A 225 10.80 -18.34 32.28
N GLU A 226 11.38 -18.70 33.42
CA GLU A 226 12.31 -17.80 34.10
C GLU A 226 13.51 -17.49 33.24
N ILE A 227 13.98 -18.47 32.46
CA ILE A 227 15.08 -18.23 31.53
C ILE A 227 14.65 -17.28 30.41
N TYR A 228 13.38 -17.35 30.01
CA TYR A 228 12.87 -16.37 29.05
C TYR A 228 12.88 -14.97 29.66
N VAL A 229 12.42 -14.85 30.91
CA VAL A 229 12.39 -13.54 31.56
C VAL A 229 13.80 -12.99 31.71
N ASP A 230 14.76 -13.86 32.06
CA ASP A 230 16.16 -13.45 32.06
C ASP A 230 16.53 -12.81 30.73
N ASN A 231 16.13 -13.45 29.63
CA ASN A 231 16.48 -12.95 28.31
C ASN A 231 15.81 -11.61 28.03
N PHE A 232 14.50 -11.54 28.25
CA PHE A 232 13.75 -10.34 27.86
C PHE A 232 14.00 -9.16 28.79
N MET A 233 14.48 -9.41 30.01
CA MET A 233 14.86 -8.31 30.88
C MET A 233 16.24 -7.74 30.52
N LYS A 234 16.94 -8.36 29.58
CA LYS A 234 18.19 -7.77 29.09
C LYS A 234 17.90 -6.44 28.41
N ALA A 235 18.91 -5.56 28.43
CA ALA A 235 18.71 -4.20 27.96
C ALA A 235 18.33 -4.18 26.48
N GLY A 236 17.16 -3.60 26.19
CA GLY A 236 16.73 -3.37 24.83
C GLY A 236 15.94 -4.48 24.19
N ASN A 237 15.73 -5.60 24.89
CA ASN A 237 15.12 -6.75 24.23
C ASN A 237 13.60 -6.61 24.12
N ILE A 238 12.93 -6.17 25.18
CA ILE A 238 11.50 -5.89 25.07
C ILE A 238 11.27 -4.82 24.00
N HIS A 239 11.97 -3.70 24.13
CA HIS A 239 11.86 -2.61 23.17
C HIS A 239 12.23 -3.07 21.76
N GLY A 240 13.35 -3.79 21.62
CA GLY A 240 13.79 -4.21 20.30
C GLY A 240 12.82 -5.17 19.63
N GLY A 241 12.22 -6.07 20.42
CA GLY A 241 11.24 -6.98 19.85
C GLY A 241 9.99 -6.26 19.37
N PHE A 242 9.56 -5.23 20.11
CA PHE A 242 8.37 -4.48 19.70
C PHE A 242 8.64 -3.64 18.47
N ASN A 243 9.90 -3.23 18.26
CA ASN A 243 10.23 -2.45 17.07
C ASN A 243 10.01 -3.25 15.80
N TYR A 244 10.15 -4.57 15.86
CA TYR A 244 9.78 -5.40 14.72
C TYR A 244 8.33 -5.17 14.32
N TYR A 245 7.44 -5.03 15.32
CA TYR A 245 6.04 -4.76 15.03
C TYR A 245 5.84 -3.34 14.52
N ARG A 246 6.62 -2.39 15.02
CA ARG A 246 6.56 -1.02 14.54
C ARG A 246 7.13 -0.89 13.14
N ALA A 247 8.01 -1.81 12.74
CA ALA A 247 8.68 -1.74 11.45
C ALA A 247 7.99 -2.56 10.37
N ASN A 248 7.24 -3.60 10.75
CA ASN A 248 6.68 -4.54 9.78
C ASN A 248 5.19 -4.78 9.92
N LEU A 249 4.56 -4.41 11.02
CA LEU A 249 3.14 -4.73 11.22
C LEU A 249 2.34 -3.51 11.66
N SER A 250 2.84 -2.30 11.42
CA SER A 250 2.04 -1.12 11.65
C SER A 250 1.10 -0.90 10.47
N MET A 251 0.12 -0.03 10.67
CA MET A 251 -0.86 0.22 9.62
C MET A 251 -0.26 0.93 8.40
N THR A 252 0.94 1.48 8.51
CA THR A 252 1.66 2.03 7.37
C THR A 252 2.90 1.24 7.01
N SER A 253 3.09 0.06 7.59
CA SER A 253 4.22 -0.79 7.24
C SER A 253 3.93 -1.56 5.96
N ALA A 254 4.98 -1.76 5.18
CA ALA A 254 4.91 -2.57 3.95
C ALA A 254 6.13 -3.48 3.93
N PRO A 255 6.11 -4.57 4.70
CA PRO A 255 7.30 -5.42 4.81
C PRO A 255 7.54 -6.32 3.61
N TRP A 256 6.53 -6.60 2.81
CA TRP A 256 6.67 -7.51 1.68
C TRP A 256 7.15 -6.74 0.45
N ASN A 257 7.85 -7.46 -0.42
CA ASN A 257 8.37 -6.93 -1.67
C ASN A 257 7.73 -7.66 -2.84
N GLU A 258 7.87 -7.07 -4.03
CA GLU A 258 7.39 -7.74 -5.25
C GLU A 258 8.07 -9.09 -5.41
N LEU A 259 9.37 -9.16 -5.10
CA LEU A 259 10.11 -10.41 -5.18
C LEU A 259 9.41 -11.52 -4.42
N ASP A 260 8.80 -11.19 -3.27
CA ASP A 260 8.24 -12.22 -2.40
C ASP A 260 6.98 -12.86 -2.98
N ASP A 261 6.43 -12.32 -4.07
CA ASP A 261 5.29 -12.96 -4.72
C ASP A 261 5.69 -14.09 -5.65
N GLU A 262 6.98 -14.26 -5.92
CA GLU A 262 7.42 -15.30 -6.84
C GLU A 262 7.08 -16.68 -6.31
N VAL A 263 6.54 -17.52 -7.19
CA VAL A 263 6.44 -18.95 -6.91
C VAL A 263 7.83 -19.57 -6.96
N THR A 264 8.18 -20.31 -5.93
CA THR A 264 9.50 -20.94 -5.84
C THR A 264 9.35 -22.45 -5.94
N ASP A 265 10.28 -23.07 -6.68
CA ASP A 265 10.33 -24.52 -6.81
C ASP A 265 11.38 -25.15 -5.90
N LEU A 266 11.93 -24.39 -4.96
CA LEU A 266 12.81 -24.98 -3.97
C LEU A 266 12.07 -26.07 -3.21
N PRO A 267 12.71 -27.20 -2.92
CA PRO A 267 12.08 -28.20 -2.03
C PRO A 267 11.93 -27.66 -0.63
N VAL A 268 10.68 -27.51 -0.19
CA VAL A 268 10.37 -26.92 1.11
C VAL A 268 9.58 -27.93 1.93
N THR A 269 9.90 -28.02 3.21
CA THR A 269 9.18 -28.84 4.18
C THR A 269 8.35 -27.91 5.06
N ILE A 270 7.03 -28.04 5.00
CA ILE A 270 6.12 -27.22 5.78
C ILE A 270 5.51 -28.08 6.89
N LEU A 271 5.69 -27.66 8.14
CA LEU A 271 4.97 -28.21 9.28
C LEU A 271 4.03 -27.15 9.82
N TRP A 272 2.85 -27.58 10.28
CA TRP A 272 1.86 -26.64 10.79
C TRP A 272 1.23 -27.20 12.05
N GLY A 273 1.26 -26.42 13.12
CA GLY A 273 0.58 -26.78 14.35
C GLY A 273 -0.90 -26.44 14.28
N GLN A 274 -1.74 -27.47 14.29
CA GLN A 274 -3.19 -27.23 14.26
C GLN A 274 -3.66 -26.43 15.46
N GLY A 275 -2.88 -26.40 16.54
CA GLY A 275 -3.22 -25.60 17.71
C GLY A 275 -2.80 -24.15 17.63
N ASP A 276 -2.09 -23.76 16.58
CA ASP A 276 -1.64 -22.37 16.45
C ASP A 276 -2.87 -21.46 16.30
N THR A 277 -3.11 -20.64 17.32
CA THR A 277 -4.26 -19.75 17.31
C THR A 277 -4.01 -18.46 16.54
N VAL A 278 -2.74 -18.06 16.37
CA VAL A 278 -2.42 -16.76 15.78
C VAL A 278 -2.01 -16.92 14.32
N VAL A 279 -1.49 -18.08 13.95
CA VAL A 279 -1.23 -18.41 12.55
C VAL A 279 -1.89 -19.77 12.28
N PRO A 280 -3.21 -19.81 12.11
CA PRO A 280 -3.90 -21.10 12.09
C PRO A 280 -3.65 -21.90 10.83
N SER A 281 -3.76 -23.22 10.97
CA SER A 281 -3.39 -24.13 9.89
C SER A 281 -4.34 -24.05 8.71
N LEU A 282 -5.56 -23.55 8.90
CA LEU A 282 -6.50 -23.42 7.79
C LEU A 282 -5.94 -22.58 6.65
N LEU A 283 -4.96 -21.72 6.94
CA LEU A 283 -4.32 -20.90 5.91
C LEU A 283 -3.48 -21.72 4.94
N ALA A 284 -3.36 -23.04 5.15
CA ALA A 284 -2.49 -23.86 4.31
C ALA A 284 -2.94 -23.92 2.87
N ASP A 285 -4.23 -23.68 2.60
CA ASP A 285 -4.72 -23.67 1.23
C ASP A 285 -4.15 -22.53 0.40
N ARG A 286 -3.33 -21.66 1.00
CA ARG A 286 -2.70 -20.57 0.26
C ARG A 286 -1.29 -20.89 -0.20
N LEU A 287 -0.72 -22.01 0.25
CA LEU A 287 0.66 -22.32 -0.09
C LEU A 287 0.89 -22.47 -1.59
N PRO A 288 0.00 -23.09 -2.36
CA PRO A 288 0.25 -23.22 -3.81
C PRO A 288 0.41 -21.88 -4.53
N LYS A 289 -0.06 -20.78 -3.94
CA LYS A 289 0.18 -19.47 -4.54
C LYS A 289 1.68 -19.17 -4.63
N TYR A 290 2.48 -19.73 -3.72
CA TYR A 290 3.89 -19.36 -3.59
C TYR A 290 4.87 -20.52 -3.66
N TYR A 291 4.41 -21.76 -3.56
CA TYR A 291 5.30 -22.92 -3.54
C TYR A 291 4.78 -23.99 -4.48
N SER A 292 5.67 -24.51 -5.33
CA SER A 292 5.32 -25.53 -6.30
C SER A 292 5.91 -26.89 -5.96
N ASN A 293 6.65 -27.00 -4.85
CA ASN A 293 7.35 -28.23 -4.50
C ASN A 293 7.55 -28.27 -2.97
N TYR A 294 6.51 -28.69 -2.26
CA TYR A 294 6.57 -28.69 -0.80
C TYR A 294 5.80 -29.89 -0.26
N THR A 295 6.19 -30.30 0.95
CA THR A 295 5.45 -31.27 1.75
C THR A 295 4.73 -30.53 2.87
N LEU A 296 3.56 -31.04 3.24
CA LEU A 296 2.75 -30.44 4.29
C LEU A 296 2.39 -31.50 5.31
N GLU A 297 2.55 -31.16 6.59
CA GLU A 297 2.18 -32.04 7.69
C GLU A 297 1.49 -31.17 8.73
N ILE A 298 0.19 -31.38 8.92
CA ILE A 298 -0.56 -30.71 9.96
C ILE A 298 -0.50 -31.59 11.19
N VAL A 299 0.16 -31.11 12.23
CA VAL A 299 0.30 -31.85 13.48
C VAL A 299 -0.86 -31.45 14.39
N GLU A 300 -1.70 -32.42 14.72
CA GLU A 300 -2.94 -32.12 15.44
C GLU A 300 -2.68 -31.62 16.85
N ASP A 301 -1.65 -32.15 17.51
CA ASP A 301 -1.38 -31.83 18.91
C ASP A 301 -0.15 -30.93 19.06
N ALA A 302 0.03 -30.01 18.13
CA ALA A 302 1.08 -29.00 18.22
C ALA A 302 0.50 -27.63 17.91
N GLY A 303 1.17 -26.61 18.44
CA GLY A 303 0.77 -25.23 18.19
C GLY A 303 1.85 -24.43 17.50
N HIS A 304 2.07 -23.21 17.99
CA HIS A 304 2.92 -22.24 17.30
C HIS A 304 4.41 -22.52 17.46
N PHE A 305 4.81 -23.29 18.48
CA PHE A 305 6.22 -23.53 18.79
C PHE A 305 6.51 -25.01 18.61
N MET A 306 6.65 -25.44 17.35
CA MET A 306 6.83 -26.85 17.07
C MET A 306 8.07 -27.40 17.74
N MET A 307 9.15 -26.61 17.77
CA MET A 307 10.41 -27.09 18.33
C MET A 307 10.38 -27.16 19.85
N VAL A 308 9.41 -26.53 20.51
CA VAL A 308 9.27 -26.63 21.96
C VAL A 308 8.30 -27.73 22.33
N GLU A 309 7.20 -27.84 21.60
CA GLU A 309 6.12 -28.74 21.97
C GLU A 309 6.25 -30.12 21.34
N LYS A 310 6.85 -30.21 20.15
CA LYS A 310 7.02 -31.49 19.45
C LYS A 310 8.42 -31.58 18.88
N PRO A 311 9.44 -31.50 19.73
CA PRO A 311 10.82 -31.56 19.20
C PRO A 311 11.13 -32.86 18.48
N ASP A 312 10.52 -33.98 18.89
CA ASP A 312 10.73 -35.23 18.19
C ASP A 312 10.40 -35.10 16.71
N ILE A 313 9.33 -34.38 16.39
CA ILE A 313 8.90 -34.27 14.99
C ILE A 313 9.87 -33.40 14.21
N VAL A 314 10.24 -32.24 14.75
CA VAL A 314 11.19 -31.37 14.07
C VAL A 314 12.45 -32.14 13.73
N ILE A 315 12.95 -32.92 14.68
CA ILE A 315 14.20 -33.66 14.47
C ILE A 315 14.04 -34.65 13.34
N GLU A 316 12.97 -35.44 13.35
CA GLU A 316 12.85 -36.52 12.38
C GLU A 316 12.69 -35.98 10.96
N ARG A 317 11.78 -35.02 10.76
CA ARG A 317 11.46 -34.58 9.41
C ARG A 317 12.62 -33.81 8.79
N LEU A 318 13.32 -33.01 9.58
CA LEU A 318 14.46 -32.26 9.04
C LEU A 318 15.59 -33.21 8.66
N THR A 319 15.88 -34.19 9.53
CA THR A 319 16.90 -35.18 9.21
C THR A 319 16.57 -35.91 7.92
N ALA A 320 15.29 -36.22 7.71
CA ALA A 320 14.90 -37.01 6.53
C ALA A 320 14.76 -36.13 5.29
N ALA A 321 14.25 -34.91 5.45
CA ALA A 321 14.06 -34.04 4.30
C ALA A 321 15.39 -33.50 3.78
N PHE A 322 16.33 -33.23 4.69
CA PHE A 322 17.62 -32.68 4.32
C PHE A 322 18.65 -33.77 4.06
N LYS A 323 18.22 -34.84 3.39
CA LYS A 323 19.04 -35.99 3.04
C LYS A 323 19.53 -36.73 4.28
N PRO B 30 -4.16 17.12 46.34
CA PRO B 30 -4.92 18.17 47.03
C PRO B 30 -5.02 19.47 46.23
N ALA B 31 -5.71 19.44 45.09
CA ALA B 31 -5.94 20.66 44.31
C ALA B 31 -7.23 20.63 43.52
N VAL B 32 -8.00 19.54 43.57
CA VAL B 32 -9.33 19.48 42.97
C VAL B 32 -10.29 19.01 44.06
N ARG B 33 -11.59 19.11 43.76
CA ARG B 33 -12.61 18.64 44.69
C ARG B 33 -12.40 17.15 44.94
N ARG B 34 -12.04 16.80 46.18
CA ARG B 34 -11.74 15.41 46.50
C ARG B 34 -12.99 14.55 46.34
N PRO B 35 -12.84 13.26 46.07
CA PRO B 35 -14.02 12.39 46.01
C PRO B 35 -14.73 12.26 47.34
N GLU B 36 -14.04 12.46 48.45
CA GLU B 36 -14.70 12.44 49.76
C GLU B 36 -15.60 13.64 49.97
N GLU B 37 -15.41 14.72 49.20
CA GLU B 37 -16.14 15.97 49.39
C GLU B 37 -17.44 16.01 48.60
N PHE B 38 -18.11 14.88 48.42
CA PHE B 38 -19.41 14.82 47.76
C PHE B 38 -20.39 14.12 48.69
N SER B 39 -21.67 14.17 48.32
CA SER B 39 -22.73 13.46 49.05
C SER B 39 -22.96 12.12 48.38
N HIS B 40 -22.50 11.05 49.02
CA HIS B 40 -22.59 9.71 48.48
C HIS B 40 -23.84 8.98 48.97
N ASN B 41 -24.23 7.95 48.23
CA ASN B 41 -25.35 7.11 48.62
C ASN B 41 -25.29 5.83 47.79
N GLU B 42 -25.65 4.71 48.41
CA GLU B 42 -25.71 3.41 47.75
C GLU B 42 -27.13 2.86 47.86
N ILE B 43 -27.62 2.27 46.78
CA ILE B 43 -29.03 1.93 46.66
C ILE B 43 -29.17 0.63 45.88
N GLN B 44 -30.03 -0.25 46.38
CA GLN B 44 -30.34 -1.50 45.68
C GLN B 44 -31.49 -1.25 44.72
N LEU B 45 -31.36 -1.74 43.49
CA LEU B 45 -32.31 -1.45 42.43
C LEU B 45 -33.11 -2.69 42.06
N SER B 46 -34.26 -2.44 41.42
CA SER B 46 -35.10 -3.53 40.93
C SER B 46 -34.33 -4.47 40.00
N THR B 47 -33.27 -3.99 39.37
CA THR B 47 -32.49 -4.83 38.45
C THR B 47 -31.64 -5.86 39.17
N GLY B 48 -31.46 -5.73 40.49
CA GLY B 48 -30.71 -6.71 41.25
C GLY B 48 -29.30 -6.30 41.64
N VAL B 49 -28.86 -5.11 41.25
CA VAL B 49 -27.53 -4.63 41.59
C VAL B 49 -27.65 -3.45 42.56
N LYS B 50 -26.62 -3.29 43.38
CA LYS B 50 -26.51 -2.12 44.24
C LYS B 50 -25.70 -1.06 43.50
N ILE B 51 -26.31 0.11 43.29
CA ILE B 51 -25.70 1.18 42.52
C ILE B 51 -25.25 2.29 43.47
N HIS B 52 -24.05 2.80 43.24
CA HIS B 52 -23.50 3.91 43.99
C HIS B 52 -23.57 5.19 43.16
N TYR B 53 -23.88 6.30 43.82
CA TYR B 53 -23.99 7.57 43.12
C TYR B 53 -23.82 8.72 44.11
N VAL B 54 -23.42 9.87 43.56
CA VAL B 54 -23.42 11.12 44.30
C VAL B 54 -24.53 12.00 43.73
N ARG B 55 -24.93 13.02 44.50
CA ARG B 55 -26.03 13.87 44.11
C ARG B 55 -25.93 15.21 44.82
N GLU B 56 -26.31 16.27 44.13
CA GLU B 56 -26.35 17.61 44.69
C GLU B 56 -26.97 18.55 43.66
N GLY B 57 -27.53 19.64 44.15
CA GLY B 57 -28.13 20.64 43.31
C GLY B 57 -29.64 20.67 43.41
N SER B 58 -30.23 21.78 42.96
CA SER B 58 -31.68 21.97 42.96
C SER B 58 -32.09 22.49 41.59
N GLY B 59 -33.06 21.83 40.98
CA GLY B 59 -33.48 22.13 39.63
C GLY B 59 -34.06 20.90 38.97
N PRO B 60 -34.24 20.93 37.65
CA PRO B 60 -34.64 19.72 36.94
C PRO B 60 -33.54 18.67 36.99
N PRO B 61 -33.87 17.39 37.05
CA PRO B 61 -32.84 16.38 37.25
C PRO B 61 -31.91 16.25 36.04
N LEU B 62 -30.66 15.89 36.33
CA LEU B 62 -29.64 15.76 35.29
C LEU B 62 -28.76 14.57 35.65
N LEU B 63 -28.81 13.53 34.81
CA LEU B 63 -28.09 12.29 35.04
C LEU B 63 -26.84 12.27 34.17
N LEU B 64 -25.68 12.09 34.80
CA LEU B 64 -24.39 12.14 34.13
C LEU B 64 -23.74 10.76 34.21
N LEU B 65 -23.42 10.19 33.05
CA LEU B 65 -22.96 8.81 32.96
C LEU B 65 -21.56 8.75 32.38
N HIS B 66 -20.65 8.10 33.10
CA HIS B 66 -19.26 7.97 32.69
C HIS B 66 -19.08 6.79 31.74
N GLY B 67 -17.84 6.57 31.32
CA GLY B 67 -17.44 5.44 30.50
C GLY B 67 -16.18 4.79 31.05
N TRP B 68 -15.42 4.15 30.15
CA TRP B 68 -14.16 3.51 30.49
C TRP B 68 -13.00 4.23 29.79
N PRO B 69 -11.90 4.50 30.50
CA PRO B 69 -11.68 4.31 31.94
C PRO B 69 -12.43 5.38 32.71
N GLY B 70 -12.97 5.09 33.88
CA GLY B 70 -13.64 6.14 34.62
C GLY B 70 -14.54 5.59 35.71
N PHE B 71 -15.23 6.53 36.35
CA PHE B 71 -16.24 6.30 37.36
C PHE B 71 -16.90 7.66 37.59
N TRP B 72 -17.79 7.75 38.59
CA TRP B 72 -18.58 8.97 38.76
C TRP B 72 -17.69 10.22 38.81
N TRP B 73 -16.50 10.10 39.40
CA TRP B 73 -15.68 11.26 39.72
C TRP B 73 -15.07 11.93 38.48
N GLU B 74 -15.19 11.34 37.30
CA GLU B 74 -14.70 12.03 36.11
C GLU B 74 -15.51 13.29 35.82
N TRP B 75 -16.75 13.36 36.28
CA TRP B 75 -17.59 14.55 36.14
C TRP B 75 -17.37 15.56 37.26
N SER B 76 -16.37 15.36 38.13
CA SER B 76 -16.31 16.14 39.36
C SER B 76 -16.11 17.63 39.08
N LYS B 77 -15.43 17.98 37.97
CA LYS B 77 -15.22 19.39 37.67
C LYS B 77 -16.49 20.12 37.25
N VAL B 78 -17.53 19.39 36.84
CA VAL B 78 -18.74 20.02 36.31
C VAL B 78 -19.94 19.85 37.23
N VAL B 79 -19.83 19.07 38.30
CA VAL B 79 -20.99 18.81 39.14
C VAL B 79 -21.47 20.08 39.84
N ALA B 80 -20.59 20.69 40.64
CA ALA B 80 -20.98 21.88 41.40
C ALA B 80 -21.46 23.00 40.49
N PRO B 81 -20.77 23.36 39.40
CA PRO B 81 -21.33 24.38 38.51
C PRO B 81 -22.68 24.00 37.94
N LEU B 82 -22.89 22.73 37.61
CA LEU B 82 -24.18 22.30 37.09
C LEU B 82 -25.24 22.24 38.19
N ALA B 83 -24.81 22.01 39.43
CA ALA B 83 -25.74 21.92 40.55
C ALA B 83 -26.43 23.24 40.87
N GLU B 84 -26.02 24.35 40.26
CA GLU B 84 -26.69 25.62 40.45
C GLU B 84 -27.96 25.76 39.61
N HIS B 85 -28.22 24.82 38.70
CA HIS B 85 -29.46 24.82 37.93
C HIS B 85 -30.10 23.46 37.79
N PHE B 86 -29.42 22.38 38.15
CA PHE B 86 -29.95 21.03 37.97
C PHE B 86 -29.82 20.24 39.27
N ASP B 87 -30.59 19.16 39.34
CA ASP B 87 -30.45 18.17 40.40
C ASP B 87 -29.53 17.08 39.84
N VAL B 88 -28.23 17.28 40.04
CA VAL B 88 -27.21 16.46 39.38
C VAL B 88 -27.15 15.09 40.05
N ILE B 89 -27.22 14.04 39.23
CA ILE B 89 -27.18 12.66 39.69
C ILE B 89 -26.09 11.95 38.91
N VAL B 90 -25.09 11.43 39.62
CA VAL B 90 -23.90 10.89 38.97
C VAL B 90 -23.62 9.49 39.51
N PRO B 91 -24.08 8.43 38.84
CA PRO B 91 -23.90 7.08 39.35
C PRO B 91 -22.64 6.39 38.81
N ASP B 92 -22.21 5.39 39.56
CA ASP B 92 -21.25 4.42 39.04
C ASP B 92 -21.98 3.34 38.27
N LEU B 93 -21.56 3.10 37.04
CA LEU B 93 -22.10 1.97 36.29
C LEU B 93 -21.81 0.67 37.04
N ARG B 94 -22.70 -0.30 36.87
CA ARG B 94 -22.41 -1.63 37.40
C ARG B 94 -21.08 -2.11 36.81
N GLY B 95 -20.25 -2.68 37.66
CA GLY B 95 -18.91 -3.10 37.27
C GLY B 95 -17.85 -2.03 37.44
N PHE B 96 -18.23 -0.82 37.85
CA PHE B 96 -17.32 0.31 37.98
C PHE B 96 -17.41 0.92 39.37
N GLY B 97 -16.39 1.70 39.71
CA GLY B 97 -16.44 2.53 40.91
C GLY B 97 -16.81 1.73 42.15
N ASP B 98 -17.75 2.27 42.92
CA ASP B 98 -18.24 1.64 44.13
C ASP B 98 -19.57 0.93 43.91
N SER B 99 -20.03 0.83 42.66
CA SER B 99 -21.22 0.06 42.35
C SER B 99 -20.90 -1.43 42.33
N GLU B 100 -21.94 -2.24 42.47
CA GLU B 100 -21.75 -3.68 42.61
C GLU B 100 -21.10 -4.28 41.38
N LYS B 101 -20.19 -5.22 41.60
CA LYS B 101 -19.71 -6.11 40.54
C LYS B 101 -20.53 -7.39 40.55
N PRO B 102 -21.46 -7.57 39.62
CA PRO B 102 -22.05 -8.89 39.44
C PRO B 102 -20.95 -9.92 39.27
N ASP B 103 -21.24 -11.17 39.68
CA ASP B 103 -20.39 -12.32 39.46
C ASP B 103 -19.43 -12.08 38.29
N LEU B 104 -18.13 -12.01 38.59
CA LEU B 104 -17.16 -11.63 37.58
C LEU B 104 -16.94 -12.72 36.53
N GLY B 105 -17.31 -13.96 36.82
CA GLY B 105 -17.24 -15.03 35.84
C GLY B 105 -18.45 -15.12 34.93
N ASP B 106 -19.42 -14.23 35.10
CA ASP B 106 -20.67 -14.23 34.33
C ASP B 106 -20.74 -12.93 33.55
N ILE B 107 -20.20 -12.94 32.31
CA ILE B 107 -20.17 -11.72 31.53
C ILE B 107 -21.57 -11.32 31.05
N SER B 108 -22.54 -12.25 31.07
CA SER B 108 -23.89 -11.89 30.67
C SER B 108 -24.42 -10.73 31.51
N GLN B 109 -24.02 -10.65 32.77
CA GLN B 109 -24.41 -9.57 33.67
C GLN B 109 -23.68 -8.25 33.38
N TYR B 110 -22.91 -8.15 32.29
CA TYR B 110 -22.13 -6.95 31.99
C TYR B 110 -22.49 -6.37 30.62
N THR B 111 -23.66 -6.69 30.10
CA THR B 111 -24.11 -6.12 28.84
C THR B 111 -24.54 -4.67 29.05
N LEU B 112 -24.50 -3.89 27.97
CA LEU B 112 -24.95 -2.51 28.03
C LEU B 112 -26.47 -2.40 28.09
N ASP B 113 -27.20 -3.49 27.83
CA ASP B 113 -28.63 -3.48 28.07
C ASP B 113 -28.92 -3.44 29.57
N HIS B 114 -28.17 -4.21 30.35
CA HIS B 114 -28.33 -4.17 31.80
C HIS B 114 -28.07 -2.76 32.33
N ALA B 115 -26.96 -2.15 31.91
CA ALA B 115 -26.61 -0.83 32.42
C ALA B 115 -27.63 0.22 32.01
N THR B 116 -28.31 0.04 30.88
CA THR B 116 -29.37 0.97 30.51
C THR B 116 -30.57 0.81 31.42
N ASP B 117 -30.98 -0.44 31.70
CA ASP B 117 -32.07 -0.68 32.63
C ASP B 117 -31.75 -0.12 34.02
N ASP B 118 -30.50 -0.26 34.45
CA ASP B 118 -30.11 0.28 35.75
C ASP B 118 -30.45 1.75 35.87
N GLN B 119 -30.32 2.50 34.77
CA GLN B 119 -30.58 3.94 34.82
C GLN B 119 -32.06 4.21 35.05
N ALA B 120 -32.94 3.47 34.39
CA ALA B 120 -34.36 3.62 34.66
C ALA B 120 -34.69 3.14 36.06
N ALA B 121 -34.09 2.03 36.49
CA ALA B 121 -34.33 1.53 37.84
C ALA B 121 -33.91 2.54 38.89
N LEU B 122 -32.88 3.35 38.59
CA LEU B 122 -32.44 4.36 39.54
C LEU B 122 -33.40 5.54 39.58
N LEU B 123 -33.88 5.99 38.41
CA LEU B 123 -34.91 7.03 38.40
C LEU B 123 -36.12 6.57 39.21
N ASP B 124 -36.66 5.40 38.88
CA ASP B 124 -37.71 4.77 39.69
C ASP B 124 -37.44 4.96 41.17
N GLU B 125 -36.32 4.44 41.64
CA GLU B 125 -36.03 4.41 43.07
C GLU B 125 -35.85 5.80 43.66
N LEU B 126 -35.65 6.82 42.82
CA LEU B 126 -35.54 8.20 43.29
C LEU B 126 -36.80 9.00 43.06
N GLY B 127 -37.87 8.39 42.57
CA GLY B 127 -39.12 9.10 42.36
C GLY B 127 -39.07 10.10 41.22
N ILE B 128 -38.25 9.85 40.21
CA ILE B 128 -38.04 10.79 39.11
C ILE B 128 -38.76 10.26 37.87
N ASP B 129 -39.68 11.05 37.34
CA ASP B 129 -40.44 10.65 36.16
C ASP B 129 -39.63 10.82 34.89
N GLU B 130 -38.92 11.94 34.75
CA GLU B 130 -38.20 12.25 33.53
C GLU B 130 -37.00 13.11 33.88
N ALA B 131 -35.92 12.95 33.11
CA ALA B 131 -34.67 13.60 33.45
C ALA B 131 -33.94 14.01 32.17
N TYR B 132 -33.11 15.04 32.29
CA TYR B 132 -32.06 15.27 31.31
C TYR B 132 -30.97 14.23 31.50
N VAL B 133 -30.35 13.82 30.40
CA VAL B 133 -29.42 12.70 30.42
C VAL B 133 -28.22 13.03 29.54
N VAL B 134 -27.02 12.70 30.05
CA VAL B 134 -25.76 12.95 29.36
C VAL B 134 -24.91 11.69 29.46
N GLY B 135 -24.34 11.27 28.33
CA GLY B 135 -23.49 10.10 28.31
C GLY B 135 -22.40 10.24 27.26
N HIS B 136 -21.32 9.48 27.46
CA HIS B 136 -20.27 9.38 26.47
C HIS B 136 -19.62 8.01 26.61
N ASP B 137 -18.85 7.63 25.58
CA ASP B 137 -18.12 6.36 25.55
C ASP B 137 -19.13 5.24 25.75
N TYR B 138 -18.91 4.28 26.65
CA TYR B 138 -19.91 3.25 26.91
C TYR B 138 -21.27 3.85 27.23
N ALA B 139 -21.27 4.99 27.93
CA ALA B 139 -22.53 5.65 28.24
C ALA B 139 -23.14 6.35 27.04
N ALA B 140 -22.36 6.57 25.97
CA ALA B 140 -22.96 7.03 24.72
C ALA B 140 -23.88 5.97 24.15
N ILE B 141 -23.49 4.70 24.28
CA ILE B 141 -24.36 3.61 23.87
C ILE B 141 -25.55 3.52 24.82
N ILE B 142 -25.29 3.57 26.13
CA ILE B 142 -26.37 3.50 27.10
C ILE B 142 -27.43 4.55 26.82
N VAL B 143 -26.99 5.77 26.50
CA VAL B 143 -27.94 6.85 26.20
C VAL B 143 -28.69 6.54 24.92
N HIS B 144 -27.96 6.11 23.88
CA HIS B 144 -28.60 5.73 22.62
C HIS B 144 -29.77 4.78 22.86
N LYS B 145 -29.57 3.78 23.74
CA LYS B 145 -30.62 2.82 24.04
C LYS B 145 -31.69 3.43 24.95
N PHE B 146 -31.28 4.21 25.95
CA PHE B 146 -32.21 4.72 26.94
C PHE B 146 -33.25 5.63 26.31
N ILE B 147 -32.84 6.48 25.38
CA ILE B 147 -33.76 7.45 24.78
C ILE B 147 -34.67 6.82 23.73
N ARG B 148 -34.50 5.54 23.45
CA ARG B 148 -35.41 4.80 22.58
C ARG B 148 -36.30 3.84 23.33
N LYS B 149 -35.76 3.15 24.34
CA LYS B 149 -36.57 2.26 25.16
C LYS B 149 -37.31 3.02 26.26
N PHE B 150 -36.66 4.03 26.84
CA PHE B 150 -37.25 4.80 27.92
C PHE B 150 -37.43 6.26 27.50
N ARG B 151 -37.94 6.47 26.29
CA ARG B 151 -38.25 7.83 25.83
C ARG B 151 -39.13 8.54 26.83
N ASN B 152 -40.13 7.84 27.36
CA ASN B 152 -41.00 8.37 28.41
C ASN B 152 -40.24 8.97 29.58
N ARG B 153 -38.93 8.70 29.70
CA ARG B 153 -38.17 9.10 30.89
C ARG B 153 -37.14 10.19 30.59
N VAL B 154 -37.12 10.73 29.37
CA VAL B 154 -36.10 11.69 28.96
C VAL B 154 -36.77 13.00 28.58
N ILE B 155 -36.20 14.11 29.05
CA ILE B 155 -36.62 15.45 28.64
C ILE B 155 -35.83 15.78 27.39
N LYS B 156 -34.52 15.90 27.53
CA LYS B 156 -33.61 15.95 26.40
C LYS B 156 -32.36 15.19 26.78
N ALA B 157 -31.52 14.92 25.77
CA ALA B 157 -30.32 14.15 25.98
C ALA B 157 -29.13 14.84 25.33
N ALA B 158 -27.94 14.42 25.74
CA ALA B 158 -26.69 14.88 25.15
C ALA B 158 -25.72 13.72 25.14
N ILE B 159 -24.92 13.63 24.07
CA ILE B 159 -23.93 12.58 23.93
C ILE B 159 -22.63 13.22 23.47
N PHE B 160 -21.52 12.85 24.09
CA PHE B 160 -20.21 13.32 23.70
C PHE B 160 -19.51 12.22 22.92
N ASP B 161 -19.04 12.54 21.72
CA ASP B 161 -18.36 11.57 20.86
C ASP B 161 -19.20 10.30 20.76
N PRO B 162 -20.38 10.39 20.15
CA PRO B 162 -21.33 9.27 20.21
C PRO B 162 -20.84 8.04 19.47
N ILE B 163 -21.45 6.90 19.82
CA ILE B 163 -21.14 5.61 19.23
C ILE B 163 -22.46 5.00 18.75
N THR B 164 -22.59 4.84 17.44
CA THR B 164 -23.83 4.37 16.85
C THR B 164 -23.77 2.87 16.56
N PRO B 165 -24.92 2.23 16.32
CA PRO B 165 -24.91 0.81 15.91
C PRO B 165 -23.99 0.56 14.73
N ASP B 166 -23.70 1.63 14.00
CA ASP B 166 -22.79 1.60 12.86
C ASP B 166 -21.36 1.26 13.24
N PHE B 167 -21.01 1.38 14.52
CA PHE B 167 -19.62 1.63 14.91
C PHE B 167 -18.69 0.50 14.53
N GLY B 168 -19.15 -0.75 14.65
CA GLY B 168 -18.23 -1.88 14.58
C GLY B 168 -17.43 -1.94 13.29
N GLU B 169 -18.07 -1.68 12.15
CA GLU B 169 -17.37 -1.82 10.87
C GLU B 169 -16.16 -0.89 10.81
N PHE B 170 -16.23 0.27 11.45
CA PHE B 170 -15.09 1.18 11.50
C PHE B 170 -14.14 0.83 12.65
N TYR B 171 -14.68 0.70 13.86
CA TYR B 171 -13.86 0.47 15.05
C TYR B 171 -12.93 -0.73 14.86
N PHE B 172 -13.42 -1.81 14.25
CA PHE B 172 -12.62 -2.99 13.98
C PHE B 172 -12.12 -3.03 12.53
N GLY B 173 -12.31 -1.97 11.77
CA GLY B 173 -11.80 -1.91 10.42
C GLY B 173 -10.33 -1.53 10.39
N ILE B 174 -9.80 -1.44 9.18
CA ILE B 174 -8.45 -0.98 8.93
C ILE B 174 -8.53 0.48 8.51
N PRO B 175 -7.73 1.39 9.12
CA PRO B 175 -6.66 1.17 10.09
C PRO B 175 -7.04 1.33 11.55
N HIS B 176 -8.31 1.49 11.91
CA HIS B 176 -8.63 1.83 13.30
C HIS B 176 -8.27 0.71 14.27
N VAL B 177 -7.94 -0.49 13.78
CA VAL B 177 -7.47 -1.54 14.68
C VAL B 177 -6.20 -1.10 15.41
N SER B 178 -5.48 -0.12 14.86
CA SER B 178 -4.37 0.48 15.60
C SER B 178 -4.84 1.10 16.90
N GLU B 179 -6.11 1.47 16.99
CA GLU B 179 -6.68 2.15 18.15
C GLU B 179 -7.56 1.27 19.02
N SER B 180 -8.16 0.22 18.46
CA SER B 180 -9.09 -0.63 19.18
C SER B 180 -8.46 -1.92 19.69
N TRP B 181 -7.14 -2.05 19.60
CA TRP B 181 -6.46 -3.23 20.11
C TRP B 181 -6.86 -3.53 21.55
N TYR B 182 -7.08 -2.48 22.35
CA TYR B 182 -7.32 -2.69 23.79
C TYR B 182 -8.61 -3.44 24.05
N SER B 183 -9.62 -3.30 23.19
CA SER B 183 -10.86 -4.03 23.39
C SER B 183 -10.64 -5.53 23.32
N GLN B 184 -9.67 -5.98 22.53
CA GLN B 184 -9.35 -7.40 22.41
C GLN B 184 -8.34 -7.84 23.46
N PHE B 185 -7.41 -6.96 23.83
CA PHE B 185 -6.54 -7.24 24.98
C PHE B 185 -7.36 -7.65 26.18
N HIS B 186 -8.47 -6.94 26.45
CA HIS B 186 -9.26 -7.18 27.65
C HIS B 186 -9.99 -8.53 27.63
N GLN B 187 -10.10 -9.17 26.46
CA GLN B 187 -10.68 -10.51 26.42
C GLN B 187 -9.82 -11.53 27.14
N THR B 188 -8.51 -11.27 27.25
CA THR B 188 -7.60 -12.25 27.81
C THR B 188 -7.61 -12.20 29.34
N ASP B 189 -7.34 -13.35 29.94
CA ASP B 189 -7.11 -13.40 31.38
C ASP B 189 -5.85 -12.63 31.76
N MET B 190 -4.85 -12.64 30.89
CA MET B 190 -3.57 -12.02 31.23
C MET B 190 -3.73 -10.51 31.45
N SER B 191 -4.61 -9.86 30.66
CA SER B 191 -4.80 -8.42 30.81
C SER B 191 -5.17 -8.07 32.25
N VAL B 192 -6.11 -8.82 32.83
CA VAL B 192 -6.48 -8.59 34.23
C VAL B 192 -5.29 -8.85 35.15
N GLU B 193 -4.55 -9.92 34.89
CA GLU B 193 -3.42 -10.28 35.74
C GLU B 193 -2.31 -9.24 35.67
N LEU B 194 -2.05 -8.69 34.47
CA LEU B 194 -0.96 -7.74 34.32
C LEU B 194 -1.33 -6.37 34.89
N VAL B 195 -2.53 -5.89 34.57
CA VAL B 195 -2.88 -4.51 34.92
C VAL B 195 -3.13 -4.37 36.42
N SER B 196 -3.61 -5.44 37.07
CA SER B 196 -3.81 -5.43 38.51
C SER B 196 -2.58 -5.90 39.28
N SER B 197 -1.45 -6.13 38.59
CA SER B 197 -0.29 -6.70 39.26
C SER B 197 0.27 -5.76 40.32
N SER B 198 0.11 -4.46 40.15
CA SER B 198 0.58 -3.49 41.13
C SER B 198 -0.03 -2.14 40.80
N ARG B 199 0.06 -1.21 41.77
CA ARG B 199 -0.32 0.18 41.50
C ARG B 199 0.46 0.73 40.33
N THR B 200 1.75 0.37 40.21
CA THR B 200 2.57 0.90 39.13
C THR B 200 2.05 0.44 37.77
N ALA B 201 1.88 -0.87 37.59
CA ALA B 201 1.36 -1.38 36.33
C ALA B 201 0.01 -0.76 36.00
N CYS B 202 -0.89 -0.71 36.99
CA CYS B 202 -2.21 -0.13 36.76
C CYS B 202 -2.10 1.31 36.28
N LYS B 203 -1.18 2.08 36.87
CA LYS B 203 -1.04 3.49 36.50
C LYS B 203 -0.41 3.66 35.13
N ILE B 204 0.62 2.87 34.82
CA ILE B 204 1.21 2.92 33.48
C ILE B 204 0.14 2.65 32.42
N TYR B 205 -0.68 1.61 32.65
CA TYR B 205 -1.68 1.21 31.68
C TYR B 205 -2.68 2.32 31.43
N PHE B 206 -3.40 2.75 32.49
CA PHE B 206 -4.48 3.71 32.30
C PHE B 206 -3.97 5.08 31.88
N THR B 207 -2.74 5.44 32.27
CA THR B 207 -2.19 6.73 31.85
C THR B 207 -2.19 6.88 30.34
N HIS B 208 -1.94 5.78 29.62
CA HIS B 208 -1.89 5.84 28.15
C HIS B 208 -3.22 6.30 27.57
N PHE B 209 -4.33 5.72 28.03
CA PHE B 209 -5.62 6.02 27.42
C PHE B 209 -6.09 7.43 27.81
N MET B 210 -5.89 7.82 29.05
CA MET B 210 -6.27 9.18 29.46
C MET B 210 -5.61 10.22 28.58
N ASN B 211 -4.33 10.03 28.28
CA ASN B 211 -3.58 11.01 27.49
C ASN B 211 -3.77 10.81 25.99
N HIS B 212 -3.66 9.57 25.51
CA HIS B 212 -3.70 9.34 24.07
C HIS B 212 -5.06 9.70 23.49
N TRP B 213 -6.14 9.47 24.24
CA TRP B 213 -7.49 9.81 23.79
C TRP B 213 -7.83 11.28 24.01
N SER B 214 -6.90 12.09 24.50
CA SER B 214 -7.15 13.48 24.81
C SER B 214 -6.46 14.38 23.79
N TYR B 215 -7.01 15.58 23.60
CA TYR B 215 -6.37 16.54 22.70
C TYR B 215 -4.98 16.91 23.20
N ARG B 216 -4.88 17.35 24.45
CA ARG B 216 -3.61 17.74 25.00
C ARG B 216 -2.79 16.51 25.38
N ASP B 217 -1.51 16.74 25.69
CA ASP B 217 -0.60 15.63 25.93
C ASP B 217 -0.86 14.96 27.27
N GLU B 218 -1.21 15.73 28.30
CA GLU B 218 -1.38 15.20 29.64
C GLU B 218 -2.72 15.68 30.20
N LEU B 219 -3.65 14.75 30.40
CA LEU B 219 -4.98 15.10 30.87
C LEU B 219 -4.99 15.32 32.38
N LEU B 220 -4.56 14.33 33.15
CA LEU B 220 -4.71 14.34 34.59
C LEU B 220 -3.38 14.73 35.26
N THR B 221 -3.49 15.55 36.30
CA THR B 221 -2.37 15.70 37.21
C THR B 221 -2.04 14.34 37.81
N ASP B 222 -0.81 14.21 38.33
CA ASP B 222 -0.43 12.94 38.94
C ASP B 222 -1.30 12.63 40.15
N ASP B 223 -1.71 13.65 40.90
CA ASP B 223 -2.57 13.43 42.06
C ASP B 223 -3.97 13.00 41.63
N GLU B 224 -4.47 13.53 40.52
CA GLU B 224 -5.74 13.05 39.97
C GLU B 224 -5.61 11.61 39.48
N MET B 225 -4.48 11.27 38.85
CA MET B 225 -4.27 9.91 38.39
C MET B 225 -4.24 8.93 39.56
N GLU B 226 -3.63 9.34 40.68
CA GLU B 226 -3.57 8.45 41.84
C GLU B 226 -4.97 8.13 42.37
N ILE B 227 -5.91 9.05 42.22
CA ILE B 227 -7.29 8.75 42.58
C ILE B 227 -7.87 7.71 41.63
N TYR B 228 -7.59 7.86 40.33
CA TYR B 228 -8.01 6.85 39.36
C TYR B 228 -7.43 5.49 39.70
N VAL B 229 -6.15 5.45 40.08
CA VAL B 229 -5.54 4.18 40.47
C VAL B 229 -6.20 3.63 41.72
N ASP B 230 -6.45 4.49 42.71
CA ASP B 230 -7.16 4.07 43.91
C ASP B 230 -8.46 3.35 43.54
N ASN B 231 -9.20 3.91 42.59
CA ASN B 231 -10.48 3.33 42.21
C ASN B 231 -10.31 1.98 41.53
N PHE B 232 -9.39 1.88 40.56
CA PHE B 232 -9.25 0.65 39.79
C PHE B 232 -8.50 -0.44 40.54
N MET B 233 -7.81 -0.11 41.63
CA MET B 233 -7.21 -1.12 42.49
C MET B 233 -8.20 -1.67 43.50
N LYS B 234 -9.44 -1.21 43.49
CA LYS B 234 -10.48 -1.83 44.28
C LYS B 234 -10.86 -3.18 43.70
N ALA B 235 -11.35 -4.06 44.57
CA ALA B 235 -11.65 -5.44 44.17
C ALA B 235 -12.61 -5.45 42.99
N GLY B 236 -12.16 -6.04 41.88
CA GLY B 236 -13.02 -6.30 40.74
C GLY B 236 -13.24 -5.15 39.79
N ASN B 237 -12.65 -3.98 40.03
CA ASN B 237 -12.87 -2.85 39.15
C ASN B 237 -12.11 -2.99 37.83
N ILE B 238 -10.94 -3.61 37.86
CA ILE B 238 -10.23 -3.90 36.62
C ILE B 238 -10.93 -5.03 35.88
N HIS B 239 -11.14 -6.17 36.54
CA HIS B 239 -11.84 -7.29 35.95
C HIS B 239 -13.22 -6.86 35.47
N GLY B 240 -13.93 -6.06 36.27
CA GLY B 240 -15.30 -5.68 35.91
C GLY B 240 -15.36 -4.77 34.70
N GLY B 241 -14.46 -3.81 34.62
CA GLY B 241 -14.42 -2.96 33.44
C GLY B 241 -14.11 -3.73 32.18
N PHE B 242 -13.15 -4.66 32.25
CA PHE B 242 -12.82 -5.47 31.09
C PHE B 242 -13.99 -6.36 30.68
N ASN B 243 -14.84 -6.75 31.64
CA ASN B 243 -15.99 -7.58 31.31
C ASN B 243 -16.95 -6.85 30.37
N TYR B 244 -17.00 -5.52 30.44
CA TYR B 244 -17.83 -4.78 29.48
C TYR B 244 -17.34 -5.02 28.05
N TYR B 245 -16.03 -5.18 27.86
CA TYR B 245 -15.51 -5.49 26.54
C TYR B 245 -15.76 -6.93 26.15
N ARG B 246 -15.83 -7.83 27.14
CA ARG B 246 -16.13 -9.23 26.88
C ARG B 246 -17.60 -9.46 26.61
N ALA B 247 -18.47 -8.61 27.17
CA ALA B 247 -19.90 -8.73 26.94
C ALA B 247 -20.37 -8.00 25.70
N ASN B 248 -19.70 -6.92 25.31
CA ASN B 248 -20.20 -6.05 24.25
C ASN B 248 -19.25 -5.85 23.08
N LEU B 249 -17.98 -6.24 23.19
CA LEU B 249 -17.04 -5.98 22.11
C LEU B 249 -16.12 -7.17 21.80
N SER B 250 -16.52 -8.39 22.16
CA SER B 250 -15.83 -9.54 21.61
C SER B 250 -16.37 -9.83 20.20
N MET B 251 -15.66 -10.69 19.47
CA MET B 251 -16.06 -10.99 18.11
C MET B 251 -17.36 -11.78 18.04
N THR B 252 -17.82 -12.35 19.15
CA THR B 252 -19.10 -13.04 19.21
C THR B 252 -20.19 -12.22 19.90
N SER B 253 -19.98 -10.91 20.04
CA SER B 253 -20.93 -10.04 20.73
C SER B 253 -21.83 -9.33 19.73
N ALA B 254 -23.05 -9.05 20.17
CA ALA B 254 -24.01 -8.22 19.43
C ALA B 254 -24.76 -7.39 20.45
N PRO B 255 -24.13 -6.32 20.96
CA PRO B 255 -24.77 -5.53 22.03
C PRO B 255 -25.95 -4.70 21.55
N TRP B 256 -26.04 -4.45 20.25
CA TRP B 256 -27.10 -3.62 19.69
C TRP B 256 -28.35 -4.46 19.40
N ASN B 257 -29.50 -3.80 19.42
CA ASN B 257 -30.79 -4.41 19.17
C ASN B 257 -31.45 -3.76 17.97
N GLU B 258 -32.44 -4.44 17.40
CA GLU B 258 -33.17 -3.87 16.28
C GLU B 258 -33.80 -2.53 16.64
N LEU B 259 -34.24 -2.37 17.89
CA LEU B 259 -34.80 -1.09 18.30
C LEU B 259 -33.79 0.04 18.13
N ASP B 260 -32.54 -0.19 18.55
CA ASP B 260 -31.53 0.86 18.48
C ASP B 260 -31.37 1.42 17.08
N ASP B 261 -31.89 0.74 16.06
CA ASP B 261 -31.91 1.32 14.71
C ASP B 261 -33.00 2.37 14.57
N GLU B 262 -33.86 2.55 15.56
CA GLU B 262 -34.89 3.57 15.48
C GLU B 262 -34.27 4.94 15.29
N VAL B 263 -34.82 5.71 14.35
CA VAL B 263 -34.50 7.13 14.24
C VAL B 263 -35.37 7.88 15.24
N THR B 264 -34.73 8.55 16.19
CA THR B 264 -35.45 9.26 17.25
C THR B 264 -35.40 10.75 16.97
N ASP B 265 -36.51 11.43 17.28
CA ASP B 265 -36.61 12.88 17.16
C ASP B 265 -36.44 13.58 18.50
N LEU B 266 -36.02 12.87 19.55
CA LEU B 266 -35.68 13.51 20.80
C LEU B 266 -34.58 14.55 20.55
N PRO B 267 -34.70 15.77 21.06
CA PRO B 267 -33.63 16.76 20.84
C PRO B 267 -32.36 16.36 21.57
N VAL B 268 -31.30 16.13 20.80
CA VAL B 268 -30.05 15.57 21.31
C VAL B 268 -28.93 16.57 21.04
N THR B 269 -28.18 16.91 22.09
CA THR B 269 -27.00 17.76 21.96
C THR B 269 -25.77 16.88 21.77
N ILE B 270 -25.08 17.06 20.65
CA ILE B 270 -23.87 16.31 20.33
C ILE B 270 -22.68 17.26 20.38
N LEU B 271 -21.75 17.00 21.29
CA LEU B 271 -20.44 17.64 21.29
C LEU B 271 -19.40 16.59 20.94
N TRP B 272 -18.47 16.94 20.05
CA TRP B 272 -17.47 15.99 19.57
C TRP B 272 -16.09 16.61 19.72
N GLY B 273 -15.22 15.94 20.48
CA GLY B 273 -13.83 16.34 20.58
C GLY B 273 -13.06 15.93 19.34
N GLN B 274 -12.49 16.91 18.62
CA GLN B 274 -11.81 16.59 17.37
C GLN B 274 -10.51 15.83 17.63
N GLY B 275 -9.91 16.00 18.80
CA GLY B 275 -8.73 15.25 19.16
C GLY B 275 -8.99 13.85 19.68
N ASP B 276 -10.24 13.39 19.63
CA ASP B 276 -10.55 12.04 20.07
C ASP B 276 -10.03 11.03 19.05
N THR B 277 -9.08 10.20 19.46
CA THR B 277 -8.44 9.26 18.55
C THR B 277 -9.18 7.92 18.45
N VAL B 278 -10.00 7.58 19.44
CA VAL B 278 -10.65 6.28 19.48
C VAL B 278 -12.09 6.34 18.98
N VAL B 279 -12.81 7.43 19.27
CA VAL B 279 -14.10 7.70 18.65
C VAL B 279 -13.95 9.01 17.88
N PRO B 280 -13.44 8.99 16.66
CA PRO B 280 -13.09 10.25 15.99
C PRO B 280 -14.31 10.93 15.38
N SER B 281 -14.17 12.26 15.22
CA SER B 281 -15.28 13.10 14.81
C SER B 281 -15.60 13.01 13.34
N LEU B 282 -14.73 12.40 12.52
CA LEU B 282 -15.12 12.13 11.15
C LEU B 282 -16.36 11.26 11.08
N LEU B 283 -16.70 10.58 12.18
CA LEU B 283 -17.87 9.71 12.24
C LEU B 283 -19.18 10.48 12.39
N ALA B 284 -19.16 11.82 12.34
CA ALA B 284 -20.39 12.59 12.47
C ALA B 284 -21.33 12.40 11.29
N ASP B 285 -20.81 12.00 10.13
CA ASP B 285 -21.66 11.76 8.97
C ASP B 285 -22.62 10.58 9.17
N ARG B 286 -22.49 9.83 10.26
CA ARG B 286 -23.34 8.69 10.52
C ARG B 286 -24.54 9.03 11.40
N LEU B 287 -24.65 10.26 11.89
CA LEU B 287 -25.68 10.60 12.86
C LEU B 287 -27.08 10.66 12.24
N PRO B 288 -27.26 11.26 11.06
CA PRO B 288 -28.61 11.30 10.48
C PRO B 288 -29.23 9.93 10.30
N LYS B 289 -28.39 8.89 10.17
CA LYS B 289 -28.86 7.52 10.13
C LYS B 289 -29.69 7.16 11.36
N TYR B 290 -29.54 7.89 12.47
CA TYR B 290 -30.22 7.54 13.70
C TYR B 290 -30.87 8.71 14.43
N TYR B 291 -30.61 9.96 14.04
CA TYR B 291 -31.15 11.12 14.74
C TYR B 291 -31.70 12.13 13.76
N SER B 292 -32.89 12.65 14.06
CA SER B 292 -33.59 13.59 13.19
C SER B 292 -33.74 14.96 13.82
N ASN B 293 -33.19 15.18 15.01
CA ASN B 293 -33.40 16.42 15.75
C ASN B 293 -32.23 16.64 16.69
N TYR B 294 -31.08 17.07 16.16
CA TYR B 294 -29.87 17.14 16.97
C TYR B 294 -29.06 18.37 16.61
N THR B 295 -28.18 18.74 17.55
CA THR B 295 -27.18 19.77 17.36
C THR B 295 -25.80 19.12 17.40
N LEU B 296 -24.87 19.65 16.60
CA LEU B 296 -23.51 19.12 16.53
C LEU B 296 -22.51 20.26 16.63
N GLU B 297 -21.54 20.11 17.53
CA GLU B 297 -20.46 21.08 17.69
C GLU B 297 -19.17 20.31 17.87
N ILE B 298 -18.24 20.49 16.95
CA ILE B 298 -16.93 19.87 17.04
C ILE B 298 -16.03 20.81 17.82
N VAL B 299 -15.49 20.32 18.94
CA VAL B 299 -14.61 21.11 19.79
C VAL B 299 -13.17 20.84 19.37
N GLU B 300 -12.50 21.89 18.88
CA GLU B 300 -11.21 21.71 18.23
C GLU B 300 -10.14 21.21 19.20
N ASP B 301 -10.14 21.75 20.43
CA ASP B 301 -9.07 21.51 21.38
C ASP B 301 -9.53 20.60 22.53
N ALA B 302 -10.38 19.64 22.23
CA ALA B 302 -10.85 18.67 23.21
C ALA B 302 -10.82 17.27 22.60
N GLY B 303 -10.70 16.27 23.46
CA GLY B 303 -10.67 14.90 23.02
C GLY B 303 -11.79 14.05 23.59
N HIS B 304 -11.45 12.86 24.06
CA HIS B 304 -12.45 11.87 24.46
C HIS B 304 -13.15 12.23 25.77
N PHE B 305 -12.56 13.07 26.60
CA PHE B 305 -13.08 13.37 27.94
C PHE B 305 -13.44 14.85 28.01
N MET B 306 -14.58 15.21 27.41
CA MET B 306 -14.97 16.61 27.32
C MET B 306 -15.12 17.23 28.70
N MET B 307 -15.65 16.48 29.67
CA MET B 307 -15.92 17.02 30.99
C MET B 307 -14.68 17.17 31.84
N VAL B 308 -13.56 16.57 31.44
CA VAL B 308 -12.29 16.71 32.14
C VAL B 308 -11.41 17.76 31.47
N GLU B 309 -11.31 17.71 30.14
CA GLU B 309 -10.39 18.58 29.42
C GLU B 309 -10.98 19.95 29.14
N LYS B 310 -12.29 20.03 28.89
CA LYS B 310 -12.98 21.30 28.68
C LYS B 310 -14.25 21.34 29.52
N PRO B 311 -14.10 21.37 30.85
CA PRO B 311 -15.28 21.40 31.71
C PRO B 311 -16.19 22.60 31.47
N ASP B 312 -15.62 23.76 31.10
CA ASP B 312 -16.43 24.95 30.89
C ASP B 312 -17.41 24.75 29.74
N ILE B 313 -16.96 24.14 28.64
CA ILE B 313 -17.85 23.92 27.50
C ILE B 313 -19.01 23.02 27.90
N VAL B 314 -18.71 21.93 28.62
CA VAL B 314 -19.76 21.05 29.10
C VAL B 314 -20.79 21.84 29.90
N ILE B 315 -20.31 22.64 30.87
CA ILE B 315 -21.21 23.41 31.71
C ILE B 315 -22.04 24.37 30.85
N GLU B 316 -21.38 25.12 29.98
CA GLU B 316 -22.09 26.16 29.22
C GLU B 316 -23.08 25.55 28.23
N ARG B 317 -22.70 24.45 27.58
CA ARG B 317 -23.58 23.87 26.56
C ARG B 317 -24.79 23.20 27.18
N LEU B 318 -24.58 22.36 28.20
CA LEU B 318 -25.70 21.67 28.83
C LEU B 318 -26.68 22.64 29.44
N THR B 319 -26.17 23.65 30.17
CA THR B 319 -27.06 24.63 30.78
C THR B 319 -27.82 25.43 29.73
N ALA B 320 -27.20 25.67 28.57
CA ALA B 320 -27.89 26.39 27.50
C ALA B 320 -28.96 25.51 26.87
N ALA B 321 -28.61 24.27 26.54
CA ALA B 321 -29.55 23.39 25.83
C ALA B 321 -30.71 22.97 26.71
N PHE B 322 -30.43 22.68 27.98
CA PHE B 322 -31.45 22.15 28.90
C PHE B 322 -32.19 23.26 29.64
N LYS B 323 -32.55 24.34 28.95
CA LYS B 323 -33.37 25.39 29.53
C LYS B 323 -34.79 25.33 28.94
N PRO C 30 51.64 7.82 12.28
CA PRO C 30 51.44 9.12 12.92
C PRO C 30 50.04 9.27 13.51
N ALA C 31 49.30 8.16 13.55
CA ALA C 31 47.89 8.18 13.95
C ALA C 31 47.60 6.93 14.77
N VAL C 32 47.09 7.12 15.97
CA VAL C 32 46.66 6.01 16.82
C VAL C 32 45.22 5.67 16.46
N ARG C 33 44.97 4.38 16.21
CA ARG C 33 43.63 3.87 15.92
C ARG C 33 43.24 2.95 17.08
N ARG C 34 42.32 3.42 17.92
CA ARG C 34 42.08 2.79 19.21
C ARG C 34 41.39 1.43 19.04
N PRO C 35 41.43 0.59 20.08
CA PRO C 35 40.84 -0.74 19.96
C PRO C 35 39.35 -0.75 19.70
N GLU C 36 38.60 0.17 20.30
CA GLU C 36 37.15 0.19 20.08
C GLU C 36 36.82 0.46 18.62
N GLU C 37 37.72 1.13 17.89
CA GLU C 37 37.52 1.46 16.48
C GLU C 37 37.66 0.25 15.54
N PHE C 38 37.71 -1.01 15.99
CA PHE C 38 37.79 -2.17 15.12
C PHE C 38 36.54 -3.04 15.31
N SER C 39 36.37 -4.00 14.40
CA SER C 39 35.28 -4.97 14.47
C SER C 39 35.75 -6.17 15.27
N HIS C 40 35.23 -6.33 16.49
CA HIS C 40 35.65 -7.40 17.38
C HIS C 40 34.71 -8.61 17.27
N ASN C 41 35.30 -9.80 17.42
CA ASN C 41 34.56 -11.05 17.36
C ASN C 41 35.04 -11.99 18.45
N GLU C 42 34.20 -12.96 18.79
CA GLU C 42 34.56 -14.02 19.73
C GLU C 42 33.83 -15.29 19.30
N ILE C 43 34.58 -16.37 19.09
CA ILE C 43 33.98 -17.63 18.65
C ILE C 43 34.62 -18.80 19.39
N GLN C 44 33.80 -19.81 19.67
CA GLN C 44 34.25 -21.02 20.33
C GLN C 44 34.90 -21.95 19.32
N LEU C 45 36.10 -22.43 19.61
CA LEU C 45 36.85 -23.27 18.69
C LEU C 45 36.82 -24.73 19.13
N SER C 46 37.11 -25.62 18.19
CA SER C 46 37.08 -27.05 18.46
C SER C 46 38.20 -27.49 19.40
N THR C 47 39.23 -26.68 19.58
CA THR C 47 40.30 -27.00 20.51
C THR C 47 39.91 -26.74 21.96
N GLY C 48 38.72 -26.20 22.21
CA GLY C 48 38.20 -26.07 23.55
C GLY C 48 38.24 -24.68 24.15
N VAL C 49 38.78 -23.70 23.44
CA VAL C 49 38.94 -22.36 23.99
C VAL C 49 38.16 -21.36 23.13
N LYS C 50 37.80 -20.25 23.76
CA LYS C 50 37.12 -19.15 23.09
C LYS C 50 38.17 -18.13 22.65
N ILE C 51 38.22 -17.85 21.36
CA ILE C 51 39.22 -16.96 20.78
C ILE C 51 38.56 -15.66 20.36
N HIS C 52 39.15 -14.54 20.77
CA HIS C 52 38.75 -13.22 20.30
C HIS C 52 39.64 -12.82 19.12
N TYR C 53 39.08 -12.02 18.21
CA TYR C 53 39.81 -11.62 17.02
C TYR C 53 39.07 -10.48 16.34
N VAL C 54 39.83 -9.57 15.74
CA VAL C 54 39.27 -8.53 14.88
C VAL C 54 39.48 -8.95 13.44
N ARG C 55 38.56 -8.52 12.58
CA ARG C 55 38.58 -8.93 11.18
C ARG C 55 38.03 -7.79 10.34
N GLU C 56 38.55 -7.67 9.12
CA GLU C 56 38.01 -6.72 8.15
C GLU C 56 38.81 -6.86 6.87
N GLY C 57 38.31 -6.24 5.81
CA GLY C 57 38.91 -6.30 4.51
C GLY C 57 38.30 -7.35 3.62
N SER C 58 38.82 -7.43 2.41
CA SER C 58 38.28 -8.31 1.39
C SER C 58 39.43 -8.77 0.50
N GLY C 59 39.38 -10.04 0.12
CA GLY C 59 40.46 -10.66 -0.61
C GLY C 59 40.81 -12.00 -0.02
N PRO C 60 42.01 -12.50 -0.31
CA PRO C 60 42.43 -13.77 0.29
C PRO C 60 42.66 -13.62 1.78
N PRO C 61 42.47 -14.67 2.56
CA PRO C 61 42.65 -14.56 4.01
C PRO C 61 44.12 -14.32 4.39
N LEU C 62 44.31 -13.43 5.35
CA LEU C 62 45.65 -13.04 5.83
C LEU C 62 45.62 -13.05 7.34
N LEU C 63 46.26 -14.05 7.94
CA LEU C 63 46.24 -14.28 9.38
C LEU C 63 47.50 -13.70 9.99
N LEU C 64 47.34 -12.65 10.81
CA LEU C 64 48.45 -11.99 11.48
C LEU C 64 48.44 -12.37 12.95
N LEU C 65 49.60 -12.80 13.47
CA LEU C 65 49.71 -13.39 14.79
C LEU C 65 50.74 -12.64 15.63
N HIS C 66 50.31 -12.19 16.80
CA HIS C 66 51.14 -11.38 17.68
C HIS C 66 52.03 -12.25 18.55
N GLY C 67 52.85 -11.62 19.40
CA GLY C 67 53.70 -12.31 20.33
C GLY C 67 53.62 -11.69 21.72
N TRP C 68 54.69 -11.87 22.49
CA TRP C 68 54.78 -11.31 23.84
C TRP C 68 55.92 -10.31 23.92
N PRO C 69 55.71 -9.12 24.50
CA PRO C 69 54.45 -8.60 25.03
C PRO C 69 53.56 -8.18 23.87
N GLY C 70 52.28 -8.44 23.91
CA GLY C 70 51.41 -7.96 22.86
C GLY C 70 50.03 -8.56 22.94
N PHE C 71 49.28 -8.31 21.87
CA PHE C 71 47.95 -8.87 21.64
C PHE C 71 47.57 -8.37 20.25
N TRP C 72 46.33 -8.61 19.82
CA TRP C 72 45.97 -8.32 18.43
C TRP C 72 46.31 -6.88 18.06
N TRP C 73 46.19 -5.95 19.01
CA TRP C 73 46.23 -4.53 18.69
C TRP C 73 47.59 -4.09 18.17
N GLU C 74 48.65 -4.85 18.40
CA GLU C 74 49.97 -4.44 17.93
C GLU C 74 50.00 -4.31 16.41
N TRP C 75 49.07 -4.97 15.71
CA TRP C 75 48.96 -4.88 14.26
C TRP C 75 48.10 -3.72 13.80
N SER C 76 47.63 -2.87 14.71
CA SER C 76 46.57 -1.92 14.36
C SER C 76 47.02 -0.93 13.29
N LYS C 77 48.32 -0.66 13.17
CA LYS C 77 48.79 0.31 12.20
C LYS C 77 48.75 -0.23 10.77
N VAL C 78 48.73 -1.54 10.59
CA VAL C 78 48.76 -2.15 9.27
C VAL C 78 47.45 -2.81 8.88
N VAL C 79 46.51 -2.97 9.82
CA VAL C 79 45.28 -3.71 9.54
C VAL C 79 44.52 -3.05 8.37
N ALA C 80 44.22 -1.77 8.50
CA ALA C 80 43.38 -1.12 7.49
C ALA C 80 44.03 -1.13 6.12
N PRO C 81 45.28 -0.73 5.94
CA PRO C 81 45.87 -0.76 4.58
C PRO C 81 45.88 -2.16 3.97
N LEU C 82 46.14 -3.19 4.78
CA LEU C 82 46.17 -4.56 4.25
C LEU C 82 44.77 -5.02 3.86
N ALA C 83 43.73 -4.48 4.50
CA ALA C 83 42.38 -4.86 4.15
C ALA C 83 41.96 -4.38 2.77
N GLU C 84 42.71 -3.45 2.16
CA GLU C 84 42.46 -3.10 0.77
C GLU C 84 42.56 -4.33 -0.13
N HIS C 85 43.57 -5.18 0.12
CA HIS C 85 43.82 -6.34 -0.72
C HIS C 85 43.52 -7.68 -0.05
N PHE C 86 43.32 -7.71 1.27
CA PHE C 86 43.20 -8.98 1.97
C PHE C 86 42.00 -9.00 2.92
N ASP C 87 41.56 -10.21 3.23
CA ASP C 87 40.63 -10.48 4.33
C ASP C 87 41.47 -10.68 5.58
N VAL C 88 41.64 -9.61 6.34
CA VAL C 88 42.63 -9.57 7.43
C VAL C 88 42.00 -10.10 8.71
N ILE C 89 42.61 -11.13 9.28
CA ILE C 89 42.14 -11.78 10.51
C ILE C 89 43.24 -11.65 11.54
N VAL C 90 42.91 -11.08 12.70
CA VAL C 90 43.90 -10.81 13.74
C VAL C 90 43.41 -11.32 15.08
N PRO C 91 43.75 -12.55 15.46
CA PRO C 91 43.28 -13.09 16.74
C PRO C 91 44.22 -12.77 17.90
N ASP C 92 43.67 -12.91 19.10
CA ASP C 92 44.47 -13.00 20.33
C ASP C 92 44.81 -14.46 20.59
N LEU C 93 46.10 -14.76 20.73
CA LEU C 93 46.50 -16.09 21.15
C LEU C 93 45.82 -16.41 22.48
N ARG C 94 45.57 -17.71 22.70
CA ARG C 94 45.06 -18.12 23.99
C ARG C 94 45.98 -17.62 25.09
N GLY C 95 45.38 -17.12 26.18
CA GLY C 95 46.14 -16.54 27.26
C GLY C 95 46.53 -15.09 27.05
N PHE C 96 46.08 -14.47 25.96
CA PHE C 96 46.40 -13.08 25.66
C PHE C 96 45.13 -12.31 25.35
N GLY C 97 45.19 -11.00 25.60
CA GLY C 97 44.13 -10.11 25.12
C GLY C 97 42.78 -10.44 25.70
N ASP C 98 41.80 -10.64 24.81
CA ASP C 98 40.45 -10.99 25.19
C ASP C 98 40.14 -12.47 24.97
N SER C 99 41.08 -13.24 24.45
CA SER C 99 40.88 -14.67 24.31
C SER C 99 40.89 -15.36 25.67
N GLU C 100 40.37 -16.58 25.69
CA GLU C 100 40.24 -17.31 26.93
C GLU C 100 41.61 -17.62 27.53
N LYS C 101 41.70 -17.45 28.85
CA LYS C 101 42.84 -17.93 29.62
C LYS C 101 42.51 -19.31 30.16
N PRO C 102 43.06 -20.39 29.60
CA PRO C 102 42.87 -21.71 30.21
C PRO C 102 43.26 -21.69 31.68
N ASP C 103 42.77 -22.66 32.45
CA ASP C 103 43.09 -22.80 33.87
C ASP C 103 44.53 -22.36 34.13
N LEU C 104 44.70 -21.25 34.86
CA LEU C 104 46.02 -20.67 35.04
C LEU C 104 46.97 -21.58 35.78
N GLY C 105 46.47 -22.63 36.43
CA GLY C 105 47.32 -23.62 37.07
C GLY C 105 47.67 -24.80 36.21
N ASP C 106 47.10 -24.90 35.00
CA ASP C 106 47.32 -26.02 34.09
C ASP C 106 48.27 -25.52 32.99
N ILE C 107 49.56 -25.61 33.26
CA ILE C 107 50.56 -25.08 32.34
C ILE C 107 50.55 -25.82 31.01
N SER C 108 50.08 -27.07 31.00
CA SER C 108 50.06 -27.85 29.76
C SER C 108 49.10 -27.27 28.73
N GLN C 109 48.17 -26.41 29.15
CA GLN C 109 47.26 -25.74 28.23
C GLN C 109 47.87 -24.51 27.59
N TYR C 110 49.16 -24.25 27.81
CA TYR C 110 49.82 -23.05 27.28
C TYR C 110 51.00 -23.40 26.37
N THR C 111 51.02 -24.61 25.82
CA THR C 111 52.06 -24.97 24.88
C THR C 111 51.85 -24.26 23.54
N LEU C 112 52.95 -24.08 22.80
CA LEU C 112 52.85 -23.52 21.46
C LEU C 112 52.19 -24.50 20.50
N ASP C 113 52.23 -25.81 20.79
CA ASP C 113 51.46 -26.76 20.01
C ASP C 113 49.97 -26.49 20.12
N HIS C 114 49.50 -26.07 21.30
CA HIS C 114 48.10 -25.72 21.46
C HIS C 114 47.74 -24.49 20.65
N ALA C 115 48.52 -23.42 20.78
CA ALA C 115 48.21 -22.20 20.05
C ALA C 115 48.27 -22.43 18.54
N THR C 116 49.11 -23.37 18.10
CA THR C 116 49.17 -23.69 16.68
C THR C 116 47.89 -24.38 16.21
N ASP C 117 47.40 -25.36 16.98
CA ASP C 117 46.13 -26.00 16.63
C ASP C 117 44.98 -25.00 16.70
N ASP C 118 45.11 -23.97 17.53
CA ASP C 118 44.06 -22.95 17.60
C ASP C 118 43.92 -22.22 16.28
N GLN C 119 44.99 -22.11 15.50
CA GLN C 119 44.92 -21.37 14.24
C GLN C 119 44.29 -22.22 13.15
N ALA C 120 44.65 -23.50 13.08
CA ALA C 120 43.94 -24.40 12.18
C ALA C 120 42.45 -24.43 12.50
N ALA C 121 42.10 -24.40 13.79
CA ALA C 121 40.69 -24.48 14.17
C ALA C 121 39.95 -23.19 13.83
N LEU C 122 40.62 -22.04 13.95
CA LEU C 122 39.98 -20.78 13.58
C LEU C 122 39.61 -20.77 12.10
N LEU C 123 40.56 -21.15 11.24
CA LEU C 123 40.26 -21.29 9.82
C LEU C 123 39.11 -22.26 9.60
N ASP C 124 39.09 -23.36 10.36
CA ASP C 124 37.99 -24.32 10.27
C ASP C 124 36.66 -23.67 10.61
N GLU C 125 36.59 -22.98 11.75
CA GLU C 125 35.35 -22.37 12.18
C GLU C 125 34.89 -21.29 11.22
N LEU C 126 35.80 -20.69 10.45
CA LEU C 126 35.46 -19.65 9.49
C LEU C 126 35.38 -20.16 8.06
N GLY C 127 35.37 -21.48 7.86
CA GLY C 127 35.21 -22.04 6.53
C GLY C 127 36.29 -21.65 5.55
N ILE C 128 37.51 -21.43 6.04
CA ILE C 128 38.63 -21.03 5.20
C ILE C 128 39.51 -22.25 4.95
N ASP C 129 39.70 -22.60 3.68
CA ASP C 129 40.50 -23.77 3.33
C ASP C 129 41.99 -23.51 3.51
N GLU C 130 42.45 -22.32 3.12
CA GLU C 130 43.87 -21.99 3.22
C GLU C 130 44.00 -20.48 3.30
N ALA C 131 45.10 -20.03 3.93
CA ALA C 131 45.27 -18.62 4.22
C ALA C 131 46.74 -18.24 4.13
N TYR C 132 46.99 -16.94 4.00
CA TYR C 132 48.30 -16.39 4.24
C TYR C 132 48.49 -16.24 5.76
N VAL C 133 49.71 -16.52 6.21
CA VAL C 133 50.00 -16.62 7.64
C VAL C 133 51.24 -15.81 7.93
N VAL C 134 51.14 -14.91 8.92
CA VAL C 134 52.25 -14.07 9.34
C VAL C 134 52.37 -14.17 10.86
N GLY C 135 53.61 -14.22 11.35
CA GLY C 135 53.85 -14.26 12.77
C GLY C 135 55.25 -13.81 13.12
N HIS C 136 55.42 -13.45 14.39
CA HIS C 136 56.73 -13.12 14.93
C HIS C 136 56.74 -13.48 16.40
N ASP C 137 57.93 -13.49 16.99
CA ASP C 137 58.11 -13.80 18.42
C ASP C 137 57.52 -15.18 18.66
N TYR C 138 56.69 -15.38 19.69
CA TYR C 138 56.06 -16.68 19.90
C TYR C 138 55.33 -17.15 18.66
N ALA C 139 54.75 -16.23 17.89
CA ALA C 139 54.03 -16.62 16.68
C ALA C 139 54.98 -17.01 15.55
N ALA C 140 56.24 -16.59 15.61
CA ALA C 140 57.23 -17.14 14.69
C ALA C 140 57.35 -18.65 14.85
N ILE C 141 57.21 -19.13 16.09
CA ILE C 141 57.23 -20.57 16.35
C ILE C 141 55.92 -21.21 15.91
N ILE C 142 54.79 -20.56 16.21
CA ILE C 142 53.50 -21.04 15.70
C ILE C 142 53.56 -21.20 14.20
N VAL C 143 54.06 -20.18 13.50
CA VAL C 143 54.15 -20.24 12.04
C VAL C 143 55.06 -21.37 11.61
N HIS C 144 56.23 -21.48 12.25
CA HIS C 144 57.17 -22.53 11.88
C HIS C 144 56.51 -23.90 12.00
N LYS C 145 55.77 -24.13 13.07
CA LYS C 145 55.07 -25.42 13.22
C LYS C 145 53.91 -25.52 12.26
N PHE C 146 53.15 -24.42 12.10
CA PHE C 146 51.92 -24.46 11.30
C PHE C 146 52.20 -24.88 9.87
N ILE C 147 53.22 -24.29 9.24
CA ILE C 147 53.48 -24.56 7.84
C ILE C 147 54.00 -25.97 7.60
N ARG C 148 54.30 -26.71 8.66
CA ARG C 148 54.76 -28.08 8.56
C ARG C 148 53.68 -29.09 8.94
N LYS C 149 52.87 -28.77 9.96
CA LYS C 149 51.78 -29.66 10.33
C LYS C 149 50.49 -29.37 9.57
N PHE C 150 50.29 -28.13 9.13
CA PHE C 150 49.12 -27.77 8.34
C PHE C 150 49.56 -27.16 7.01
N ARG C 151 50.44 -27.88 6.30
CA ARG C 151 50.95 -27.36 5.02
C ARG C 151 49.82 -27.05 4.05
N ASN C 152 48.78 -27.87 4.04
CA ASN C 152 47.66 -27.68 3.11
C ASN C 152 46.71 -26.59 3.55
N ARG C 153 46.99 -25.90 4.66
CA ARG C 153 46.16 -24.80 5.14
C ARG C 153 46.82 -23.44 4.94
N VAL C 154 48.01 -23.40 4.35
CA VAL C 154 48.74 -22.16 4.14
C VAL C 154 49.04 -22.00 2.66
N ILE C 155 49.04 -20.75 2.21
CA ILE C 155 49.35 -20.42 0.82
C ILE C 155 50.82 -20.02 0.75
N LYS C 156 51.14 -18.86 1.30
CA LYS C 156 52.52 -18.47 1.59
C LYS C 156 52.56 -17.97 3.03
N ALA C 157 53.76 -17.97 3.60
CA ALA C 157 53.95 -17.55 4.98
C ALA C 157 54.97 -16.42 5.05
N ALA C 158 54.90 -15.66 6.14
CA ALA C 158 55.89 -14.65 6.45
C ALA C 158 56.22 -14.75 7.92
N ILE C 159 57.50 -14.59 8.26
CA ILE C 159 57.97 -14.64 9.63
C ILE C 159 58.94 -13.49 9.84
N PHE C 160 58.70 -12.69 10.89
CA PHE C 160 59.58 -11.59 11.24
C PHE C 160 60.48 -12.01 12.39
N ASP C 161 61.80 -11.83 12.23
CA ASP C 161 62.77 -12.25 13.23
C ASP C 161 62.48 -13.69 13.65
N PRO C 162 62.65 -14.66 12.76
CA PRO C 162 62.21 -16.02 13.06
C PRO C 162 62.98 -16.65 14.23
N ILE C 163 62.32 -17.58 14.90
CA ILE C 163 62.92 -18.38 15.97
C ILE C 163 62.83 -19.83 15.55
N THR C 164 63.97 -20.48 15.38
CA THR C 164 64.06 -21.84 14.88
C THR C 164 64.45 -22.82 15.97
N PRO C 165 64.29 -24.12 15.74
CA PRO C 165 64.51 -25.12 16.81
C PRO C 165 65.91 -25.10 17.39
N ASP C 166 66.89 -24.48 16.73
CA ASP C 166 68.24 -24.38 17.26
C ASP C 166 68.45 -23.12 18.09
N PHE C 167 67.36 -22.46 18.49
CA PHE C 167 67.46 -21.17 19.19
C PHE C 167 67.97 -21.33 20.61
N GLY C 168 67.52 -22.38 21.30
CA GLY C 168 67.94 -22.64 22.66
C GLY C 168 69.43 -22.45 22.95
N GLU C 169 70.29 -23.20 22.26
CA GLU C 169 71.72 -23.12 22.52
C GLU C 169 72.19 -21.67 22.56
N PHE C 170 71.64 -20.82 21.70
CA PHE C 170 72.01 -19.41 21.67
C PHE C 170 71.26 -18.62 22.75
N TYR C 171 69.93 -18.64 22.67
CA TYR C 171 69.08 -17.84 23.55
C TYR C 171 69.48 -17.99 25.01
N PHE C 172 69.80 -19.21 25.44
CA PHE C 172 70.15 -19.49 26.82
C PHE C 172 71.66 -19.58 27.05
N GLY C 173 72.47 -19.22 26.06
CA GLY C 173 73.91 -19.32 26.15
C GLY C 173 74.55 -17.99 26.52
N ILE C 174 75.87 -17.95 26.36
CA ILE C 174 76.67 -16.77 26.66
C ILE C 174 76.95 -16.03 25.35
N PRO C 175 76.72 -14.70 25.29
CA PRO C 175 76.26 -13.79 26.35
C PRO C 175 74.76 -13.49 26.32
N HIS C 176 73.96 -14.22 25.56
CA HIS C 176 72.56 -13.83 25.38
C HIS C 176 71.72 -14.01 26.63
N VAL C 177 72.24 -14.68 27.67
CA VAL C 177 71.50 -14.74 28.93
C VAL C 177 71.18 -13.34 29.43
N SER C 178 72.02 -12.36 29.07
CA SER C 178 71.75 -10.97 29.43
C SER C 178 70.44 -10.48 28.83
N GLU C 179 69.94 -11.14 27.79
CA GLU C 179 68.69 -10.76 27.15
C GLU C 179 67.53 -11.71 27.45
N SER C 180 67.81 -12.99 27.65
CA SER C 180 66.77 -14.00 27.88
C SER C 180 66.42 -14.15 29.36
N TRP C 181 66.95 -13.29 30.24
CA TRP C 181 66.70 -13.42 31.66
C TRP C 181 65.20 -13.43 31.98
N TYR C 182 64.39 -12.70 31.21
CA TYR C 182 62.98 -12.55 31.54
C TYR C 182 62.23 -13.86 31.43
N SER C 183 62.66 -14.77 30.55
CA SER C 183 62.00 -16.06 30.42
C SER C 183 62.06 -16.84 31.71
N GLN C 184 63.14 -16.67 32.48
CA GLN C 184 63.29 -17.36 33.75
C GLN C 184 62.63 -16.61 34.90
N PHE C 185 62.65 -15.27 34.86
CA PHE C 185 61.89 -14.49 35.83
C PHE C 185 60.43 -14.90 35.84
N HIS C 186 59.84 -15.11 34.67
CA HIS C 186 58.43 -15.46 34.56
C HIS C 186 58.10 -16.83 35.13
N GLN C 187 59.11 -17.67 35.40
CA GLN C 187 58.85 -18.96 36.02
C GLN C 187 58.40 -18.82 37.47
N THR C 188 58.74 -17.72 38.14
CA THR C 188 58.47 -17.57 39.55
C THR C 188 57.05 -17.07 39.79
N ASP C 189 56.50 -17.44 40.96
CA ASP C 189 55.24 -16.84 41.38
C ASP C 189 55.39 -15.35 41.59
N MET C 190 56.58 -14.90 42.02
CA MET C 190 56.76 -13.49 42.36
C MET C 190 56.64 -12.59 41.15
N SER C 191 56.98 -13.09 39.95
CA SER C 191 56.87 -12.25 38.76
C SER C 191 55.43 -11.81 38.53
N VAL C 192 54.48 -12.73 38.66
CA VAL C 192 53.07 -12.39 38.51
C VAL C 192 52.65 -11.43 39.63
N GLU C 193 53.10 -11.71 40.86
CA GLU C 193 52.72 -10.89 42.00
C GLU C 193 53.18 -9.45 41.80
N LEU C 194 54.42 -9.26 41.38
CA LEU C 194 55.02 -7.93 41.31
C LEU C 194 54.51 -7.14 40.10
N VAL C 195 54.47 -7.77 38.92
CA VAL C 195 54.10 -7.02 37.72
C VAL C 195 52.62 -6.67 37.74
N SER C 196 51.78 -7.56 38.25
CA SER C 196 50.34 -7.30 38.32
C SER C 196 49.94 -6.49 39.55
N SER C 197 50.92 -6.01 40.33
CA SER C 197 50.60 -5.37 41.60
C SER C 197 49.95 -4.00 41.45
N SER C 198 50.10 -3.36 40.29
CA SER C 198 49.44 -2.07 40.05
C SER C 198 49.66 -1.68 38.60
N ARG C 199 48.84 -0.73 38.14
CA ARG C 199 49.03 -0.19 36.80
C ARG C 199 50.43 0.36 36.64
N THR C 200 50.98 0.96 37.69
CA THR C 200 52.28 1.60 37.60
C THR C 200 53.38 0.55 37.42
N ALA C 201 53.34 -0.53 38.21
CA ALA C 201 54.33 -1.59 38.05
C ALA C 201 54.23 -2.23 36.68
N CYS C 202 53.00 -2.59 36.28
CA CYS C 202 52.78 -3.16 34.96
C CYS C 202 53.40 -2.29 33.87
N LYS C 203 53.13 -0.98 33.93
CA LYS C 203 53.67 -0.07 32.92
C LYS C 203 55.19 -0.02 32.96
N ILE C 204 55.76 0.02 34.17
CA ILE C 204 57.22 0.02 34.30
C ILE C 204 57.81 -1.22 33.65
N TYR C 205 57.25 -2.38 33.95
CA TYR C 205 57.83 -3.64 33.47
C TYR C 205 57.79 -3.71 31.95
N PHE C 206 56.59 -3.64 31.37
CA PHE C 206 56.45 -3.85 29.94
C PHE C 206 57.10 -2.74 29.13
N THR C 207 57.20 -1.53 29.70
CA THR C 207 57.85 -0.43 28.99
C THR C 207 59.26 -0.84 28.58
N HIS C 208 59.96 -1.58 29.43
CA HIS C 208 61.34 -1.97 29.15
C HIS C 208 61.44 -2.75 27.85
N PHE C 209 60.61 -3.78 27.69
CA PHE C 209 60.74 -4.65 26.53
C PHE C 209 60.28 -3.97 25.25
N MET C 210 59.26 -3.10 25.33
CA MET C 210 58.83 -2.41 24.12
C MET C 210 59.94 -1.53 23.57
N ASN C 211 60.75 -0.94 24.45
CA ASN C 211 61.83 -0.04 24.02
C ASN C 211 63.14 -0.79 23.80
N HIS C 212 63.58 -1.59 24.77
CA HIS C 212 64.89 -2.21 24.65
C HIS C 212 64.98 -3.06 23.39
N TRP C 213 63.89 -3.76 23.05
CA TRP C 213 63.86 -4.62 21.87
C TRP C 213 63.66 -3.85 20.58
N SER C 214 63.50 -2.53 20.63
CA SER C 214 63.23 -1.72 19.45
C SER C 214 64.50 -0.98 19.01
N TYR C 215 64.55 -0.65 17.72
CA TYR C 215 65.67 0.13 17.21
C TYR C 215 65.76 1.48 17.90
N ARG C 216 64.70 2.28 17.80
CA ARG C 216 64.69 3.60 18.44
C ARG C 216 64.49 3.46 19.94
N ASP C 217 64.78 4.54 20.66
CA ASP C 217 64.76 4.49 22.11
C ASP C 217 63.35 4.31 22.66
N GLU C 218 62.34 4.74 21.92
CA GLU C 218 60.97 4.79 22.45
C GLU C 218 60.01 4.32 21.37
N LEU C 219 59.38 3.16 21.60
CA LEU C 219 58.50 2.59 20.60
C LEU C 219 57.10 3.20 20.66
N LEU C 220 56.48 3.21 21.83
CA LEU C 220 55.09 3.58 21.99
C LEU C 220 54.95 4.95 22.63
N THR C 221 53.94 5.71 22.19
CA THR C 221 53.53 6.89 22.92
C THR C 221 52.96 6.47 24.28
N ASP C 222 52.78 7.46 25.16
CA ASP C 222 52.16 7.15 26.45
C ASP C 222 50.68 6.80 26.27
N ASP C 223 50.02 7.39 25.27
CA ASP C 223 48.66 6.98 24.94
C ASP C 223 48.63 5.50 24.55
N GLU C 224 49.51 5.09 23.63
CA GLU C 224 49.56 3.70 23.20
C GLU C 224 49.91 2.78 24.35
N MET C 225 50.81 3.20 25.24
CA MET C 225 51.27 2.31 26.31
C MET C 225 50.17 2.10 27.35
N GLU C 226 49.44 3.15 27.71
CA GLU C 226 48.33 2.97 28.64
C GLU C 226 47.29 2.02 28.08
N ILE C 227 47.14 1.96 26.75
CA ILE C 227 46.29 0.95 26.13
C ILE C 227 46.88 -0.44 26.35
N TYR C 228 48.21 -0.56 26.26
CA TYR C 228 48.86 -1.83 26.59
C TYR C 228 48.65 -2.18 28.05
N VAL C 229 48.77 -1.19 28.95
CA VAL C 229 48.55 -1.46 30.37
C VAL C 229 47.11 -1.89 30.62
N ASP C 230 46.16 -1.23 29.95
CA ASP C 230 44.77 -1.67 30.03
C ASP C 230 44.67 -3.16 29.74
N ASN C 231 45.34 -3.61 28.68
CA ASN C 231 45.21 -5.00 28.26
C ASN C 231 45.80 -5.95 29.29
N PHE C 232 47.05 -5.73 29.69
CA PHE C 232 47.72 -6.68 30.58
C PHE C 232 47.18 -6.63 31.99
N MET C 233 46.47 -5.56 32.36
CA MET C 233 45.80 -5.52 33.66
C MET C 233 44.48 -6.28 33.66
N LYS C 234 43.97 -6.67 32.50
CA LYS C 234 42.82 -7.55 32.47
C LYS C 234 43.13 -8.84 33.23
N ALA C 235 42.11 -9.42 33.82
CA ALA C 235 42.30 -10.60 34.66
C ALA C 235 43.03 -11.71 33.90
N GLY C 236 44.11 -12.21 34.50
CA GLY C 236 44.76 -13.41 34.00
C GLY C 236 45.67 -13.23 32.81
N ASN C 237 45.91 -12.00 32.36
CA ASN C 237 46.74 -11.79 31.18
C ASN C 237 48.23 -11.72 31.50
N ILE C 238 48.61 -11.17 32.66
CA ILE C 238 50.01 -11.23 33.07
C ILE C 238 50.39 -12.67 33.39
N HIS C 239 49.53 -13.36 34.16
CA HIS C 239 49.78 -14.76 34.49
C HIS C 239 49.73 -15.63 33.24
N GLY C 240 48.75 -15.42 32.38
CA GLY C 240 48.60 -16.27 31.20
C GLY C 240 49.74 -16.13 30.21
N GLY C 241 50.29 -14.91 30.08
CA GLY C 241 51.45 -14.74 29.24
C GLY C 241 52.70 -15.38 29.82
N PHE C 242 52.88 -15.26 31.14
CA PHE C 242 54.01 -15.90 31.79
C PHE C 242 53.93 -17.42 31.74
N ASN C 243 52.72 -17.97 31.62
CA ASN C 243 52.58 -19.42 31.49
C ASN C 243 53.17 -19.94 30.19
N TYR C 244 53.16 -19.12 29.13
CA TYR C 244 53.83 -19.51 27.90
C TYR C 244 55.31 -19.78 28.14
N TYR C 245 55.93 -18.99 29.02
CA TYR C 245 57.32 -19.22 29.37
C TYR C 245 57.48 -20.43 30.27
N ARG C 246 56.48 -20.70 31.12
CA ARG C 246 56.53 -21.86 31.99
C ARG C 246 56.34 -23.15 31.19
N ALA C 247 55.56 -23.10 30.12
CA ALA C 247 55.30 -24.28 29.30
C ALA C 247 56.36 -24.49 28.22
N ASN C 248 56.89 -23.42 27.66
CA ASN C 248 57.73 -23.51 26.47
C ASN C 248 59.17 -23.09 26.67
N LEU C 249 59.51 -22.43 27.79
CA LEU C 249 60.85 -21.89 27.95
C LEU C 249 61.43 -22.16 29.33
N SER C 250 60.88 -23.11 30.08
CA SER C 250 61.53 -23.56 31.30
C SER C 250 62.69 -24.49 30.96
N MET C 251 63.52 -24.77 31.95
CA MET C 251 64.67 -25.64 31.72
C MET C 251 64.26 -27.10 31.50
N THR C 252 63.00 -27.45 31.72
CA THR C 252 62.49 -28.77 31.40
C THR C 252 61.51 -28.76 30.23
N SER C 253 61.19 -27.61 29.68
CA SER C 253 60.27 -27.53 28.56
C SER C 253 60.95 -28.01 27.28
N ALA C 254 60.13 -28.51 26.35
CA ALA C 254 60.59 -28.89 25.02
C ALA C 254 59.47 -28.61 24.03
N PRO C 255 59.37 -27.36 23.56
CA PRO C 255 58.26 -27.01 22.67
C PRO C 255 58.35 -27.63 21.28
N TRP C 256 59.55 -27.99 20.84
CA TRP C 256 59.77 -28.42 19.47
C TRP C 256 59.53 -29.92 19.31
N ASN C 257 59.09 -30.30 18.10
CA ASN C 257 58.86 -31.68 17.71
C ASN C 257 59.80 -32.05 16.58
N GLU C 258 59.92 -33.36 16.34
CA GLU C 258 60.78 -33.82 15.25
C GLU C 258 60.35 -33.24 13.91
N LEU C 259 59.04 -33.12 13.70
CA LEU C 259 58.54 -32.55 12.45
C LEU C 259 59.08 -31.15 12.20
N ASP C 260 59.31 -30.38 13.26
CA ASP C 260 59.80 -29.01 13.11
C ASP C 260 61.23 -28.96 12.59
N ASP C 261 61.96 -30.07 12.65
CA ASP C 261 63.31 -30.13 12.09
C ASP C 261 63.30 -30.26 10.57
N GLU C 262 62.18 -30.65 9.98
CA GLU C 262 62.12 -30.81 8.54
C GLU C 262 62.26 -29.47 7.84
N VAL C 263 63.03 -29.47 6.75
CA VAL C 263 63.05 -28.32 5.86
C VAL C 263 61.74 -28.25 5.09
N THR C 264 61.22 -27.04 4.89
CA THR C 264 60.02 -26.83 4.11
C THR C 264 60.38 -26.08 2.83
N ASP C 265 59.75 -26.47 1.72
CA ASP C 265 59.85 -25.74 0.47
C ASP C 265 58.72 -24.73 0.29
N LEU C 266 57.94 -24.46 1.35
CA LEU C 266 56.91 -23.44 1.26
C LEU C 266 57.57 -22.08 1.07
N PRO C 267 57.09 -21.25 0.15
CA PRO C 267 57.61 -19.87 0.04
C PRO C 267 57.37 -19.07 1.31
N VAL C 268 58.43 -18.72 2.03
CA VAL C 268 58.32 -17.94 3.27
C VAL C 268 59.05 -16.62 3.09
N THR C 269 58.41 -15.54 3.53
CA THR C 269 58.95 -14.19 3.43
C THR C 269 59.46 -13.77 4.81
N ILE C 270 60.75 -13.46 4.90
CA ILE C 270 61.39 -13.18 6.17
C ILE C 270 61.94 -11.76 6.16
N LEU C 271 61.48 -10.95 7.11
CA LEU C 271 62.09 -9.67 7.43
C LEU C 271 62.71 -9.78 8.82
N TRP C 272 63.83 -9.09 9.02
CA TRP C 272 64.54 -9.13 10.29
C TRP C 272 64.91 -7.71 10.69
N GLY C 273 64.56 -7.34 11.92
CA GLY C 273 64.99 -6.07 12.47
C GLY C 273 66.41 -6.14 13.01
N GLN C 274 67.33 -5.48 12.33
CA GLN C 274 68.72 -5.47 12.76
C GLN C 274 68.88 -4.95 14.19
N GLY C 275 67.95 -4.12 14.64
CA GLY C 275 67.97 -3.58 15.99
C GLY C 275 67.29 -4.44 17.03
N ASP C 276 66.81 -5.62 16.67
CA ASP C 276 66.21 -6.53 17.64
C ASP C 276 67.30 -7.12 18.53
N THR C 277 67.11 -6.99 19.86
CA THR C 277 68.13 -7.43 20.80
C THR C 277 67.88 -8.84 21.35
N VAL C 278 66.65 -9.34 21.32
CA VAL C 278 66.38 -10.70 21.82
C VAL C 278 66.53 -11.74 20.71
N VAL C 279 66.13 -11.40 19.50
CA VAL C 279 66.28 -12.27 18.34
C VAL C 279 67.17 -11.55 17.34
N PRO C 280 68.49 -11.54 17.54
CA PRO C 280 69.35 -10.70 16.70
C PRO C 280 69.45 -11.23 15.28
N SER C 281 69.59 -10.30 14.34
CA SER C 281 69.62 -10.66 12.92
C SER C 281 70.83 -11.51 12.56
N LEU C 282 71.85 -11.57 13.43
CA LEU C 282 72.99 -12.44 13.14
C LEU C 282 72.58 -13.90 13.02
N LEU C 283 71.42 -14.27 13.56
CA LEU C 283 70.92 -15.64 13.45
C LEU C 283 70.45 -15.99 12.06
N ALA C 284 70.39 -15.02 11.14
CA ALA C 284 69.80 -15.25 9.83
C ALA C 284 70.56 -16.29 9.02
N ASP C 285 71.85 -16.50 9.31
CA ASP C 285 72.63 -17.49 8.57
C ASP C 285 72.16 -18.91 8.82
N ARG C 286 71.23 -19.12 9.74
CA ARG C 286 70.74 -20.44 10.07
C ARG C 286 69.49 -20.83 9.29
N LEU C 287 68.87 -19.90 8.59
CA LEU C 287 67.65 -20.20 7.85
C LEU C 287 67.84 -21.34 6.85
N PRO C 288 68.97 -21.49 6.16
CA PRO C 288 69.12 -22.61 5.22
C PRO C 288 68.94 -23.98 5.86
N LYS C 289 69.01 -24.10 7.18
CA LYS C 289 68.77 -25.38 7.83
C LYS C 289 67.30 -25.78 7.81
N TYR C 290 66.39 -24.83 7.57
CA TYR C 290 64.97 -25.08 7.74
C TYR C 290 64.11 -24.61 6.57
N TYR C 291 64.64 -23.79 5.67
CA TYR C 291 63.85 -23.26 4.55
C TYR C 291 64.68 -23.29 3.28
N SER C 292 64.04 -23.67 2.18
CA SER C 292 64.70 -23.74 0.87
C SER C 292 64.08 -22.84 -0.18
N ASN C 293 62.92 -22.22 0.10
CA ASN C 293 62.31 -21.22 -0.78
C ASN C 293 61.92 -20.04 0.11
N TYR C 294 62.87 -19.14 0.34
CA TYR C 294 62.61 -18.01 1.22
C TYR C 294 63.33 -16.77 0.71
N THR C 295 62.80 -15.62 1.12
CA THR C 295 63.40 -14.33 0.84
C THR C 295 63.79 -13.69 2.16
N LEU C 296 64.92 -12.99 2.17
CA LEU C 296 65.44 -12.39 3.39
C LEU C 296 65.76 -10.92 3.12
N GLU C 297 65.37 -10.08 4.07
CA GLU C 297 65.67 -8.65 4.01
C GLU C 297 65.92 -8.18 5.44
N ILE C 298 67.11 -7.68 5.70
CA ILE C 298 67.45 -7.11 7.01
C ILE C 298 67.08 -5.63 6.98
N VAL C 299 66.21 -5.23 7.90
CA VAL C 299 65.81 -3.83 8.05
C VAL C 299 66.69 -3.20 9.10
N GLU C 300 67.47 -2.18 8.70
CA GLU C 300 68.47 -1.61 9.60
C GLU C 300 67.82 -0.84 10.75
N ASP C 301 66.75 -0.10 10.47
CA ASP C 301 66.15 0.81 11.43
C ASP C 301 64.87 0.25 12.06
N ALA C 302 64.80 -1.07 12.22
CA ALA C 302 63.66 -1.71 12.86
C ALA C 302 64.16 -2.72 13.88
N GLY C 303 63.41 -2.87 14.96
CA GLY C 303 63.74 -3.82 15.99
C GLY C 303 62.83 -5.03 15.98
N HIS C 304 62.33 -5.40 17.16
CA HIS C 304 61.57 -6.63 17.32
C HIS C 304 60.12 -6.49 16.88
N PHE C 305 59.58 -5.28 16.81
CA PHE C 305 58.17 -5.04 16.52
C PHE C 305 58.05 -4.34 15.18
N MET C 306 58.17 -5.13 14.10
CA MET C 306 58.23 -4.56 12.75
C MET C 306 56.91 -3.90 12.37
N MET C 307 55.78 -4.37 12.91
CA MET C 307 54.48 -3.79 12.58
C MET C 307 54.19 -2.53 13.37
N VAL C 308 54.96 -2.24 14.41
CA VAL C 308 54.81 -1.01 15.17
C VAL C 308 55.82 0.05 14.72
N GLU C 309 57.07 -0.35 14.53
CA GLU C 309 58.15 0.59 14.25
C GLU C 309 58.27 0.90 12.76
N LYS C 310 58.01 -0.06 11.88
CA LYS C 310 58.07 0.15 10.43
C LYS C 310 56.82 -0.42 9.77
N PRO C 311 55.64 0.10 10.11
CA PRO C 311 54.40 -0.45 9.52
C PRO C 311 54.37 -0.31 8.01
N ASP C 312 54.97 0.75 7.47
CA ASP C 312 55.10 0.90 6.03
C ASP C 312 55.73 -0.32 5.39
N ILE C 313 56.84 -0.79 5.94
CA ILE C 313 57.55 -1.93 5.35
C ILE C 313 56.69 -3.18 5.40
N VAL C 314 56.02 -3.43 6.54
CA VAL C 314 55.19 -4.61 6.66
C VAL C 314 54.13 -4.63 5.57
N ILE C 315 53.44 -3.50 5.38
CA ILE C 315 52.36 -3.42 4.41
C ILE C 315 52.89 -3.67 3.00
N GLU C 316 54.00 -3.04 2.66
CA GLU C 316 54.53 -3.16 1.29
C GLU C 316 54.97 -4.58 0.99
N ARG C 317 55.79 -5.17 1.87
CA ARG C 317 56.38 -6.48 1.59
C ARG C 317 55.30 -7.56 1.55
N LEU C 318 54.33 -7.52 2.46
CA LEU C 318 53.28 -8.52 2.47
C LEU C 318 52.44 -8.43 1.21
N THR C 319 52.04 -7.22 0.81
CA THR C 319 51.24 -7.06 -0.40
C THR C 319 52.03 -7.49 -1.63
N ALA C 320 53.33 -7.16 -1.65
CA ALA C 320 54.15 -7.51 -2.81
C ALA C 320 54.35 -9.01 -2.95
N ALA C 321 54.28 -9.75 -1.84
CA ALA C 321 54.66 -11.16 -1.81
C ALA C 321 53.49 -12.11 -1.94
N PHE C 322 52.29 -11.69 -1.53
CA PHE C 322 51.14 -12.58 -1.45
C PHE C 322 50.21 -12.33 -2.65
N LYS C 323 50.64 -12.84 -3.80
CA LYS C 323 49.88 -12.72 -5.04
C LYS C 323 49.92 -14.03 -5.82
N ALA D 31 49.01 -11.04 -37.38
CA ALA D 31 48.77 -10.79 -35.96
C ALA D 31 47.40 -11.29 -35.53
N VAL D 32 46.64 -11.85 -36.47
CA VAL D 32 45.35 -12.46 -36.16
C VAL D 32 45.60 -13.82 -35.52
N ARG D 33 45.09 -14.00 -34.31
CA ARG D 33 45.18 -15.29 -33.62
C ARG D 33 43.90 -16.07 -33.89
N ARG D 34 44.02 -17.18 -34.60
CA ARG D 34 42.86 -17.88 -35.15
C ARG D 34 42.23 -18.81 -34.13
N PRO D 35 41.00 -19.26 -34.39
CA PRO D 35 40.28 -20.05 -33.37
C PRO D 35 40.96 -21.37 -33.05
N GLU D 36 41.58 -22.00 -34.07
CA GLU D 36 42.27 -23.27 -33.84
C GLU D 36 43.47 -23.11 -32.91
N GLU D 37 44.03 -21.91 -32.81
CA GLU D 37 45.25 -21.69 -32.05
C GLU D 37 44.98 -21.44 -30.57
N PHE D 38 43.89 -22.01 -30.04
CA PHE D 38 43.54 -21.90 -28.63
C PHE D 38 43.36 -23.29 -28.06
N SER D 39 43.17 -23.36 -26.75
CA SER D 39 42.90 -24.62 -26.04
C SER D 39 41.40 -24.71 -25.80
N HIS D 40 40.77 -25.72 -26.40
CA HIS D 40 39.32 -25.87 -26.39
C HIS D 40 38.90 -27.04 -25.49
N ASN D 41 37.71 -26.92 -24.91
CA ASN D 41 37.08 -28.02 -24.19
C ASN D 41 35.57 -27.93 -24.34
N GLU D 42 34.91 -29.10 -24.28
CA GLU D 42 33.46 -29.21 -24.31
C GLU D 42 33.02 -29.96 -23.07
N ILE D 43 32.23 -29.31 -22.22
CA ILE D 43 31.88 -29.82 -20.90
C ILE D 43 30.37 -29.76 -20.70
N GLN D 44 29.80 -30.82 -20.13
CA GLN D 44 28.39 -30.89 -19.78
C GLN D 44 28.16 -30.27 -18.40
N LEU D 45 27.04 -29.56 -18.25
CA LEU D 45 26.78 -28.77 -17.05
C LEU D 45 25.49 -29.21 -16.37
N SER D 46 25.38 -28.82 -15.10
CA SER D 46 24.19 -29.09 -14.30
C SER D 46 22.91 -28.70 -15.02
N THR D 47 22.96 -27.63 -15.80
CA THR D 47 21.77 -27.06 -16.43
C THR D 47 21.32 -27.83 -17.66
N GLY D 48 21.99 -28.93 -18.01
CA GLY D 48 21.53 -29.80 -19.08
C GLY D 48 22.01 -29.42 -20.46
N VAL D 49 23.10 -28.66 -20.58
CA VAL D 49 23.66 -28.30 -21.87
C VAL D 49 25.16 -28.50 -21.84
N LYS D 50 25.71 -28.84 -23.01
CA LYS D 50 27.15 -28.98 -23.19
C LYS D 50 27.70 -27.65 -23.69
N ILE D 51 28.59 -27.04 -22.92
CA ILE D 51 29.15 -25.74 -23.23
C ILE D 51 30.56 -25.92 -23.77
N HIS D 52 30.92 -25.11 -24.76
CA HIS D 52 32.27 -25.03 -25.27
C HIS D 52 32.95 -23.78 -24.72
N TYR D 53 34.25 -23.89 -24.46
CA TYR D 53 35.00 -22.77 -23.92
C TYR D 53 36.48 -22.97 -24.19
N VAL D 54 37.21 -21.86 -24.27
CA VAL D 54 38.66 -21.88 -24.29
C VAL D 54 39.15 -21.34 -22.96
N ARG D 55 40.30 -21.85 -22.52
CA ARG D 55 40.88 -21.49 -21.24
C ARG D 55 42.39 -21.41 -21.39
N GLU D 56 42.99 -20.46 -20.68
CA GLU D 56 44.45 -20.36 -20.61
C GLU D 56 44.80 -19.21 -19.68
N GLY D 57 46.01 -19.26 -19.16
CA GLY D 57 46.51 -18.26 -18.25
C GLY D 57 46.57 -18.77 -16.82
N SER D 58 46.98 -17.88 -15.93
CA SER D 58 47.14 -18.19 -14.51
C SER D 58 46.82 -16.95 -13.71
N GLY D 59 46.21 -17.14 -12.55
CA GLY D 59 45.76 -16.03 -11.72
C GLY D 59 44.32 -16.24 -11.31
N PRO D 60 43.65 -15.15 -10.91
CA PRO D 60 42.23 -15.27 -10.56
C PRO D 60 41.41 -15.50 -11.82
N PRO D 61 40.31 -16.26 -11.72
CA PRO D 61 39.52 -16.53 -12.92
C PRO D 61 38.93 -15.25 -13.50
N LEU D 62 39.05 -15.11 -14.82
CA LEU D 62 38.44 -14.01 -15.56
C LEU D 62 37.50 -14.62 -16.60
N LEU D 63 36.20 -14.45 -16.40
CA LEU D 63 35.19 -15.03 -17.27
C LEU D 63 34.68 -13.97 -18.24
N LEU D 64 34.88 -14.21 -19.54
CA LEU D 64 34.59 -13.26 -20.60
C LEU D 64 33.40 -13.78 -21.41
N LEU D 65 32.36 -12.96 -21.52
CA LEU D 65 31.07 -13.37 -22.08
C LEU D 65 30.72 -12.51 -23.27
N HIS D 66 30.54 -13.15 -24.43
CA HIS D 66 30.24 -12.49 -25.69
C HIS D 66 28.73 -12.23 -25.80
N GLY D 67 28.33 -11.58 -26.90
CA GLY D 67 26.94 -11.32 -27.21
C GLY D 67 26.64 -11.65 -28.67
N TRP D 68 25.66 -10.92 -29.22
CA TRP D 68 25.24 -11.13 -30.60
C TRP D 68 25.52 -9.90 -31.44
N PRO D 69 26.12 -10.05 -32.64
CA PRO D 69 26.69 -11.29 -33.20
C PRO D 69 27.95 -11.63 -32.43
N GLY D 70 28.23 -12.89 -32.15
CA GLY D 70 29.49 -13.20 -31.51
C GLY D 70 29.55 -14.64 -31.06
N PHE D 71 30.75 -15.02 -30.66
CA PHE D 71 31.05 -16.27 -29.98
C PHE D 71 32.35 -16.03 -29.23
N TRP D 72 32.89 -17.08 -28.60
CA TRP D 72 34.04 -16.89 -27.73
C TRP D 72 35.15 -16.10 -28.41
N TRP D 73 35.29 -16.26 -29.73
CA TRP D 73 36.46 -15.75 -30.45
C TRP D 73 36.46 -14.24 -30.63
N GLU D 74 35.35 -13.55 -30.34
CA GLU D 74 35.38 -12.09 -30.39
C GLU D 74 36.39 -11.53 -29.38
N TRP D 75 36.75 -12.33 -28.38
CA TRP D 75 37.73 -11.94 -27.37
C TRP D 75 39.17 -12.29 -27.76
N SER D 76 39.39 -12.73 -28.99
CA SER D 76 40.69 -13.29 -29.37
C SER D 76 41.83 -12.32 -29.09
N LYS D 77 41.61 -11.03 -29.34
CA LYS D 77 42.70 -10.07 -29.26
C LYS D 77 43.17 -9.80 -27.84
N VAL D 78 42.33 -10.03 -26.82
CA VAL D 78 42.68 -9.69 -25.44
C VAL D 78 43.02 -10.91 -24.59
N VAL D 79 42.87 -12.13 -25.12
CA VAL D 79 42.95 -13.31 -24.26
C VAL D 79 44.37 -13.49 -23.72
N ALA D 80 45.35 -13.64 -24.62
CA ALA D 80 46.71 -13.91 -24.16
C ALA D 80 47.27 -12.77 -23.31
N PRO D 81 47.11 -11.50 -23.67
CA PRO D 81 47.55 -10.44 -22.75
C PRO D 81 46.97 -10.57 -21.36
N LEU D 82 45.67 -10.87 -21.25
CA LEU D 82 45.04 -11.03 -19.95
C LEU D 82 45.49 -12.31 -19.27
N ALA D 83 45.90 -13.32 -20.04
CA ALA D 83 46.43 -14.54 -19.47
C ALA D 83 47.72 -14.30 -18.69
N GLU D 84 48.37 -13.14 -18.87
CA GLU D 84 49.54 -12.79 -18.08
C GLU D 84 49.18 -12.47 -16.64
N HIS D 85 47.90 -12.33 -16.31
CA HIS D 85 47.47 -12.01 -14.96
C HIS D 85 46.29 -12.84 -14.46
N PHE D 86 45.53 -13.48 -15.35
CA PHE D 86 44.29 -14.15 -14.98
C PHE D 86 44.24 -15.54 -15.58
N ASP D 87 43.47 -16.41 -14.93
CA ASP D 87 43.02 -17.66 -15.53
C ASP D 87 41.81 -17.33 -16.40
N VAL D 88 42.03 -17.12 -17.69
CA VAL D 88 41.02 -16.58 -18.58
C VAL D 88 40.13 -17.70 -19.09
N ILE D 89 38.82 -17.53 -18.90
CA ILE D 89 37.81 -18.50 -19.31
C ILE D 89 36.83 -17.80 -20.24
N VAL D 90 36.62 -18.37 -21.42
CA VAL D 90 35.84 -17.71 -22.47
C VAL D 90 34.89 -18.72 -23.10
N PRO D 91 33.64 -18.82 -22.65
CA PRO D 91 32.70 -19.79 -23.23
C PRO D 91 31.86 -19.21 -24.35
N ASP D 92 31.26 -20.12 -25.11
CA ASP D 92 30.14 -19.79 -25.99
C ASP D 92 28.85 -19.96 -25.20
N LEU D 93 27.98 -18.95 -25.25
CA LEU D 93 26.66 -19.10 -24.67
C LEU D 93 25.91 -20.22 -25.37
N ARG D 94 24.96 -20.84 -24.66
CA ARG D 94 24.08 -21.79 -25.30
C ARG D 94 23.41 -21.13 -26.50
N GLY D 95 23.33 -21.86 -27.61
CA GLY D 95 22.84 -21.30 -28.85
C GLY D 95 23.86 -20.57 -29.68
N PHE D 96 25.14 -20.60 -29.28
CA PHE D 96 26.20 -19.89 -29.97
C PHE D 96 27.41 -20.79 -30.16
N GLY D 97 28.29 -20.39 -31.07
CA GLY D 97 29.55 -21.06 -31.29
C GLY D 97 29.45 -22.57 -31.39
N ASP D 98 30.20 -23.27 -30.55
CA ASP D 98 30.18 -24.72 -30.49
C ASP D 98 29.49 -25.25 -29.23
N SER D 99 28.94 -24.37 -28.41
CA SER D 99 28.10 -24.82 -27.32
C SER D 99 26.78 -25.37 -27.87
N GLU D 100 26.11 -26.17 -27.06
CA GLU D 100 24.91 -26.86 -27.52
C GLU D 100 23.84 -25.86 -27.93
N LYS D 101 23.11 -26.20 -28.99
CA LYS D 101 21.88 -25.53 -29.37
C LYS D 101 20.71 -26.37 -28.87
N PRO D 102 20.02 -25.98 -27.80
CA PRO D 102 18.82 -26.74 -27.39
C PRO D 102 17.84 -26.87 -28.53
N ASP D 103 16.84 -27.74 -28.35
CA ASP D 103 15.73 -27.87 -29.29
C ASP D 103 15.38 -26.51 -29.89
N LEU D 104 15.63 -26.35 -31.18
CA LEU D 104 15.47 -25.03 -31.80
C LEU D 104 14.03 -24.58 -31.88
N GLY D 105 13.06 -25.46 -31.60
CA GLY D 105 11.67 -25.10 -31.50
C GLY D 105 11.18 -24.81 -30.11
N ASP D 106 12.03 -24.98 -29.10
CA ASP D 106 11.68 -24.72 -27.71
C ASP D 106 12.32 -23.39 -27.31
N ILE D 107 11.56 -22.31 -27.48
CA ILE D 107 12.07 -20.98 -27.18
C ILE D 107 12.46 -20.87 -25.71
N SER D 108 11.76 -21.58 -24.82
CA SER D 108 11.99 -21.41 -23.39
C SER D 108 13.43 -21.72 -22.98
N GLN D 109 14.14 -22.53 -23.76
CA GLN D 109 15.52 -22.89 -23.46
C GLN D 109 16.51 -21.83 -23.89
N TYR D 110 16.04 -20.69 -24.39
CA TYR D 110 16.92 -19.62 -24.86
C TYR D 110 16.72 -18.33 -24.07
N THR D 111 16.25 -18.45 -22.84
CA THR D 111 16.13 -17.27 -21.99
C THR D 111 17.48 -16.88 -21.40
N LEU D 112 17.59 -15.60 -21.02
CA LEU D 112 18.81 -15.12 -20.40
C LEU D 112 18.98 -15.63 -18.98
N ASP D 113 17.90 -16.09 -18.34
CA ASP D 113 18.03 -16.76 -17.04
C ASP D 113 18.75 -18.10 -17.20
N HIS D 114 18.45 -18.83 -18.26
CA HIS D 114 19.17 -20.09 -18.53
C HIS D 114 20.65 -19.82 -18.77
N ALA D 115 20.95 -18.91 -19.70
CA ALA D 115 22.35 -18.60 -20.00
C ALA D 115 23.08 -18.07 -18.77
N THR D 116 22.37 -17.43 -17.85
CA THR D 116 23.00 -16.97 -16.61
C THR D 116 23.34 -18.15 -15.70
N ASP D 117 22.38 -19.06 -15.50
CA ASP D 117 22.64 -20.25 -14.71
C ASP D 117 23.75 -21.10 -15.30
N ASP D 118 23.91 -21.06 -16.63
CA ASP D 118 25.00 -21.80 -17.27
C ASP D 118 26.36 -21.34 -16.76
N GLN D 119 26.46 -20.09 -16.32
CA GLN D 119 27.77 -19.56 -15.91
C GLN D 119 28.13 -19.99 -14.50
N ALA D 120 27.17 -19.98 -13.58
CA ALA D 120 27.41 -20.56 -12.26
C ALA D 120 27.63 -22.06 -12.36
N ALA D 121 26.88 -22.71 -13.26
CA ALA D 121 27.08 -24.14 -13.48
C ALA D 121 28.47 -24.43 -14.03
N LEU D 122 29.01 -23.53 -14.85
CA LEU D 122 30.35 -23.75 -15.40
C LEU D 122 31.41 -23.59 -14.32
N LEU D 123 31.34 -22.51 -13.54
CA LEU D 123 32.25 -22.36 -12.42
C LEU D 123 32.18 -23.57 -11.49
N ASP D 124 30.97 -24.05 -11.21
CA ASP D 124 30.82 -25.26 -10.40
C ASP D 124 31.67 -26.40 -10.96
N GLU D 125 31.51 -26.69 -12.25
CA GLU D 125 32.14 -27.85 -12.86
C GLU D 125 33.66 -27.71 -12.97
N LEU D 126 34.18 -26.48 -12.90
CA LEU D 126 35.61 -26.24 -12.88
C LEU D 126 36.16 -26.01 -11.47
N GLY D 127 35.33 -26.18 -10.44
CA GLY D 127 35.78 -26.01 -9.07
C GLY D 127 36.22 -24.60 -8.73
N ILE D 128 35.58 -23.59 -9.32
CA ILE D 128 35.93 -22.19 -9.08
C ILE D 128 34.88 -21.59 -8.14
N ASP D 129 35.33 -21.10 -6.99
CA ASP D 129 34.42 -20.54 -6.00
C ASP D 129 33.92 -19.16 -6.41
N GLU D 130 34.79 -18.33 -6.98
CA GLU D 130 34.44 -16.97 -7.35
C GLU D 130 35.36 -16.52 -8.47
N ALA D 131 34.86 -15.58 -9.28
CA ALA D 131 35.55 -15.17 -10.48
C ALA D 131 35.30 -13.69 -10.75
N TYR D 132 36.26 -13.05 -11.41
CA TYR D 132 35.99 -11.81 -12.10
C TYR D 132 35.15 -12.11 -13.33
N VAL D 133 34.15 -11.27 -13.60
CA VAL D 133 33.16 -11.54 -14.62
C VAL D 133 33.02 -10.31 -15.51
N VAL D 134 32.97 -10.55 -16.82
CA VAL D 134 32.94 -9.49 -17.82
C VAL D 134 31.93 -9.88 -18.90
N GLY D 135 31.14 -8.91 -19.34
CA GLY D 135 30.14 -9.19 -20.36
C GLY D 135 29.66 -7.91 -21.03
N HIS D 136 29.04 -8.09 -22.19
CA HIS D 136 28.45 -7.00 -22.94
C HIS D 136 27.34 -7.55 -23.82
N ASP D 137 26.53 -6.64 -24.37
CA ASP D 137 25.40 -7.01 -25.24
C ASP D 137 24.52 -7.97 -24.43
N TYR D 138 24.15 -9.13 -24.96
CA TYR D 138 23.34 -10.07 -24.17
C TYR D 138 24.03 -10.43 -22.86
N ALA D 139 25.37 -10.52 -22.87
CA ALA D 139 26.09 -10.87 -21.66
C ALA D 139 26.13 -9.73 -20.65
N ALA D 140 25.83 -8.50 -21.07
CA ALA D 140 25.59 -7.43 -20.11
C ALA D 140 24.37 -7.75 -19.26
N ILE D 141 23.34 -8.34 -19.87
CA ILE D 141 22.18 -8.76 -19.10
C ILE D 141 22.53 -9.94 -18.22
N ILE D 142 23.30 -10.90 -18.75
CA ILE D 142 23.73 -12.04 -17.96
C ILE D 142 24.49 -11.56 -16.72
N VAL D 143 25.45 -10.65 -16.92
CA VAL D 143 26.24 -10.17 -15.79
C VAL D 143 25.36 -9.42 -14.81
N HIS D 144 24.45 -8.57 -15.33
CA HIS D 144 23.51 -7.91 -14.45
C HIS D 144 22.79 -8.91 -13.56
N LYS D 145 22.35 -10.02 -14.14
CA LYS D 145 21.65 -11.04 -13.37
C LYS D 145 22.62 -11.81 -12.47
N PHE D 146 23.81 -12.12 -12.98
CA PHE D 146 24.73 -12.98 -12.25
C PHE D 146 25.12 -12.37 -10.91
N ILE D 147 25.47 -11.08 -10.90
CA ILE D 147 25.98 -10.46 -9.68
C ILE D 147 24.89 -10.21 -8.65
N ARG D 148 23.62 -10.42 -9.00
CA ARG D 148 22.52 -10.38 -8.05
C ARG D 148 22.00 -11.75 -7.68
N LYS D 149 22.02 -12.69 -8.61
CA LYS D 149 21.59 -14.06 -8.34
C LYS D 149 22.70 -14.88 -7.69
N PHE D 150 23.95 -14.67 -8.12
CA PHE D 150 25.10 -15.37 -7.56
C PHE D 150 26.13 -14.38 -7.02
N ARG D 151 25.73 -13.58 -6.02
CA ARG D 151 26.63 -12.53 -5.53
C ARG D 151 27.91 -13.11 -4.95
N ASN D 152 27.84 -14.27 -4.33
CA ASN D 152 29.00 -14.89 -3.70
C ASN D 152 29.92 -15.60 -4.69
N ARG D 153 29.58 -15.58 -5.99
CA ARG D 153 30.40 -16.21 -7.02
C ARG D 153 31.16 -15.21 -7.87
N VAL D 154 31.16 -13.93 -7.49
CA VAL D 154 31.79 -12.88 -8.27
C VAL D 154 32.62 -12.02 -7.35
N ILE D 155 33.82 -11.64 -7.81
CA ILE D 155 34.75 -10.85 -7.02
C ILE D 155 34.49 -9.38 -7.33
N LYS D 156 34.78 -9.00 -8.57
CA LYS D 156 34.32 -7.75 -9.15
C LYS D 156 33.78 -8.05 -10.54
N ALA D 157 33.13 -7.06 -11.14
CA ALA D 157 32.56 -7.24 -12.46
C ALA D 157 32.81 -6.02 -13.32
N ALA D 158 32.88 -6.24 -14.62
CA ALA D 158 32.86 -5.19 -15.61
C ALA D 158 31.75 -5.47 -16.61
N ILE D 159 31.11 -4.40 -17.08
CA ILE D 159 30.09 -4.49 -18.12
C ILE D 159 30.40 -3.43 -19.16
N PHE D 160 30.46 -3.83 -20.43
CA PHE D 160 30.66 -2.90 -21.54
C PHE D 160 29.30 -2.56 -22.14
N ASP D 161 29.04 -1.26 -22.33
CA ASP D 161 27.79 -0.78 -22.89
C ASP D 161 26.62 -1.48 -22.21
N PRO D 162 26.41 -1.24 -20.93
CA PRO D 162 25.46 -2.06 -20.17
C PRO D 162 24.02 -1.84 -20.61
N ILE D 163 23.21 -2.86 -20.34
CA ILE D 163 21.79 -2.88 -20.64
C ILE D 163 21.07 -3.13 -19.32
N THR D 164 20.32 -2.15 -18.84
CA THR D 164 19.64 -2.22 -17.56
C THR D 164 18.17 -2.57 -17.75
N PRO D 165 17.46 -2.90 -16.67
CA PRO D 165 16.07 -3.39 -16.80
C PRO D 165 15.10 -2.40 -17.41
N ASP D 166 15.41 -1.11 -17.44
CA ASP D 166 14.54 -0.12 -18.07
C ASP D 166 14.93 0.15 -19.52
N PHE D 167 15.73 -0.73 -20.11
CA PHE D 167 16.23 -0.50 -21.47
C PHE D 167 15.10 -0.44 -22.48
N GLY D 168 14.08 -1.28 -22.30
CA GLY D 168 13.05 -1.41 -23.33
C GLY D 168 12.38 -0.11 -23.70
N GLU D 169 12.05 0.71 -22.70
CA GLU D 169 11.31 1.95 -22.99
C GLU D 169 12.07 2.82 -23.96
N PHE D 170 13.40 2.75 -23.96
CA PHE D 170 14.21 3.47 -24.94
C PHE D 170 14.44 2.65 -26.20
N TYR D 171 14.69 1.35 -26.04
CA TYR D 171 15.12 0.52 -27.17
C TYR D 171 14.00 0.36 -28.20
N PHE D 172 12.76 0.22 -27.73
CA PHE D 172 11.59 0.15 -28.59
C PHE D 172 10.88 1.49 -28.72
N GLY D 173 11.47 2.57 -28.23
CA GLY D 173 10.87 3.88 -28.32
C GLY D 173 11.28 4.62 -29.58
N ILE D 174 10.70 5.80 -29.74
CA ILE D 174 11.01 6.70 -30.85
C ILE D 174 12.21 7.54 -30.47
N PRO D 175 13.25 7.65 -31.31
CA PRO D 175 13.45 7.04 -32.63
C PRO D 175 14.30 5.77 -32.64
N HIS D 176 14.55 5.10 -31.51
CA HIS D 176 15.47 3.96 -31.54
C HIS D 176 14.89 2.75 -32.26
N VAL D 177 13.60 2.77 -32.61
CA VAL D 177 13.06 1.68 -33.43
C VAL D 177 13.82 1.57 -34.75
N SER D 178 14.43 2.67 -35.19
CA SER D 178 15.24 2.62 -36.40
C SER D 178 16.52 1.80 -36.21
N GLU D 179 16.91 1.55 -34.96
CA GLU D 179 18.07 0.71 -34.66
C GLU D 179 17.70 -0.69 -34.21
N SER D 180 16.58 -0.85 -33.52
CA SER D 180 16.19 -2.12 -32.91
C SER D 180 15.31 -2.98 -33.81
N TRP D 181 15.13 -2.58 -35.08
CA TRP D 181 14.31 -3.37 -36.00
C TRP D 181 14.76 -4.82 -36.06
N TYR D 182 16.07 -5.07 -36.00
CA TYR D 182 16.59 -6.42 -36.17
C TYR D 182 16.03 -7.38 -35.12
N SER D 183 15.74 -6.87 -33.91
CA SER D 183 15.21 -7.73 -32.87
C SER D 183 13.83 -8.26 -33.24
N GLN D 184 13.06 -7.51 -34.02
CA GLN D 184 11.73 -7.96 -34.41
C GLN D 184 11.76 -8.75 -35.72
N PHE D 185 12.70 -8.45 -36.60
CA PHE D 185 12.93 -9.28 -37.78
C PHE D 185 13.25 -10.72 -37.39
N HIS D 186 14.13 -10.90 -36.42
CA HIS D 186 14.53 -12.22 -35.96
C HIS D 186 13.36 -13.03 -35.41
N GLN D 187 12.22 -12.40 -35.14
CA GLN D 187 11.05 -13.14 -34.68
C GLN D 187 10.45 -14.00 -35.79
N THR D 188 10.69 -13.66 -37.06
CA THR D 188 10.04 -14.34 -38.17
C THR D 188 10.85 -15.55 -38.60
N ASP D 189 10.15 -16.61 -39.01
CA ASP D 189 10.82 -17.73 -39.65
C ASP D 189 11.63 -17.28 -40.86
N MET D 190 11.14 -16.27 -41.58
CA MET D 190 11.83 -15.83 -42.78
C MET D 190 13.24 -15.34 -42.48
N SER D 191 13.47 -14.78 -41.28
CA SER D 191 14.81 -14.29 -40.96
C SER D 191 15.84 -15.40 -40.96
N VAL D 192 15.50 -16.55 -40.36
CA VAL D 192 16.40 -17.71 -40.39
C VAL D 192 16.58 -18.19 -41.82
N GLU D 193 15.48 -18.31 -42.55
CA GLU D 193 15.56 -18.79 -43.93
C GLU D 193 16.40 -17.87 -44.79
N LEU D 194 16.20 -16.55 -44.67
CA LEU D 194 16.93 -15.63 -45.52
C LEU D 194 18.41 -15.59 -45.17
N VAL D 195 18.73 -15.45 -43.88
CA VAL D 195 20.11 -15.22 -43.47
C VAL D 195 20.94 -16.49 -43.61
N SER D 196 20.33 -17.66 -43.46
CA SER D 196 21.03 -18.93 -43.59
C SER D 196 21.00 -19.48 -45.00
N SER D 197 20.42 -18.76 -45.96
CA SER D 197 20.25 -19.30 -47.30
C SER D 197 21.58 -19.54 -48.02
N SER D 198 22.64 -18.83 -47.64
CA SER D 198 23.93 -19.06 -48.26
C SER D 198 25.00 -18.31 -47.47
N ARG D 199 26.26 -18.70 -47.70
CA ARG D 199 27.38 -17.94 -47.14
C ARG D 199 27.30 -16.48 -47.54
N THR D 200 26.92 -16.22 -48.79
CA THR D 200 26.83 -14.83 -49.25
C THR D 200 25.79 -14.07 -48.43
N ALA D 201 24.59 -14.63 -48.29
CA ALA D 201 23.54 -13.97 -47.52
C ALA D 201 24.01 -13.69 -46.09
N CYS D 202 24.37 -14.75 -45.38
CA CYS D 202 24.92 -14.62 -44.03
C CYS D 202 25.92 -13.47 -43.94
N LYS D 203 26.90 -13.44 -44.84
CA LYS D 203 27.95 -12.42 -44.77
C LYS D 203 27.37 -11.03 -44.99
N ILE D 204 26.53 -10.89 -46.01
CA ILE D 204 25.87 -9.60 -46.26
C ILE D 204 25.22 -9.10 -44.98
N TYR D 205 24.52 -10.00 -44.28
CA TYR D 205 23.68 -9.60 -43.16
C TYR D 205 24.52 -9.18 -41.95
N PHE D 206 25.44 -10.04 -41.51
CA PHE D 206 26.20 -9.78 -40.29
C PHE D 206 27.21 -8.65 -40.48
N THR D 207 27.61 -8.36 -41.71
CA THR D 207 28.56 -7.27 -41.93
C THR D 207 27.99 -5.94 -41.47
N HIS D 208 26.68 -5.73 -41.70
CA HIS D 208 26.06 -4.46 -41.35
C HIS D 208 26.17 -4.17 -39.86
N PHE D 209 25.88 -5.18 -39.03
CA PHE D 209 25.88 -4.94 -37.58
C PHE D 209 27.29 -4.75 -37.06
N MET D 210 28.25 -5.53 -37.55
CA MET D 210 29.62 -5.37 -37.07
C MET D 210 30.15 -3.97 -37.33
N ASN D 211 29.84 -3.41 -38.51
CA ASN D 211 30.37 -2.11 -38.89
C ASN D 211 29.50 -0.97 -38.34
N HIS D 212 28.18 -1.07 -38.53
CA HIS D 212 27.31 0.04 -38.15
C HIS D 212 27.28 0.27 -36.64
N TRP D 213 27.46 -0.79 -35.85
CA TRP D 213 27.55 -0.66 -34.40
C TRP D 213 28.93 -0.22 -33.93
N SER D 214 29.87 0.02 -34.84
CA SER D 214 31.25 0.33 -34.49
C SER D 214 31.56 1.79 -34.77
N TYR D 215 32.59 2.30 -34.09
CA TYR D 215 33.01 3.68 -34.31
C TYR D 215 33.54 3.86 -35.73
N ARG D 216 34.61 3.15 -36.07
CA ARG D 216 35.16 3.25 -37.41
C ARG D 216 34.23 2.55 -38.41
N ASP D 217 34.51 2.76 -39.69
CA ASP D 217 33.59 2.33 -40.74
C ASP D 217 33.63 0.82 -40.95
N GLU D 218 34.77 0.18 -40.69
CA GLU D 218 34.92 -1.26 -40.86
C GLU D 218 35.62 -1.84 -39.64
N LEU D 219 34.98 -2.84 -39.02
CA LEU D 219 35.52 -3.43 -37.81
C LEU D 219 36.49 -4.57 -38.12
N LEU D 220 36.05 -5.55 -38.91
CA LEU D 220 36.82 -6.76 -39.16
C LEU D 220 37.40 -6.74 -40.57
N THR D 221 38.62 -7.24 -40.70
CA THR D 221 39.16 -7.55 -42.01
C THR D 221 38.33 -8.68 -42.63
N ASP D 222 38.57 -8.94 -43.92
CA ASP D 222 37.80 -9.97 -44.60
C ASP D 222 38.14 -11.36 -44.06
N ASP D 223 39.40 -11.59 -43.72
CA ASP D 223 39.79 -12.86 -43.12
C ASP D 223 39.09 -13.07 -41.78
N GLU D 224 39.01 -12.02 -40.96
CA GLU D 224 38.28 -12.13 -39.69
C GLU D 224 36.79 -12.35 -39.94
N MET D 225 36.20 -11.62 -40.89
CA MET D 225 34.78 -11.77 -41.16
C MET D 225 34.46 -13.15 -41.69
N GLU D 226 35.34 -13.71 -42.53
CA GLU D 226 35.13 -15.07 -43.02
C GLU D 226 35.18 -16.07 -41.88
N ILE D 227 36.00 -15.81 -40.87
CA ILE D 227 35.97 -16.65 -39.67
C ILE D 227 34.62 -16.56 -38.98
N TYR D 228 34.01 -15.36 -39.00
CA TYR D 228 32.68 -15.19 -38.43
C TYR D 228 31.64 -16.00 -39.21
N VAL D 229 31.66 -15.88 -40.54
CA VAL D 229 30.67 -16.61 -41.35
C VAL D 229 30.80 -18.11 -41.12
N ASP D 230 32.03 -18.60 -41.01
CA ASP D 230 32.24 -20.01 -40.67
C ASP D 230 31.43 -20.39 -39.43
N ASN D 231 31.49 -19.54 -38.40
CA ASN D 231 30.79 -19.85 -37.15
C ASN D 231 29.28 -19.82 -37.34
N PHE D 232 28.75 -18.76 -37.95
CA PHE D 232 27.31 -18.60 -38.04
C PHE D 232 26.68 -19.54 -39.06
N MET D 233 27.47 -20.18 -39.92
CA MET D 233 26.94 -21.18 -40.82
C MET D 233 26.93 -22.58 -40.20
N LYS D 234 27.67 -22.79 -39.11
CA LYS D 234 27.54 -24.03 -38.36
C LYS D 234 26.07 -24.29 -38.05
N ALA D 235 25.67 -25.56 -38.12
CA ALA D 235 24.26 -25.91 -38.02
C ALA D 235 23.64 -25.35 -36.75
N GLY D 236 22.56 -24.58 -36.90
CA GLY D 236 21.79 -24.11 -35.79
C GLY D 236 22.20 -22.76 -35.21
N ASN D 237 23.30 -22.17 -35.69
CA ASN D 237 23.82 -20.98 -35.02
C ASN D 237 23.04 -19.72 -35.39
N ILE D 238 22.58 -19.60 -36.63
CA ILE D 238 21.71 -18.48 -36.99
C ILE D 238 20.37 -18.61 -36.27
N HIS D 239 19.77 -19.80 -36.33
CA HIS D 239 18.47 -20.02 -35.69
C HIS D 239 18.56 -19.86 -34.18
N GLY D 240 19.60 -20.44 -33.57
CA GLY D 240 19.75 -20.34 -32.14
C GLY D 240 19.96 -18.91 -31.68
N GLY D 241 20.74 -18.13 -32.43
CA GLY D 241 20.93 -16.73 -32.09
C GLY D 241 19.65 -15.93 -32.14
N PHE D 242 18.82 -16.18 -33.16
CA PHE D 242 17.55 -15.48 -33.26
C PHE D 242 16.56 -15.93 -32.20
N ASN D 243 16.71 -17.15 -31.68
CA ASN D 243 15.85 -17.61 -30.59
C ASN D 243 16.04 -16.78 -29.33
N TYR D 244 17.25 -16.25 -29.09
CA TYR D 244 17.44 -15.35 -27.97
C TYR D 244 16.50 -14.15 -28.08
N TYR D 245 16.30 -13.67 -29.30
CA TYR D 245 15.41 -12.52 -29.50
C TYR D 245 13.95 -12.91 -29.33
N ARG D 246 13.60 -14.15 -29.67
CA ARG D 246 12.24 -14.62 -29.51
C ARG D 246 11.91 -14.93 -28.06
N ALA D 247 12.92 -15.27 -27.26
CA ALA D 247 12.72 -15.54 -25.84
C ALA D 247 12.80 -14.28 -24.99
N ASN D 248 13.55 -13.27 -25.44
CA ASN D 248 13.92 -12.15 -24.58
C ASN D 248 13.49 -10.78 -25.10
N LEU D 249 13.28 -10.61 -26.41
CA LEU D 249 12.98 -9.30 -26.96
C LEU D 249 11.74 -9.30 -27.85
N SER D 250 10.84 -10.26 -27.68
CA SER D 250 9.54 -10.18 -28.31
C SER D 250 8.61 -9.29 -27.50
N MET D 251 7.54 -8.83 -28.14
CA MET D 251 6.58 -7.99 -27.45
C MET D 251 5.90 -8.72 -26.29
N THR D 252 6.00 -10.04 -26.22
CA THR D 252 5.46 -10.81 -25.11
C THR D 252 6.53 -11.36 -24.19
N SER D 253 7.79 -10.94 -24.36
CA SER D 253 8.89 -11.45 -23.57
C SER D 253 9.09 -10.63 -22.30
N ALA D 254 9.50 -11.30 -21.23
CA ALA D 254 9.67 -10.70 -19.91
C ALA D 254 10.97 -11.21 -19.31
N PRO D 255 12.11 -10.79 -19.87
CA PRO D 255 13.39 -11.39 -19.45
C PRO D 255 13.89 -10.93 -18.08
N TRP D 256 13.47 -9.76 -17.60
CA TRP D 256 13.93 -9.26 -16.32
C TRP D 256 13.02 -9.76 -15.20
N ASN D 257 13.61 -9.91 -14.02
CA ASN D 257 12.90 -10.37 -12.82
C ASN D 257 13.01 -9.31 -11.74
N GLU D 258 12.20 -9.48 -10.69
CA GLU D 258 12.20 -8.51 -9.60
C GLU D 258 13.56 -8.40 -8.94
N LEU D 259 14.33 -9.50 -8.91
CA LEU D 259 15.65 -9.44 -8.30
C LEU D 259 16.59 -8.54 -9.10
N ASP D 260 16.35 -8.41 -10.41
CA ASP D 260 17.20 -7.57 -11.24
C ASP D 260 17.01 -6.09 -10.96
N ASP D 261 15.96 -5.71 -10.22
CA ASP D 261 15.82 -4.33 -9.77
C ASP D 261 16.70 -4.01 -8.57
N GLU D 262 17.32 -5.02 -7.97
CA GLU D 262 18.17 -4.80 -6.81
C GLU D 262 19.33 -3.87 -7.16
N VAL D 263 19.52 -2.84 -6.34
CA VAL D 263 20.71 -2.01 -6.41
C VAL D 263 21.85 -2.78 -5.74
N THR D 264 22.91 -3.06 -6.48
CA THR D 264 24.04 -3.79 -5.94
C THR D 264 25.17 -2.84 -5.59
N ASP D 265 25.89 -3.18 -4.52
CA ASP D 265 27.07 -2.43 -4.11
C ASP D 265 28.36 -3.12 -4.53
N LEU D 266 28.28 -4.14 -5.36
CA LEU D 266 29.48 -4.76 -5.89
C LEU D 266 30.30 -3.75 -6.67
N PRO D 267 31.63 -3.76 -6.54
CA PRO D 267 32.45 -2.88 -7.40
C PRO D 267 32.28 -3.26 -8.86
N VAL D 268 31.76 -2.33 -9.66
CA VAL D 268 31.46 -2.58 -11.06
C VAL D 268 32.19 -1.55 -11.92
N THR D 269 32.88 -2.03 -12.95
CA THR D 269 33.58 -1.18 -13.91
C THR D 269 32.75 -1.12 -15.19
N ILE D 270 32.37 0.09 -15.61
CA ILE D 270 31.60 0.29 -16.83
C ILE D 270 32.46 1.03 -17.85
N LEU D 271 32.68 0.38 -19.01
CA LEU D 271 33.23 1.03 -20.19
C LEU D 271 32.11 1.18 -21.21
N TRP D 272 32.00 2.36 -21.83
CA TRP D 272 30.97 2.60 -22.84
C TRP D 272 31.62 3.11 -24.10
N GLY D 273 31.33 2.43 -25.22
CA GLY D 273 31.77 2.92 -26.52
C GLY D 273 30.88 4.05 -27.00
N GLN D 274 31.42 5.26 -27.05
CA GLN D 274 30.63 6.40 -27.48
C GLN D 274 30.12 6.25 -28.91
N GLY D 275 30.69 5.32 -29.68
CA GLY D 275 30.25 5.05 -31.03
C GLY D 275 29.21 3.96 -31.15
N ASP D 276 28.72 3.43 -30.03
CA ASP D 276 27.72 2.35 -30.07
C ASP D 276 26.38 2.94 -30.48
N THR D 277 25.92 2.61 -31.69
CA THR D 277 24.65 3.12 -32.18
C THR D 277 23.45 2.39 -31.61
N VAL D 278 23.61 1.13 -31.17
CA VAL D 278 22.48 0.31 -30.77
C VAL D 278 22.28 0.36 -29.25
N VAL D 279 23.37 0.52 -28.51
CA VAL D 279 23.28 0.76 -27.06
C VAL D 279 24.04 2.05 -26.77
N PRO D 280 23.46 3.22 -27.02
CA PRO D 280 24.22 4.46 -26.94
C PRO D 280 24.57 4.85 -25.52
N SER D 281 25.69 5.57 -25.39
CA SER D 281 26.24 5.94 -24.09
C SER D 281 25.43 7.01 -23.38
N LEU D 282 24.51 7.69 -24.06
CA LEU D 282 23.61 8.59 -23.36
C LEU D 282 22.82 7.86 -22.29
N LEU D 283 22.70 6.53 -22.39
CA LEU D 283 22.00 5.73 -21.38
C LEU D 283 22.77 5.58 -20.08
N ALA D 284 24.01 6.10 -20.01
CA ALA D 284 24.77 5.99 -18.78
C ALA D 284 24.07 6.65 -17.60
N ASP D 285 23.05 7.49 -17.86
CA ASP D 285 22.36 8.21 -16.79
C ASP D 285 21.34 7.34 -16.06
N ARG D 286 21.11 6.11 -16.51
CA ARG D 286 20.22 5.18 -15.84
C ARG D 286 20.96 4.26 -14.87
N LEU D 287 22.28 4.25 -14.91
CA LEU D 287 23.03 3.32 -14.05
C LEU D 287 22.77 3.54 -12.56
N PRO D 288 22.66 4.77 -12.05
CA PRO D 288 22.46 4.93 -10.60
C PRO D 288 21.21 4.24 -10.07
N LYS D 289 20.21 3.99 -10.93
CA LYS D 289 19.02 3.29 -10.48
C LYS D 289 19.33 1.86 -10.07
N TYR D 290 20.48 1.32 -10.48
CA TYR D 290 20.79 -0.09 -10.30
C TYR D 290 22.16 -0.37 -9.70
N TYR D 291 23.06 0.62 -9.65
CA TYR D 291 24.40 0.42 -9.14
C TYR D 291 24.78 1.57 -8.22
N SER D 292 25.30 1.24 -7.05
CA SER D 292 25.72 2.22 -6.05
C SER D 292 27.22 2.28 -5.86
N ASN D 293 27.98 1.52 -6.65
CA ASN D 293 29.42 1.41 -6.46
C ASN D 293 30.06 1.07 -7.81
N TYR D 294 29.89 1.98 -8.77
CA TYR D 294 30.33 1.75 -10.14
C TYR D 294 31.16 2.93 -10.63
N THR D 295 32.06 2.64 -11.57
CA THR D 295 32.83 3.67 -12.27
C THR D 295 32.43 3.67 -13.75
N LEU D 296 32.60 4.82 -14.38
CA LEU D 296 32.25 4.99 -15.79
C LEU D 296 33.42 5.56 -16.56
N GLU D 297 33.75 4.94 -17.69
CA GLU D 297 34.68 5.51 -18.66
C GLU D 297 34.03 5.44 -20.04
N ILE D 298 33.92 6.59 -20.69
CA ILE D 298 33.35 6.69 -22.02
C ILE D 298 34.51 6.76 -23.01
N VAL D 299 34.61 5.73 -23.85
CA VAL D 299 35.64 5.68 -24.89
C VAL D 299 35.07 6.33 -26.15
N GLU D 300 35.76 7.35 -26.64
CA GLU D 300 35.20 8.20 -27.69
C GLU D 300 35.31 7.55 -29.07
N ASP D 301 36.36 6.79 -29.33
CA ASP D 301 36.57 6.17 -30.63
C ASP D 301 36.34 4.67 -30.59
N ALA D 302 35.42 4.21 -29.74
CA ALA D 302 35.03 2.81 -29.67
C ALA D 302 33.52 2.69 -29.82
N GLY D 303 33.09 1.57 -30.37
CA GLY D 303 31.69 1.30 -30.54
C GLY D 303 31.21 0.15 -29.67
N HIS D 304 30.40 -0.73 -30.26
CA HIS D 304 29.74 -1.80 -29.53
C HIS D 304 30.67 -2.96 -29.20
N PHE D 305 31.82 -3.06 -29.86
CA PHE D 305 32.73 -4.21 -29.73
C PHE D 305 34.07 -3.72 -29.20
N MET D 306 34.08 -3.35 -27.92
CA MET D 306 35.28 -2.79 -27.31
C MET D 306 36.46 -3.76 -27.41
N MET D 307 36.23 -5.04 -27.11
CA MET D 307 37.31 -6.02 -27.15
C MET D 307 37.87 -6.20 -28.55
N VAL D 308 37.13 -5.80 -29.58
CA VAL D 308 37.57 -5.91 -30.96
C VAL D 308 38.16 -4.60 -31.47
N GLU D 309 37.51 -3.48 -31.17
CA GLU D 309 37.92 -2.19 -31.71
C GLU D 309 39.01 -1.51 -30.88
N LYS D 310 39.10 -1.82 -29.58
CA LYS D 310 40.11 -1.22 -28.71
C LYS D 310 40.56 -2.26 -27.70
N PRO D 311 41.25 -3.31 -28.15
CA PRO D 311 41.70 -4.34 -27.20
C PRO D 311 42.57 -3.80 -26.07
N ASP D 312 43.45 -2.84 -26.35
CA ASP D 312 44.36 -2.36 -25.32
C ASP D 312 43.66 -1.55 -24.23
N ILE D 313 42.50 -0.97 -24.54
CA ILE D 313 41.70 -0.37 -23.48
C ILE D 313 41.07 -1.45 -22.61
N VAL D 314 40.52 -2.49 -23.25
CA VAL D 314 39.95 -3.60 -22.49
C VAL D 314 41.02 -4.27 -21.65
N ILE D 315 42.16 -4.59 -22.26
CA ILE D 315 43.24 -5.26 -21.53
C ILE D 315 43.69 -4.40 -20.35
N GLU D 316 43.90 -3.10 -20.60
CA GLU D 316 44.50 -2.24 -19.59
C GLU D 316 43.56 -1.98 -18.42
N ARG D 317 42.26 -1.84 -18.69
CA ARG D 317 41.34 -1.44 -17.61
C ARG D 317 40.93 -2.63 -16.75
N LEU D 318 40.75 -3.81 -17.35
CA LEU D 318 40.47 -5.00 -16.55
C LEU D 318 41.63 -5.28 -15.61
N THR D 319 42.86 -5.04 -16.07
CA THR D 319 44.02 -5.15 -15.19
C THR D 319 43.97 -4.13 -14.07
N ALA D 320 43.66 -2.88 -14.42
CA ALA D 320 43.65 -1.81 -13.42
C ALA D 320 42.56 -2.01 -12.38
N ALA D 321 41.38 -2.46 -12.81
CA ALA D 321 40.25 -2.58 -11.88
C ALA D 321 40.31 -3.88 -11.09
N PHE D 322 40.74 -4.97 -11.71
CA PHE D 322 40.79 -6.26 -11.02
C PHE D 322 42.18 -6.50 -10.43
N ALA E 31 -55.64 32.40 5.88
CA ALA E 31 -56.10 33.50 5.03
C ALA E 31 -54.93 34.15 4.31
N VAL E 32 -55.13 34.45 3.02
CA VAL E 32 -54.05 34.88 2.15
C VAL E 32 -53.82 36.38 2.32
N ARG E 33 -52.54 36.79 2.29
CA ARG E 33 -52.15 38.19 2.32
C ARG E 33 -51.56 38.53 0.95
N ARG E 34 -52.31 39.28 0.15
CA ARG E 34 -51.92 39.54 -1.23
C ARG E 34 -50.60 40.30 -1.30
N PRO E 35 -49.87 40.18 -2.42
CA PRO E 35 -48.61 40.92 -2.56
C PRO E 35 -48.72 42.42 -2.35
N GLU E 36 -49.75 43.06 -2.91
CA GLU E 36 -49.86 44.51 -2.81
C GLU E 36 -49.93 44.98 -1.37
N GLU E 37 -50.33 44.12 -0.43
CA GLU E 37 -50.47 44.49 0.98
C GLU E 37 -49.13 44.54 1.71
N PHE E 38 -48.01 44.67 1.00
CA PHE E 38 -46.70 44.85 1.59
C PHE E 38 -46.13 46.19 1.16
N SER E 39 -45.04 46.59 1.81
CA SER E 39 -44.32 47.82 1.46
C SER E 39 -43.09 47.45 0.65
N HIS E 40 -43.06 47.86 -0.61
CA HIS E 40 -42.01 47.49 -1.54
C HIS E 40 -41.08 48.68 -1.79
N ASN E 41 -39.79 48.40 -1.86
CA ASN E 41 -38.77 49.37 -2.22
C ASN E 41 -37.90 48.80 -3.33
N GLU E 42 -37.44 49.68 -4.21
CA GLU E 42 -36.61 49.28 -5.35
C GLU E 42 -35.34 50.14 -5.32
N ILE E 43 -34.20 49.51 -5.02
CA ILE E 43 -32.92 50.20 -4.90
C ILE E 43 -31.93 49.50 -5.82
N GLN E 44 -31.20 50.27 -6.61
CA GLN E 44 -30.17 49.70 -7.47
C GLN E 44 -28.88 49.56 -6.69
N LEU E 45 -28.29 48.36 -6.77
CA LEU E 45 -27.11 48.01 -5.98
C LEU E 45 -25.84 48.25 -6.77
N SER E 46 -24.72 48.29 -6.03
CA SER E 46 -23.42 48.52 -6.63
C SER E 46 -22.99 47.43 -7.58
N THR E 47 -23.67 46.29 -7.62
CA THR E 47 -23.32 45.19 -8.49
C THR E 47 -23.82 45.39 -9.92
N GLY E 48 -24.29 46.60 -10.26
CA GLY E 48 -24.76 46.89 -11.60
C GLY E 48 -26.19 46.50 -11.88
N VAL E 49 -26.96 46.13 -10.84
CA VAL E 49 -28.28 45.57 -11.03
C VAL E 49 -29.26 46.26 -10.07
N LYS E 50 -30.53 46.30 -10.48
CA LYS E 50 -31.59 46.92 -9.68
C LYS E 50 -32.38 45.83 -8.96
N ILE E 51 -32.31 45.84 -7.63
CA ILE E 51 -32.93 44.80 -6.81
C ILE E 51 -34.20 45.35 -6.19
N HIS E 52 -35.26 44.55 -6.23
CA HIS E 52 -36.53 44.85 -5.59
C HIS E 52 -36.62 44.07 -4.27
N TYR E 53 -37.29 44.66 -3.29
CA TYR E 53 -37.38 44.00 -1.99
C TYR E 53 -38.52 44.60 -1.18
N VAL E 54 -39.27 43.70 -0.52
CA VAL E 54 -40.25 44.06 0.49
C VAL E 54 -39.54 44.14 1.84
N ARG E 55 -40.04 44.99 2.74
CA ARG E 55 -39.42 45.14 4.04
C ARG E 55 -40.45 45.64 5.05
N GLU E 56 -40.29 45.18 6.30
CA GLU E 56 -41.12 45.59 7.42
C GLU E 56 -40.56 44.90 8.67
N GLY E 57 -41.04 45.34 9.82
CA GLY E 57 -40.64 44.76 11.09
C GLY E 57 -39.55 45.56 11.78
N SER E 58 -39.31 45.20 13.05
CA SER E 58 -38.33 45.87 13.89
C SER E 58 -37.56 44.85 14.69
N GLY E 59 -36.26 45.07 14.83
CA GLY E 59 -35.38 44.17 15.54
C GLY E 59 -34.09 43.98 14.78
N PRO E 60 -33.32 42.95 15.13
CA PRO E 60 -32.12 42.65 14.36
C PRO E 60 -32.48 42.31 12.94
N PRO E 61 -31.64 42.67 11.96
CA PRO E 61 -32.00 42.47 10.56
C PRO E 61 -31.99 41.00 10.16
N LEU E 62 -33.02 40.61 9.42
CA LEU E 62 -33.22 39.22 8.99
C LEU E 62 -33.55 39.22 7.51
N LEU E 63 -32.80 38.43 6.74
CA LEU E 63 -32.92 38.37 5.29
C LEU E 63 -33.47 37.02 4.88
N LEU E 64 -34.51 37.03 4.06
CA LEU E 64 -35.14 35.82 3.56
C LEU E 64 -34.96 35.77 2.05
N LEU E 65 -34.31 34.71 1.56
CA LEU E 65 -33.93 34.58 0.16
C LEU E 65 -34.59 33.37 -0.45
N HIS E 66 -35.30 33.59 -1.55
CA HIS E 66 -36.15 32.59 -2.18
C HIS E 66 -35.36 31.74 -3.17
N GLY E 67 -36.04 30.78 -3.79
CA GLY E 67 -35.47 29.90 -4.78
C GLY E 67 -36.34 29.86 -6.02
N TRP E 68 -36.22 28.74 -6.75
CA TRP E 68 -37.02 28.49 -7.94
C TRP E 68 -37.87 27.24 -7.75
N PRO E 69 -39.15 27.28 -8.16
CA PRO E 69 -39.92 28.44 -8.62
C PRO E 69 -40.09 29.35 -7.42
N GLY E 70 -39.99 30.67 -7.54
CA GLY E 70 -40.11 31.48 -6.35
C GLY E 70 -39.92 32.95 -6.64
N PHE E 71 -40.36 33.75 -5.68
CA PHE E 71 -40.09 35.17 -5.59
C PHE E 71 -40.27 35.51 -4.11
N TRP E 72 -40.18 36.79 -3.77
CA TRP E 72 -40.20 37.15 -2.35
C TRP E 72 -41.43 36.63 -1.64
N TRP E 73 -42.56 36.51 -2.35
CA TRP E 73 -43.86 36.24 -1.74
C TRP E 73 -44.03 34.79 -1.30
N GLU E 74 -43.04 33.93 -1.50
CA GLU E 74 -43.10 32.62 -0.87
C GLU E 74 -42.99 32.74 0.65
N TRP E 75 -42.35 33.80 1.14
CA TRP E 75 -42.22 34.04 2.56
C TRP E 75 -43.43 34.74 3.17
N SER E 76 -44.40 35.15 2.35
CA SER E 76 -45.47 36.02 2.82
C SER E 76 -46.12 35.50 4.10
N LYS E 77 -46.23 34.18 4.25
CA LYS E 77 -46.89 33.64 5.43
C LYS E 77 -46.09 33.86 6.71
N VAL E 78 -44.79 34.11 6.61
CA VAL E 78 -43.91 34.17 7.77
C VAL E 78 -43.37 35.56 8.04
N VAL E 79 -43.64 36.54 7.18
CA VAL E 79 -42.99 37.83 7.31
C VAL E 79 -43.60 38.64 8.44
N ALA E 80 -44.92 38.83 8.43
CA ALA E 80 -45.57 39.59 9.49
C ALA E 80 -45.30 39.00 10.87
N PRO E 81 -45.47 37.69 11.10
CA PRO E 81 -45.16 37.15 12.43
C PRO E 81 -43.71 37.35 12.83
N LEU E 82 -42.76 37.00 11.95
CA LEU E 82 -41.35 37.23 12.25
C LEU E 82 -41.07 38.71 12.52
N ALA E 83 -41.83 39.60 11.89
CA ALA E 83 -41.60 41.04 12.03
C ALA E 83 -41.83 41.55 13.45
N GLU E 84 -42.34 40.71 14.35
CA GLU E 84 -42.45 41.10 15.75
C GLU E 84 -41.10 41.10 16.46
N HIS E 85 -40.06 40.53 15.85
CA HIS E 85 -38.75 40.41 16.48
C HIS E 85 -37.58 40.80 15.59
N PHE E 86 -37.77 40.92 14.28
CA PHE E 86 -36.68 41.17 13.34
C PHE E 86 -37.06 42.29 12.38
N ASP E 87 -36.03 42.88 11.76
CA ASP E 87 -36.19 43.76 10.62
C ASP E 87 -36.10 42.87 9.38
N VAL E 88 -37.26 42.43 8.90
CA VAL E 88 -37.31 41.41 7.85
C VAL E 88 -37.10 42.08 6.49
N ILE E 89 -36.26 41.47 5.67
CA ILE E 89 -35.92 41.99 4.35
C ILE E 89 -35.99 40.82 3.37
N VAL E 90 -36.85 40.94 2.36
CA VAL E 90 -37.08 39.83 1.44
C VAL E 90 -36.89 40.31 0.01
N PRO E 91 -35.71 40.13 -0.59
CA PRO E 91 -35.51 40.53 -1.98
C PRO E 91 -35.93 39.48 -2.98
N ASP E 92 -36.25 39.97 -4.18
CA ASP E 92 -36.24 39.14 -5.38
C ASP E 92 -34.79 39.03 -5.85
N LEU E 93 -34.31 37.80 -6.05
CA LEU E 93 -33.02 37.62 -6.70
C LEU E 93 -33.06 38.26 -8.08
N ARG E 94 -31.90 38.72 -8.54
CA ARG E 94 -31.79 39.15 -9.94
C ARG E 94 -32.31 38.04 -10.85
N GLY E 95 -33.08 38.43 -11.86
CA GLY E 95 -33.69 37.47 -12.74
C GLY E 95 -35.01 36.90 -12.25
N PHE E 96 -35.51 37.35 -11.11
CA PHE E 96 -36.77 36.87 -10.55
C PHE E 96 -37.65 38.04 -10.16
N GLY E 97 -38.96 37.83 -10.25
CA GLY E 97 -39.90 38.82 -9.75
C GLY E 97 -39.67 40.19 -10.37
N ASP E 98 -39.66 41.21 -9.52
CA ASP E 98 -39.56 42.60 -9.96
C ASP E 98 -38.14 43.14 -9.90
N SER E 99 -37.15 42.28 -9.65
CA SER E 99 -35.76 42.70 -9.78
C SER E 99 -35.35 42.72 -11.25
N GLU E 100 -34.32 43.50 -11.54
CA GLU E 100 -33.85 43.59 -12.92
C GLU E 100 -33.40 42.24 -13.42
N LYS E 101 -33.89 41.86 -14.60
CA LYS E 101 -33.36 40.70 -15.32
C LYS E 101 -32.30 41.21 -16.28
N PRO E 102 -31.00 41.04 -15.97
CA PRO E 102 -29.95 41.54 -16.88
C PRO E 102 -30.15 41.09 -18.32
N ASP E 103 -29.30 41.57 -19.22
CA ASP E 103 -29.30 41.15 -20.61
C ASP E 103 -29.56 39.65 -20.70
N LEU E 104 -30.79 39.27 -21.04
CA LEU E 104 -31.15 37.86 -21.06
C LEU E 104 -30.26 37.04 -21.98
N GLY E 105 -29.55 37.69 -22.90
CA GLY E 105 -28.58 37.00 -23.73
C GLY E 105 -27.22 36.80 -23.10
N ASP E 106 -26.94 37.45 -21.98
CA ASP E 106 -25.65 37.35 -21.30
C ASP E 106 -25.84 36.46 -20.06
N ILE E 107 -25.73 35.15 -20.28
CA ILE E 107 -25.92 34.18 -19.21
C ILE E 107 -24.83 34.26 -18.16
N SER E 108 -23.72 34.94 -18.47
CA SER E 108 -22.70 35.18 -17.45
C SER E 108 -23.24 36.01 -16.29
N GLN E 109 -24.33 36.74 -16.51
CA GLN E 109 -24.91 37.60 -15.49
C GLN E 109 -25.84 36.87 -14.54
N TYR E 110 -26.13 35.60 -14.79
CA TYR E 110 -27.07 34.83 -13.99
C TYR E 110 -26.37 33.77 -13.14
N THR E 111 -25.08 33.95 -12.87
CA THR E 111 -24.37 33.02 -12.01
C THR E 111 -24.80 33.22 -10.56
N LEU E 112 -24.61 32.18 -9.75
CA LEU E 112 -24.91 32.28 -8.33
C LEU E 112 -23.89 33.13 -7.59
N ASP E 113 -22.72 33.35 -8.17
CA ASP E 113 -21.77 34.30 -7.58
C ASP E 113 -22.31 35.72 -7.63
N HIS E 114 -22.87 36.12 -8.77
CA HIS E 114 -23.45 37.46 -8.88
C HIS E 114 -24.55 37.67 -7.84
N ALA E 115 -25.39 36.66 -7.62
CA ALA E 115 -26.50 36.82 -6.70
C ALA E 115 -26.04 36.79 -5.25
N THR E 116 -24.85 36.24 -4.98
CA THR E 116 -24.27 36.36 -3.64
C THR E 116 -23.74 37.77 -3.42
N ASP E 117 -23.01 38.31 -4.41
CA ASP E 117 -22.54 39.68 -4.32
C ASP E 117 -23.72 40.67 -4.28
N ASP E 118 -24.81 40.35 -4.97
CA ASP E 118 -26.00 41.20 -4.91
C ASP E 118 -26.48 41.41 -3.48
N GLN E 119 -26.32 40.40 -2.62
CA GLN E 119 -26.82 40.53 -1.25
C GLN E 119 -25.93 41.45 -0.43
N ALA E 120 -24.62 41.22 -0.45
CA ALA E 120 -23.71 42.12 0.26
C ALA E 120 -23.89 43.55 -0.22
N ALA E 121 -24.16 43.74 -1.50
CA ALA E 121 -24.42 45.07 -2.03
C ALA E 121 -25.67 45.67 -1.40
N LEU E 122 -26.79 44.97 -1.48
CA LEU E 122 -28.02 45.42 -0.83
C LEU E 122 -27.74 45.84 0.60
N LEU E 123 -26.97 45.02 1.35
CA LEU E 123 -26.66 45.37 2.73
C LEU E 123 -25.89 46.67 2.81
N ASP E 124 -24.90 46.86 1.94
CA ASP E 124 -24.17 48.12 1.91
C ASP E 124 -25.13 49.29 1.77
N GLU E 125 -25.98 49.26 0.75
CA GLU E 125 -26.87 50.38 0.44
C GLU E 125 -27.93 50.61 1.51
N LEU E 126 -28.10 49.70 2.46
CA LEU E 126 -29.03 49.90 3.57
C LEU E 126 -28.33 50.27 4.86
N GLY E 127 -27.00 50.42 4.84
CA GLY E 127 -26.27 50.73 6.06
C GLY E 127 -26.38 49.67 7.12
N ILE E 128 -26.51 48.40 6.73
CA ILE E 128 -26.61 47.28 7.65
C ILE E 128 -25.28 46.54 7.65
N ASP E 129 -24.66 46.41 8.82
CA ASP E 129 -23.35 45.79 8.92
C ASP E 129 -23.43 44.28 8.83
N GLU E 130 -24.07 43.65 9.80
CA GLU E 130 -24.28 42.20 9.80
C GLU E 130 -25.78 41.92 9.87
N ALA E 131 -26.16 40.71 9.52
CA ALA E 131 -27.57 40.37 9.45
C ALA E 131 -27.75 38.86 9.54
N TYR E 132 -28.89 38.46 10.10
CA TYR E 132 -29.30 37.07 10.02
C TYR E 132 -29.66 36.73 8.57
N VAL E 133 -29.41 35.48 8.19
CA VAL E 133 -29.41 35.08 6.79
C VAL E 133 -30.12 33.75 6.63
N VAL E 134 -31.13 33.71 5.77
CA VAL E 134 -31.92 32.51 5.51
C VAL E 134 -32.07 32.34 4.00
N GLY E 135 -31.81 31.13 3.51
CA GLY E 135 -31.98 30.83 2.10
C GLY E 135 -32.19 29.34 1.88
N HIS E 136 -32.78 29.02 0.74
CA HIS E 136 -33.02 27.64 0.37
C HIS E 136 -32.97 27.52 -1.16
N ASP E 137 -32.96 26.27 -1.63
CA ASP E 137 -32.93 25.99 -3.07
C ASP E 137 -31.73 26.73 -3.66
N TYR E 138 -31.90 27.57 -4.68
CA TYR E 138 -30.79 28.37 -5.18
C TYR E 138 -30.16 29.18 -4.06
N ALA E 139 -31.00 29.78 -3.20
CA ALA E 139 -30.49 30.64 -2.14
C ALA E 139 -29.70 29.86 -1.09
N ALA E 140 -29.91 28.54 -0.99
CA ALA E 140 -29.02 27.75 -0.15
C ALA E 140 -27.58 27.84 -0.64
N ILE E 141 -27.39 27.94 -1.96
CA ILE E 141 -26.05 28.10 -2.50
C ILE E 141 -25.53 29.51 -2.26
N ILE E 142 -26.42 30.50 -2.41
CA ILE E 142 -26.05 31.87 -2.07
C ILE E 142 -25.58 31.96 -0.63
N VAL E 143 -26.31 31.31 0.28
CA VAL E 143 -25.98 31.38 1.70
C VAL E 143 -24.69 30.62 1.99
N HIS E 144 -24.55 29.43 1.42
CA HIS E 144 -23.31 28.67 1.60
C HIS E 144 -22.11 29.50 1.16
N LYS E 145 -22.28 30.31 0.12
CA LYS E 145 -21.20 31.17 -0.35
C LYS E 145 -21.07 32.42 0.52
N PHE E 146 -22.20 32.98 0.94
CA PHE E 146 -22.19 34.27 1.62
C PHE E 146 -21.46 34.19 2.96
N ILE E 147 -21.77 33.17 3.77
CA ILE E 147 -21.20 33.07 5.11
C ILE E 147 -19.71 32.76 5.08
N ARG E 148 -19.15 32.40 3.92
CA ARG E 148 -17.72 32.23 3.76
C ARG E 148 -17.07 33.43 3.07
N LYS E 149 -17.68 33.96 2.02
CA LYS E 149 -17.13 35.15 1.37
C LYS E 149 -17.35 36.40 2.22
N PHE E 150 -18.48 36.48 2.93
CA PHE E 150 -18.82 37.62 3.76
C PHE E 150 -19.18 37.16 5.18
N ARG E 151 -18.22 36.50 5.85
CA ARG E 151 -18.45 36.05 7.22
C ARG E 151 -18.61 37.23 8.17
N ASN E 152 -17.94 38.35 7.89
CA ASN E 152 -18.08 39.54 8.72
C ASN E 152 -19.42 40.23 8.55
N ARG E 153 -20.28 39.76 7.65
CA ARG E 153 -21.57 40.38 7.37
C ARG E 153 -22.75 39.52 7.81
N VAL E 154 -22.51 38.47 8.60
CA VAL E 154 -23.55 37.54 9.02
C VAL E 154 -23.44 37.31 10.52
N ILE E 155 -24.59 37.31 11.19
CA ILE E 155 -24.66 37.03 12.62
C ILE E 155 -24.76 35.53 12.78
N LYS E 156 -25.92 34.97 12.48
CA LYS E 156 -26.09 33.54 12.26
C LYS E 156 -26.79 33.34 10.92
N ALA E 157 -26.79 32.10 10.45
CA ALA E 157 -27.42 31.74 9.20
C ALA E 157 -28.37 30.57 9.42
N ALA E 158 -29.25 30.36 8.45
CA ALA E 158 -30.11 29.18 8.43
C ALA E 158 -30.31 28.78 6.98
N ILE E 159 -30.31 27.48 6.72
CA ILE E 159 -30.48 26.95 5.37
C ILE E 159 -31.50 25.83 5.42
N PHE E 160 -32.43 25.84 4.47
CA PHE E 160 -33.42 24.79 4.34
C PHE E 160 -33.01 23.88 3.17
N ASP E 161 -33.08 22.57 3.39
CA ASP E 161 -32.74 21.56 2.38
C ASP E 161 -31.46 21.97 1.67
N PRO E 162 -30.34 22.07 2.37
CA PRO E 162 -29.15 22.72 1.81
C PRO E 162 -28.60 21.97 0.60
N ILE E 163 -27.79 22.70 -0.17
CA ILE E 163 -27.20 22.20 -1.41
C ILE E 163 -25.70 22.44 -1.29
N THR E 164 -24.95 21.38 -1.03
CA THR E 164 -23.51 21.49 -0.78
C THR E 164 -22.73 21.28 -2.07
N PRO E 165 -21.44 21.63 -2.07
CA PRO E 165 -20.64 21.50 -3.30
C PRO E 165 -20.58 20.10 -3.90
N ASP E 166 -20.82 19.05 -3.11
CA ASP E 166 -20.82 17.69 -3.63
C ASP E 166 -22.18 17.30 -4.21
N PHE E 167 -23.02 18.28 -4.54
CA PHE E 167 -24.40 18.00 -4.96
C PHE E 167 -24.44 17.43 -6.38
N GLY E 168 -23.58 17.96 -7.25
CA GLY E 168 -23.59 17.54 -8.66
C GLY E 168 -23.61 16.04 -8.85
N GLU E 169 -22.64 15.33 -8.26
CA GLU E 169 -22.54 13.89 -8.45
C GLU E 169 -23.88 13.20 -8.21
N PHE E 170 -24.59 13.63 -7.17
CA PHE E 170 -25.89 13.02 -6.87
C PHE E 170 -27.00 13.57 -7.76
N TYR E 171 -27.00 14.88 -7.99
CA TYR E 171 -28.09 15.53 -8.71
C TYR E 171 -28.23 14.99 -10.13
N PHE E 172 -27.11 14.90 -10.85
CA PHE E 172 -27.10 14.41 -12.22
C PHE E 172 -26.75 12.93 -12.31
N GLY E 173 -26.78 12.21 -11.19
CA GLY E 173 -26.51 10.78 -11.19
C GLY E 173 -27.79 9.96 -11.31
N ILE E 174 -27.60 8.65 -11.41
CA ILE E 174 -28.72 7.71 -11.44
C ILE E 174 -29.10 7.40 -9.98
N PRO E 175 -30.39 7.40 -9.62
CA PRO E 175 -31.58 7.61 -10.44
C PRO E 175 -32.16 9.03 -10.34
N HIS E 176 -31.43 9.96 -9.73
CA HIS E 176 -31.97 11.31 -9.54
C HIS E 176 -32.17 12.05 -10.86
N VAL E 177 -31.63 11.54 -11.97
CA VAL E 177 -31.90 12.12 -13.28
C VAL E 177 -33.39 12.21 -13.50
N SER E 178 -34.16 11.36 -12.83
CA SER E 178 -35.62 11.43 -12.89
C SER E 178 -36.16 12.71 -12.26
N GLU E 179 -35.40 13.34 -11.35
CA GLU E 179 -35.83 14.56 -10.69
C GLU E 179 -35.14 15.80 -11.22
N SER E 180 -33.94 15.67 -11.77
CA SER E 180 -33.18 16.81 -12.26
C SER E 180 -33.43 17.11 -13.73
N TRP E 181 -34.29 16.34 -14.40
CA TRP E 181 -34.56 16.55 -15.82
C TRP E 181 -34.81 18.03 -16.13
N TYR E 182 -35.52 18.73 -15.24
CA TYR E 182 -35.97 20.08 -15.56
C TYR E 182 -34.81 21.05 -15.70
N SER E 183 -33.67 20.77 -15.06
CA SER E 183 -32.52 21.65 -15.23
C SER E 183 -32.01 21.62 -16.66
N GLN E 184 -32.03 20.45 -17.30
CA GLN E 184 -31.61 20.35 -18.69
C GLN E 184 -32.69 20.82 -19.64
N PHE E 185 -33.96 20.61 -19.29
CA PHE E 185 -35.04 21.16 -20.10
C PHE E 185 -34.90 22.66 -20.28
N HIS E 186 -34.55 23.38 -19.20
CA HIS E 186 -34.46 24.83 -19.24
C HIS E 186 -33.30 25.34 -20.08
N GLN E 187 -32.40 24.45 -20.52
CA GLN E 187 -31.32 24.86 -21.41
C GLN E 187 -31.82 25.18 -22.81
N THR E 188 -32.98 24.64 -23.20
CA THR E 188 -33.47 24.77 -24.56
C THR E 188 -34.27 26.06 -24.74
N ASP E 189 -34.25 26.58 -25.96
CA ASP E 189 -35.08 27.73 -26.29
C ASP E 189 -36.56 27.36 -26.27
N MET E 190 -36.90 26.14 -26.66
CA MET E 190 -38.29 25.72 -26.67
C MET E 190 -38.89 25.75 -25.28
N SER E 191 -38.06 25.61 -24.23
CA SER E 191 -38.57 25.64 -22.86
C SER E 191 -39.28 26.97 -22.58
N VAL E 192 -38.60 28.08 -22.89
CA VAL E 192 -39.20 29.39 -22.69
C VAL E 192 -40.42 29.57 -23.58
N GLU E 193 -40.38 29.01 -24.78
CA GLU E 193 -41.49 29.15 -25.71
C GLU E 193 -42.74 28.45 -25.18
N LEU E 194 -42.59 27.22 -24.67
CA LEU E 194 -43.76 26.44 -24.28
C LEU E 194 -44.33 26.90 -22.94
N VAL E 195 -43.50 27.40 -22.04
CA VAL E 195 -43.98 27.79 -20.72
C VAL E 195 -44.52 29.22 -20.70
N SER E 196 -44.05 30.08 -21.60
CA SER E 196 -44.55 31.44 -21.71
C SER E 196 -45.62 31.58 -22.79
N SER E 197 -46.10 30.46 -23.35
CA SER E 197 -47.02 30.51 -24.48
C SER E 197 -48.43 30.92 -24.05
N SER E 198 -48.75 30.81 -22.76
CA SER E 198 -50.09 31.13 -22.27
C SER E 198 -50.13 30.94 -20.75
N ARG E 199 -51.01 31.67 -20.07
CA ARG E 199 -51.17 31.46 -18.64
C ARG E 199 -51.57 30.02 -18.35
N THR E 200 -52.41 29.44 -19.22
CA THR E 200 -52.75 28.03 -19.10
C THR E 200 -51.49 27.16 -19.10
N ALA E 201 -50.55 27.45 -19.99
CA ALA E 201 -49.32 26.66 -20.05
C ALA E 201 -48.44 26.92 -18.84
N CYS E 202 -48.26 28.19 -18.48
CA CYS E 202 -47.43 28.54 -17.34
C CYS E 202 -47.96 27.90 -16.06
N LYS E 203 -49.27 28.05 -15.80
CA LYS E 203 -49.84 27.48 -14.58
C LYS E 203 -49.65 25.97 -14.54
N ILE E 204 -49.91 25.28 -15.66
CA ILE E 204 -49.71 23.84 -15.71
C ILE E 204 -48.27 23.49 -15.34
N TYR E 205 -47.32 24.21 -15.91
CA TYR E 205 -45.91 23.84 -15.74
C TYR E 205 -45.45 24.04 -14.31
N PHE E 206 -45.67 25.23 -13.75
CA PHE E 206 -45.15 25.54 -12.43
C PHE E 206 -45.91 24.80 -11.33
N THR E 207 -47.17 24.45 -11.57
CA THR E 207 -47.93 23.70 -10.59
C THR E 207 -47.26 22.35 -10.29
N HIS E 208 -46.63 21.74 -11.29
CA HIS E 208 -46.02 20.44 -11.07
C HIS E 208 -44.98 20.49 -9.97
N PHE E 209 -44.08 21.47 -10.03
CA PHE E 209 -42.96 21.50 -9.10
C PHE E 209 -43.40 21.90 -7.71
N MET E 210 -44.43 22.76 -7.61
CA MET E 210 -44.94 23.11 -6.30
C MET E 210 -45.49 21.88 -5.57
N ASN E 211 -46.24 21.04 -6.28
CA ASN E 211 -46.88 19.91 -5.62
C ASN E 211 -45.95 18.71 -5.48
N HIS E 212 -45.15 18.44 -6.51
CA HIS E 212 -44.29 17.26 -6.48
C HIS E 212 -43.15 17.43 -5.49
N TRP E 213 -42.66 18.64 -5.31
CA TRP E 213 -41.61 18.91 -4.34
C TRP E 213 -42.14 19.06 -2.91
N SER E 214 -43.45 19.13 -2.73
CA SER E 214 -44.06 19.31 -1.42
C SER E 214 -44.48 17.97 -0.84
N TYR E 215 -44.47 17.88 0.50
CA TYR E 215 -44.85 16.63 1.14
C TYR E 215 -46.28 16.24 0.82
N ARG E 216 -47.20 17.22 0.79
CA ARG E 216 -48.58 16.90 0.49
C ARG E 216 -48.76 16.72 -1.02
N ASP E 217 -50.03 16.57 -1.43
CA ASP E 217 -50.37 16.43 -2.84
C ASP E 217 -50.64 17.77 -3.51
N GLU E 218 -51.12 18.77 -2.76
CA GLU E 218 -51.34 20.11 -3.28
C GLU E 218 -50.75 21.11 -2.29
N LEU E 219 -49.90 22.01 -2.79
CA LEU E 219 -49.25 23.01 -1.95
C LEU E 219 -49.99 24.34 -1.93
N LEU E 220 -50.42 24.83 -3.09
CA LEU E 220 -51.00 26.16 -3.21
C LEU E 220 -52.51 26.09 -3.35
N THR E 221 -53.21 27.03 -2.72
CA THR E 221 -54.59 27.29 -3.08
C THR E 221 -54.64 27.83 -4.51
N ASP E 222 -55.71 27.50 -5.23
CA ASP E 222 -55.81 28.01 -6.60
C ASP E 222 -55.70 29.53 -6.61
N ASP E 223 -56.18 30.20 -5.56
CA ASP E 223 -55.88 31.61 -5.38
C ASP E 223 -54.38 31.84 -5.37
N GLU E 224 -53.65 31.09 -4.53
CA GLU E 224 -52.22 31.31 -4.38
C GLU E 224 -51.47 31.03 -5.67
N MET E 225 -51.83 29.95 -6.37
CA MET E 225 -51.14 29.62 -7.61
C MET E 225 -51.27 30.75 -8.63
N GLU E 226 -52.43 31.42 -8.65
CA GLU E 226 -52.64 32.48 -9.64
C GLU E 226 -51.69 33.65 -9.41
N ILE E 227 -51.42 34.01 -8.16
CA ILE E 227 -50.41 35.03 -7.90
C ILE E 227 -49.06 34.59 -8.42
N TYR E 228 -48.71 33.31 -8.21
CA TYR E 228 -47.44 32.81 -8.72
C TYR E 228 -47.39 32.91 -10.24
N VAL E 229 -48.50 32.61 -10.91
CA VAL E 229 -48.55 32.77 -12.36
C VAL E 229 -48.46 34.24 -12.75
N ASP E 230 -49.10 35.12 -11.97
CA ASP E 230 -48.95 36.55 -12.22
C ASP E 230 -47.49 36.95 -12.22
N ASN E 231 -46.71 36.42 -11.27
CA ASN E 231 -45.31 36.83 -11.16
C ASN E 231 -44.51 36.34 -12.35
N PHE E 232 -44.63 35.05 -12.69
CA PHE E 232 -43.79 34.47 -13.73
C PHE E 232 -44.21 34.91 -15.13
N MET E 233 -45.44 35.35 -15.32
CA MET E 233 -45.82 35.91 -16.61
C MET E 233 -45.30 37.33 -16.78
N LYS E 234 -44.92 38.01 -15.69
CA LYS E 234 -44.26 39.31 -15.82
C LYS E 234 -43.08 39.19 -16.78
N ALA E 235 -42.75 40.30 -17.43
CA ALA E 235 -41.83 40.29 -18.55
C ALA E 235 -40.47 39.69 -18.16
N GLY E 236 -40.10 38.60 -18.80
CA GLY E 236 -38.75 38.08 -18.72
C GLY E 236 -38.43 37.22 -17.53
N ASN E 237 -39.43 36.74 -16.80
CA ASN E 237 -39.16 35.98 -15.58
C ASN E 237 -39.08 34.47 -15.83
N ILE E 238 -39.81 33.93 -16.80
CA ILE E 238 -39.62 32.52 -17.17
C ILE E 238 -38.21 32.32 -17.74
N HIS E 239 -37.87 33.11 -18.76
CA HIS E 239 -36.52 33.05 -19.32
C HIS E 239 -35.48 33.43 -18.28
N GLY E 240 -35.78 34.45 -17.47
CA GLY E 240 -34.82 34.92 -16.49
C GLY E 240 -34.45 33.85 -15.48
N GLY E 241 -35.44 33.08 -15.02
CA GLY E 241 -35.16 32.02 -14.08
C GLY E 241 -34.46 30.84 -14.73
N PHE E 242 -34.80 30.54 -15.98
CA PHE E 242 -34.13 29.44 -16.68
C PHE E 242 -32.65 29.75 -16.88
N ASN E 243 -32.31 31.01 -17.12
CA ASN E 243 -30.91 31.39 -17.27
C ASN E 243 -30.08 31.04 -16.04
N TYR E 244 -30.71 30.91 -14.87
CA TYR E 244 -29.98 30.43 -13.70
C TYR E 244 -29.53 28.99 -13.90
N TYR E 245 -30.35 28.18 -14.57
CA TYR E 245 -29.99 26.79 -14.82
C TYR E 245 -28.99 26.66 -15.96
N ARG E 246 -29.01 27.60 -16.91
CA ARG E 246 -28.00 27.61 -17.97
C ARG E 246 -26.67 28.13 -17.47
N ALA E 247 -26.68 29.02 -16.47
CA ALA E 247 -25.44 29.59 -15.95
C ALA E 247 -24.79 28.70 -14.90
N ASN E 248 -25.58 27.93 -14.15
CA ASN E 248 -25.08 27.21 -12.99
C ASN E 248 -25.29 25.71 -13.03
N LEU E 249 -26.17 25.19 -13.90
CA LEU E 249 -26.50 23.78 -13.92
C LEU E 249 -26.46 23.19 -15.32
N SER E 250 -25.77 23.83 -16.26
CA SER E 250 -25.51 23.20 -17.54
C SER E 250 -24.29 22.27 -17.41
N MET E 251 -24.14 21.39 -18.41
CA MET E 251 -23.06 20.41 -18.33
C MET E 251 -21.68 21.04 -18.36
N THR E 252 -21.57 22.32 -18.72
CA THR E 252 -20.31 23.04 -18.72
C THR E 252 -20.28 24.14 -17.67
N SER E 253 -21.09 24.02 -16.62
CA SER E 253 -21.17 25.01 -15.57
C SER E 253 -20.27 24.61 -14.40
N ALA E 254 -19.71 25.63 -13.75
CA ALA E 254 -18.91 25.45 -12.52
C ALA E 254 -19.32 26.53 -11.53
N PRO E 255 -20.48 26.36 -10.88
CA PRO E 255 -20.93 27.40 -9.93
C PRO E 255 -20.09 27.47 -8.66
N TRP E 256 -19.46 26.38 -8.27
CA TRP E 256 -18.80 26.31 -6.97
C TRP E 256 -17.35 26.78 -7.07
N ASN E 257 -16.83 27.24 -5.93
CA ASN E 257 -15.49 27.78 -5.82
C ASN E 257 -14.73 27.04 -4.73
N GLU E 258 -13.39 27.11 -4.82
CA GLU E 258 -12.55 26.46 -3.81
C GLU E 258 -12.89 26.96 -2.41
N LEU E 259 -13.11 28.27 -2.27
CA LEU E 259 -13.49 28.82 -0.98
C LEU E 259 -14.74 28.16 -0.43
N ASP E 260 -15.63 27.70 -1.31
CA ASP E 260 -16.87 27.07 -0.87
C ASP E 260 -16.65 25.71 -0.21
N ASP E 261 -15.47 25.12 -0.37
CA ASP E 261 -15.13 23.89 0.34
C ASP E 261 -14.68 24.13 1.77
N GLU E 262 -14.53 25.39 2.18
CA GLU E 262 -14.16 25.70 3.54
C GLU E 262 -15.20 25.19 4.53
N VAL E 263 -14.75 24.49 5.56
CA VAL E 263 -15.62 24.13 6.67
C VAL E 263 -15.75 25.34 7.58
N THR E 264 -16.98 25.74 7.87
CA THR E 264 -17.25 26.89 8.72
C THR E 264 -17.77 26.44 10.07
N ASP E 265 -17.57 27.30 11.07
CA ASP E 265 -18.07 27.08 12.42
C ASP E 265 -19.17 28.07 12.80
N LEU E 266 -19.55 28.96 11.89
CA LEU E 266 -20.70 29.81 12.14
C LEU E 266 -21.88 28.97 12.60
N PRO E 267 -22.62 29.40 13.62
CA PRO E 267 -23.83 28.65 14.00
C PRO E 267 -24.86 28.68 12.89
N VAL E 268 -25.12 27.53 12.29
CA VAL E 268 -26.03 27.41 11.16
C VAL E 268 -27.17 26.51 11.56
N THR E 269 -28.40 27.00 11.37
CA THR E 269 -29.60 26.24 11.66
C THR E 269 -30.08 25.60 10.36
N ILE E 270 -30.34 24.30 10.39
CA ILE E 270 -30.69 23.55 9.19
C ILE E 270 -31.99 22.81 9.43
N LEU E 271 -33.00 23.13 8.64
CA LEU E 271 -34.25 22.37 8.58
C LEU E 271 -34.29 21.65 7.24
N TRP E 272 -34.82 20.43 7.25
CA TRP E 272 -34.89 19.63 6.03
C TRP E 272 -36.27 18.99 5.93
N GLY E 273 -36.98 19.31 4.85
CA GLY E 273 -38.25 18.65 4.59
C GLY E 273 -38.02 17.24 4.10
N GLN E 274 -38.56 16.25 4.81
CA GLN E 274 -38.37 14.86 4.41
C GLN E 274 -39.15 14.52 3.14
N GLY E 275 -40.16 15.31 2.78
CA GLY E 275 -40.90 15.10 1.56
C GLY E 275 -40.28 15.75 0.34
N ASP E 276 -39.06 16.29 0.45
CA ASP E 276 -38.43 16.96 -0.68
C ASP E 276 -37.89 15.91 -1.64
N THR E 277 -38.49 15.83 -2.82
CA THR E 277 -38.14 14.82 -3.79
C THR E 277 -36.89 15.17 -4.60
N VAL E 278 -36.50 16.45 -4.60
CA VAL E 278 -35.47 16.94 -5.52
C VAL E 278 -34.19 17.31 -4.80
N VAL E 279 -34.30 17.87 -3.58
CA VAL E 279 -33.15 18.04 -2.69
C VAL E 279 -33.44 17.18 -1.46
N PRO E 280 -33.29 15.87 -1.53
CA PRO E 280 -33.83 15.00 -0.49
C PRO E 280 -33.00 14.98 0.78
N SER E 281 -33.65 14.57 1.87
CA SER E 281 -33.08 14.68 3.21
C SER E 281 -31.96 13.67 3.47
N LEU E 282 -31.82 12.64 2.62
CA LEU E 282 -30.70 11.73 2.79
C LEU E 282 -29.36 12.44 2.67
N LEU E 283 -29.32 13.57 1.96
CA LEU E 283 -28.08 14.30 1.75
C LEU E 283 -27.52 14.91 3.03
N ALA E 284 -28.23 14.82 4.16
CA ALA E 284 -27.77 15.47 5.38
C ALA E 284 -26.49 14.87 5.93
N ASP E 285 -26.14 13.65 5.51
CA ASP E 285 -24.87 13.07 5.96
C ASP E 285 -23.66 13.77 5.34
N ARG E 286 -23.87 14.66 4.38
CA ARG E 286 -22.78 15.41 3.75
C ARG E 286 -22.45 16.71 4.47
N LEU E 287 -23.23 17.07 5.49
CA LEU E 287 -23.08 18.38 6.13
C LEU E 287 -21.79 18.51 6.92
N PRO E 288 -21.36 17.48 7.65
CA PRO E 288 -20.09 17.60 8.41
C PRO E 288 -18.89 17.96 7.55
N LYS E 289 -18.92 17.66 6.25
CA LYS E 289 -17.80 18.04 5.39
C LYS E 289 -17.70 19.55 5.22
N TYR E 290 -18.69 20.32 5.67
CA TYR E 290 -18.70 21.76 5.46
C TYR E 290 -19.09 22.58 6.68
N TYR E 291 -19.74 21.99 7.69
CA TYR E 291 -20.19 22.71 8.87
C TYR E 291 -19.78 21.95 10.12
N SER E 292 -19.22 22.67 11.09
CA SER E 292 -18.74 22.10 12.34
C SER E 292 -19.55 22.54 13.55
N ASN E 293 -20.56 23.41 13.35
CA ASN E 293 -21.36 23.91 14.45
C ASN E 293 -22.74 24.25 13.90
N TYR E 294 -23.53 23.20 13.66
CA TYR E 294 -24.84 23.34 13.05
C TYR E 294 -25.88 22.54 13.83
N THR E 295 -27.13 22.87 13.57
CA THR E 295 -28.28 22.13 14.10
C THR E 295 -29.08 21.58 12.94
N LEU E 296 -29.51 20.34 13.05
CA LEU E 296 -30.24 19.65 12.00
C LEU E 296 -31.57 19.14 12.54
N GLU E 297 -32.64 19.40 11.79
CA GLU E 297 -33.98 18.97 12.16
C GLU E 297 -34.70 18.53 10.90
N ILE E 298 -35.16 17.28 10.88
CA ILE E 298 -35.89 16.71 9.75
C ILE E 298 -37.37 16.82 10.05
N VAL E 299 -38.08 17.62 9.26
CA VAL E 299 -39.53 17.79 9.41
C VAL E 299 -40.20 16.71 8.56
N GLU E 300 -40.87 15.76 9.22
CA GLU E 300 -41.34 14.56 8.54
C GLU E 300 -42.41 14.85 7.50
N ASP E 301 -43.23 15.86 7.72
CA ASP E 301 -44.32 16.15 6.78
C ASP E 301 -44.13 17.52 6.11
N ALA E 302 -42.92 17.79 5.63
CA ALA E 302 -42.64 18.98 4.86
C ALA E 302 -41.74 18.63 3.69
N GLY E 303 -41.84 19.42 2.62
CA GLY E 303 -41.03 19.21 1.45
C GLY E 303 -40.16 20.41 1.14
N HIS E 304 -40.07 20.75 -0.14
CA HIS E 304 -39.09 21.74 -0.59
C HIS E 304 -39.38 23.14 -0.07
N PHE E 305 -40.64 23.45 0.21
CA PHE E 305 -41.07 24.80 0.58
C PHE E 305 -41.51 24.78 2.04
N MET E 306 -40.52 24.89 2.93
CA MET E 306 -40.81 24.87 4.36
C MET E 306 -41.65 26.06 4.78
N MET E 307 -41.37 27.24 4.20
CA MET E 307 -42.04 28.47 4.59
C MET E 307 -43.46 28.58 4.04
N VAL E 308 -43.88 27.65 3.19
CA VAL E 308 -45.23 27.60 2.65
C VAL E 308 -46.01 26.44 3.25
N GLU E 309 -45.40 25.24 3.26
CA GLU E 309 -46.09 24.07 3.77
C GLU E 309 -46.16 24.08 5.29
N LYS E 310 -45.17 24.68 5.96
CA LYS E 310 -45.09 24.65 7.42
C LYS E 310 -44.51 25.97 7.93
N PRO E 311 -45.21 27.08 7.71
CA PRO E 311 -44.70 28.37 8.21
C PRO E 311 -44.56 28.43 9.71
N ASP E 312 -45.43 27.73 10.45
CA ASP E 312 -45.30 27.71 11.91
C ASP E 312 -43.89 27.30 12.33
N ILE E 313 -43.37 26.23 11.72
CA ILE E 313 -42.03 25.75 12.06
C ILE E 313 -41.00 26.84 11.77
N VAL E 314 -41.06 27.43 10.57
CA VAL E 314 -40.08 28.45 10.21
C VAL E 314 -40.09 29.57 11.24
N ILE E 315 -41.26 30.00 11.67
CA ILE E 315 -41.34 31.13 12.61
C ILE E 315 -40.84 30.71 13.98
N GLU E 316 -41.12 29.48 14.41
CA GLU E 316 -40.77 29.04 15.75
C GLU E 316 -39.30 28.69 15.89
N ARG E 317 -38.63 28.32 14.80
CA ARG E 317 -37.22 27.95 14.85
C ARG E 317 -36.31 29.17 14.65
N LEU E 318 -36.63 30.02 13.69
CA LEU E 318 -35.81 31.21 13.46
C LEU E 318 -35.83 32.13 14.68
N THR E 319 -37.00 32.33 15.29
CA THR E 319 -37.08 33.25 16.41
C THR E 319 -36.37 32.68 17.64
N ALA E 320 -36.36 31.36 17.81
CA ALA E 320 -35.69 30.74 18.94
C ALA E 320 -34.18 30.69 18.76
N ALA E 321 -33.70 30.52 17.52
CA ALA E 321 -32.28 30.36 17.27
C ALA E 321 -31.56 31.70 17.13
N PHE E 322 -32.20 32.68 16.52
CA PHE E 322 -31.57 33.99 16.29
C PHE E 322 -31.81 34.90 17.50
N LYS E 323 -31.26 34.46 18.64
CA LYS E 323 -31.32 35.22 19.88
C LYS E 323 -29.90 35.59 20.32
N VAL F 32 -45.79 16.89 -51.55
CA VAL F 32 -46.11 16.38 -50.19
C VAL F 32 -47.34 15.46 -50.25
N ARG F 33 -47.10 14.16 -50.07
CA ARG F 33 -48.16 13.15 -50.14
C ARG F 33 -48.85 13.08 -48.78
N ARG F 34 -50.10 13.52 -48.73
CA ARG F 34 -50.80 13.62 -47.45
C ARG F 34 -51.23 12.25 -46.95
N PRO F 35 -51.52 12.13 -45.65
CA PRO F 35 -51.79 10.80 -45.09
C PRO F 35 -53.01 10.12 -45.68
N GLU F 36 -54.02 10.87 -46.09
CA GLU F 36 -55.20 10.28 -46.72
C GLU F 36 -54.93 9.77 -48.13
N GLU F 37 -53.69 9.81 -48.61
CA GLU F 37 -53.34 9.45 -49.98
C GLU F 37 -52.70 8.06 -50.08
N PHE F 38 -52.80 7.25 -49.04
CA PHE F 38 -52.33 5.87 -49.03
C PHE F 38 -53.54 4.96 -48.81
N SER F 39 -53.29 3.64 -48.84
CA SER F 39 -54.33 2.65 -48.61
C SER F 39 -54.19 2.14 -47.17
N HIS F 40 -55.21 2.39 -46.36
CA HIS F 40 -55.17 2.14 -44.93
C HIS F 40 -55.88 0.84 -44.57
N ASN F 41 -55.42 0.21 -43.49
CA ASN F 41 -56.04 -0.99 -42.96
C ASN F 41 -55.97 -0.97 -41.45
N GLU F 42 -56.89 -1.71 -40.82
CA GLU F 42 -56.86 -1.99 -39.40
C GLU F 42 -56.98 -3.51 -39.23
N ILE F 43 -56.25 -4.06 -38.26
CA ILE F 43 -56.24 -5.51 -38.07
C ILE F 43 -56.01 -5.87 -36.61
N GLN F 44 -56.95 -6.60 -36.03
CA GLN F 44 -56.73 -7.20 -34.72
C GLN F 44 -55.70 -8.32 -34.83
N LEU F 45 -54.88 -8.45 -33.80
CA LEU F 45 -53.76 -9.39 -33.82
C LEU F 45 -53.85 -10.36 -32.66
N SER F 46 -53.09 -11.46 -32.78
CA SER F 46 -53.04 -12.45 -31.72
C SER F 46 -52.56 -11.85 -30.40
N THR F 47 -51.82 -10.75 -30.44
CA THR F 47 -51.33 -10.10 -29.23
C THR F 47 -52.38 -9.23 -28.56
N GLY F 48 -53.60 -9.18 -29.10
CA GLY F 48 -54.71 -8.53 -28.42
C GLY F 48 -54.94 -7.08 -28.77
N VAL F 49 -54.21 -6.52 -29.72
CA VAL F 49 -54.26 -5.10 -30.04
C VAL F 49 -54.55 -4.94 -31.54
N LYS F 50 -55.46 -4.03 -31.86
CA LYS F 50 -55.72 -3.69 -33.26
C LYS F 50 -54.63 -2.75 -33.76
N ILE F 51 -54.14 -3.01 -34.97
CA ILE F 51 -52.96 -2.35 -35.50
C ILE F 51 -53.29 -1.71 -36.84
N HIS F 52 -52.99 -0.42 -36.97
CA HIS F 52 -53.14 0.30 -38.23
C HIS F 52 -51.86 0.15 -39.05
N TYR F 53 -52.02 0.01 -40.37
CA TYR F 53 -50.89 0.02 -41.26
C TYR F 53 -51.35 0.42 -42.66
N VAL F 54 -50.56 1.25 -43.33
CA VAL F 54 -50.73 1.49 -44.76
C VAL F 54 -49.89 0.45 -45.50
N ARG F 55 -50.35 0.08 -46.68
CA ARG F 55 -49.67 -0.93 -47.47
C ARG F 55 -49.79 -0.57 -48.94
N GLU F 56 -48.75 -0.90 -49.71
CA GLU F 56 -48.77 -0.78 -51.15
C GLU F 56 -47.45 -1.31 -51.71
N GLY F 57 -47.50 -1.74 -52.96
CA GLY F 57 -46.33 -2.23 -53.66
C GLY F 57 -46.40 -3.72 -53.94
N SER F 58 -45.42 -4.18 -54.71
CA SER F 58 -45.33 -5.58 -55.11
C SER F 58 -43.88 -6.02 -55.08
N GLY F 59 -43.65 -7.25 -54.62
CA GLY F 59 -42.32 -7.80 -54.49
C GLY F 59 -42.15 -8.43 -53.13
N PRO F 60 -40.91 -8.73 -52.75
CA PRO F 60 -40.65 -9.22 -51.39
C PRO F 60 -41.14 -8.23 -50.36
N PRO F 61 -41.81 -8.68 -49.29
CA PRO F 61 -42.38 -7.74 -48.34
C PRO F 61 -41.30 -6.97 -47.59
N LEU F 62 -41.59 -5.70 -47.30
CA LEU F 62 -40.67 -4.80 -46.62
C LEU F 62 -41.40 -4.11 -45.49
N LEU F 63 -40.94 -4.32 -44.27
CA LEU F 63 -41.56 -3.75 -43.08
C LEU F 63 -40.77 -2.51 -42.65
N LEU F 64 -41.47 -1.39 -42.50
CA LEU F 64 -40.85 -0.12 -42.12
C LEU F 64 -41.49 0.36 -40.81
N LEU F 65 -40.65 0.55 -39.79
CA LEU F 65 -41.11 0.83 -38.43
C LEU F 65 -40.59 2.17 -37.95
N HIS F 66 -41.50 3.01 -37.46
CA HIS F 66 -41.19 4.37 -37.03
C HIS F 66 -40.74 4.39 -35.57
N GLY F 67 -40.46 5.60 -35.07
CA GLY F 67 -40.08 5.81 -33.68
C GLY F 67 -40.77 7.02 -33.09
N TRP F 68 -40.21 7.59 -32.02
CA TRP F 68 -40.78 8.76 -31.39
C TRP F 68 -39.91 9.99 -31.65
N PRO F 69 -40.49 11.12 -32.06
CA PRO F 69 -41.90 11.35 -32.40
C PRO F 69 -42.18 10.76 -33.77
N GLY F 70 -43.19 9.90 -33.92
CA GLY F 70 -43.41 9.35 -35.24
C GLY F 70 -44.71 8.57 -35.33
N PHE F 71 -45.07 8.28 -36.57
CA PHE F 71 -46.10 7.31 -36.92
C PHE F 71 -45.80 6.88 -38.34
N TRP F 72 -46.69 6.05 -38.91
CA TRP F 72 -46.42 5.48 -40.23
C TRP F 72 -46.05 6.56 -41.24
N TRP F 73 -46.70 7.72 -41.16
CA TRP F 73 -46.52 8.76 -42.16
C TRP F 73 -45.11 9.33 -42.17
N GLU F 74 -44.34 9.09 -41.11
CA GLU F 74 -42.91 9.43 -41.13
C GLU F 74 -42.24 8.92 -42.40
N TRP F 75 -42.70 7.79 -42.91
CA TRP F 75 -42.11 7.16 -44.09
C TRP F 75 -42.73 7.66 -45.39
N SER F 76 -43.59 8.67 -45.34
CA SER F 76 -44.40 9.01 -46.50
C SER F 76 -43.54 9.31 -47.73
N LYS F 77 -42.31 9.76 -47.54
CA LYS F 77 -41.49 10.18 -48.66
C LYS F 77 -40.87 9.02 -49.44
N VAL F 78 -40.83 7.81 -48.87
CA VAL F 78 -40.08 6.71 -49.45
C VAL F 78 -40.95 5.49 -49.75
N VAL F 79 -42.26 5.56 -49.49
CA VAL F 79 -43.09 4.37 -49.67
C VAL F 79 -43.29 4.06 -51.15
N ALA F 80 -43.87 5.00 -51.89
CA ALA F 80 -44.12 4.75 -53.31
C ALA F 80 -42.84 4.44 -54.07
N PRO F 81 -41.75 5.18 -53.91
CA PRO F 81 -40.50 4.78 -54.59
C PRO F 81 -40.07 3.36 -54.26
N LEU F 82 -40.09 2.99 -52.97
CA LEU F 82 -39.70 1.64 -52.58
C LEU F 82 -40.68 0.59 -53.10
N ALA F 83 -41.94 0.97 -53.31
CA ALA F 83 -42.97 0.01 -53.70
C ALA F 83 -42.89 -0.40 -55.16
N GLU F 84 -41.94 0.13 -55.93
CA GLU F 84 -41.69 -0.41 -57.27
C GLU F 84 -40.97 -1.75 -57.20
N HIS F 85 -40.29 -2.04 -56.10
CA HIS F 85 -39.54 -3.27 -55.93
C HIS F 85 -39.95 -4.09 -54.71
N PHE F 86 -40.81 -3.54 -53.83
CA PHE F 86 -41.20 -4.22 -52.61
C PHE F 86 -42.69 -4.07 -52.38
N ASP F 87 -43.23 -4.99 -51.58
CA ASP F 87 -44.54 -4.81 -50.95
C ASP F 87 -44.30 -4.16 -49.59
N VAL F 88 -44.60 -2.86 -49.50
CA VAL F 88 -44.19 -2.05 -48.35
C VAL F 88 -45.30 -2.05 -47.31
N ILE F 89 -44.94 -2.35 -46.08
CA ILE F 89 -45.88 -2.39 -44.96
C ILE F 89 -45.38 -1.44 -43.89
N VAL F 90 -46.16 -0.40 -43.62
CA VAL F 90 -45.78 0.62 -42.63
C VAL F 90 -46.82 0.64 -41.52
N PRO F 91 -46.63 -0.09 -40.44
CA PRO F 91 -47.61 -0.09 -39.35
C PRO F 91 -47.39 1.07 -38.39
N ASP F 92 -48.44 1.36 -37.63
CA ASP F 92 -48.34 2.20 -36.45
C ASP F 92 -48.06 1.30 -35.24
N LEU F 93 -47.03 1.64 -34.49
CA LEU F 93 -46.75 0.87 -33.28
C LEU F 93 -47.92 0.97 -32.31
N ARG F 94 -48.18 -0.14 -31.63
CA ARG F 94 -48.99 -0.13 -30.42
C ARG F 94 -48.76 1.17 -29.67
N GLY F 95 -49.82 1.97 -29.49
CA GLY F 95 -49.73 3.22 -28.76
C GLY F 95 -49.42 4.44 -29.58
N PHE F 96 -49.29 4.31 -30.90
CA PHE F 96 -48.92 5.41 -31.76
C PHE F 96 -49.92 5.57 -32.89
N GLY F 97 -49.96 6.79 -33.45
CA GLY F 97 -50.77 7.07 -34.61
C GLY F 97 -52.19 6.57 -34.50
N ASP F 98 -52.53 5.60 -35.36
CA ASP F 98 -53.88 5.09 -35.45
C ASP F 98 -54.05 3.70 -34.86
N SER F 99 -52.97 3.02 -34.49
CA SER F 99 -53.09 1.76 -33.77
C SER F 99 -53.80 2.00 -32.44
N GLU F 100 -54.23 0.91 -31.82
CA GLU F 100 -54.90 1.00 -30.54
C GLU F 100 -53.91 1.38 -29.43
N LYS F 101 -54.41 2.12 -28.45
CA LYS F 101 -53.66 2.40 -27.24
C LYS F 101 -54.14 1.45 -26.16
N PRO F 102 -53.37 0.43 -25.77
CA PRO F 102 -53.77 -0.37 -24.60
C PRO F 102 -54.15 0.54 -23.45
N ASP F 103 -54.94 0.02 -22.50
CA ASP F 103 -55.30 0.78 -21.31
C ASP F 103 -54.16 1.71 -20.92
N LEU F 104 -54.33 3.01 -21.16
CA LEU F 104 -53.25 3.98 -20.95
C LEU F 104 -52.72 3.97 -19.53
N GLY F 105 -53.33 3.21 -18.64
CA GLY F 105 -52.86 3.08 -17.28
C GLY F 105 -52.09 1.80 -17.02
N ASP F 106 -52.16 0.84 -17.94
CA ASP F 106 -51.39 -0.40 -17.82
C ASP F 106 -50.08 -0.20 -18.59
N ILE F 107 -49.03 0.14 -17.85
CA ILE F 107 -47.72 0.37 -18.46
C ILE F 107 -47.15 -0.94 -19.01
N SER F 108 -47.55 -2.08 -18.45
CA SER F 108 -47.00 -3.36 -18.89
C SER F 108 -47.30 -3.63 -20.36
N GLN F 109 -48.32 -2.99 -20.93
CA GLN F 109 -48.69 -3.19 -22.32
C GLN F 109 -47.90 -2.29 -23.28
N TYR F 110 -47.00 -1.45 -22.77
CA TYR F 110 -46.23 -0.53 -23.60
C TYR F 110 -44.75 -0.88 -23.63
N THR F 111 -44.41 -2.13 -23.34
CA THR F 111 -43.03 -2.57 -23.42
C THR F 111 -42.62 -2.72 -24.88
N LEU F 112 -41.35 -2.46 -25.16
CA LEU F 112 -40.83 -2.69 -26.49
C LEU F 112 -40.88 -4.17 -26.87
N ASP F 113 -40.97 -5.06 -25.88
CA ASP F 113 -41.14 -6.48 -26.18
C ASP F 113 -42.52 -6.75 -26.75
N HIS F 114 -43.55 -6.10 -26.21
CA HIS F 114 -44.90 -6.26 -26.78
C HIS F 114 -44.95 -5.69 -28.19
N ALA F 115 -44.35 -4.50 -28.40
CA ALA F 115 -44.27 -3.95 -29.75
C ALA F 115 -43.55 -4.91 -30.70
N THR F 116 -42.60 -5.69 -30.19
CA THR F 116 -41.87 -6.62 -31.04
C THR F 116 -42.74 -7.81 -31.45
N ASP F 117 -43.45 -8.42 -30.48
CA ASP F 117 -44.40 -9.46 -30.81
C ASP F 117 -45.51 -8.96 -31.74
N ASP F 118 -45.79 -7.65 -31.71
CA ASP F 118 -46.80 -7.10 -32.61
C ASP F 118 -46.37 -7.18 -34.06
N GLN F 119 -45.08 -6.97 -34.32
CA GLN F 119 -44.59 -7.07 -35.70
C GLN F 119 -44.62 -8.50 -36.19
N ALA F 120 -44.21 -9.44 -35.35
CA ALA F 120 -44.29 -10.86 -35.72
C ALA F 120 -45.73 -11.27 -35.98
N ALA F 121 -46.63 -10.95 -35.05
CA ALA F 121 -48.02 -11.33 -35.20
C ALA F 121 -48.63 -10.72 -36.46
N LEU F 122 -48.25 -9.47 -36.79
CA LEU F 122 -48.74 -8.86 -38.02
C LEU F 122 -48.36 -9.70 -39.24
N LEU F 123 -47.09 -10.10 -39.33
CA LEU F 123 -46.67 -10.95 -40.43
C LEU F 123 -47.54 -12.21 -40.50
N ASP F 124 -47.82 -12.83 -39.35
CA ASP F 124 -48.70 -14.00 -39.34
C ASP F 124 -50.03 -13.69 -40.00
N GLU F 125 -50.70 -12.62 -39.55
CA GLU F 125 -52.06 -12.36 -40.00
C GLU F 125 -52.11 -12.03 -41.50
N LEU F 126 -51.03 -11.50 -42.06
CA LEU F 126 -50.96 -11.30 -43.51
C LEU F 126 -50.32 -12.48 -44.24
N GLY F 127 -49.91 -13.52 -43.51
CA GLY F 127 -49.39 -14.72 -44.15
C GLY F 127 -48.02 -14.58 -44.75
N ILE F 128 -47.11 -13.84 -44.10
CA ILE F 128 -45.78 -13.61 -44.61
C ILE F 128 -44.80 -14.46 -43.82
N ASP F 129 -44.10 -15.37 -44.51
CA ASP F 129 -43.11 -16.22 -43.84
C ASP F 129 -41.88 -15.42 -43.42
N GLU F 130 -41.33 -14.64 -44.35
CA GLU F 130 -40.14 -13.83 -44.11
C GLU F 130 -40.35 -12.42 -44.65
N ALA F 131 -39.61 -11.47 -44.09
CA ALA F 131 -39.74 -10.09 -44.52
C ALA F 131 -38.41 -9.37 -44.35
N TYR F 132 -38.19 -8.38 -45.22
CA TYR F 132 -37.17 -7.37 -44.97
C TYR F 132 -37.69 -6.42 -43.91
N VAL F 133 -36.77 -5.90 -43.08
CA VAL F 133 -37.12 -5.25 -41.83
C VAL F 133 -36.24 -4.03 -41.65
N VAL F 134 -36.86 -2.86 -41.46
CA VAL F 134 -36.14 -1.61 -41.22
C VAL F 134 -36.74 -0.93 -40.01
N GLY F 135 -35.88 -0.36 -39.17
CA GLY F 135 -36.35 0.37 -38.00
C GLY F 135 -35.33 1.38 -37.53
N HIS F 136 -35.81 2.36 -36.77
CA HIS F 136 -34.94 3.35 -36.14
C HIS F 136 -35.58 3.83 -34.85
N ASP F 137 -34.77 4.43 -33.99
CA ASP F 137 -35.26 5.00 -32.73
C ASP F 137 -35.83 3.85 -31.90
N TYR F 138 -37.02 3.99 -31.30
CA TYR F 138 -37.65 2.86 -30.63
C TYR F 138 -37.68 1.62 -31.52
N ALA F 139 -37.96 1.81 -32.81
CA ALA F 139 -38.01 0.67 -33.72
C ALA F 139 -36.64 0.04 -33.94
N ALA F 140 -35.55 0.78 -33.68
CA ALA F 140 -34.23 0.16 -33.72
C ALA F 140 -34.08 -0.90 -32.65
N ILE F 141 -34.69 -0.70 -31.48
CA ILE F 141 -34.71 -1.74 -30.46
C ILE F 141 -35.66 -2.86 -30.86
N ILE F 142 -36.78 -2.51 -31.49
CA ILE F 142 -37.72 -3.52 -31.96
C ILE F 142 -37.05 -4.44 -32.97
N VAL F 143 -36.22 -3.88 -33.84
CA VAL F 143 -35.52 -4.68 -34.84
C VAL F 143 -34.41 -5.51 -34.17
N HIS F 144 -33.64 -4.88 -33.28
CA HIS F 144 -32.61 -5.62 -32.56
C HIS F 144 -33.20 -6.86 -31.90
N LYS F 145 -34.35 -6.69 -31.23
CA LYS F 145 -35.03 -7.83 -30.63
C LYS F 145 -35.58 -8.78 -31.70
N PHE F 146 -36.19 -8.24 -32.74
CA PHE F 146 -36.89 -9.07 -33.71
C PHE F 146 -35.94 -10.05 -34.40
N ILE F 147 -34.76 -9.60 -34.81
CA ILE F 147 -33.89 -10.41 -35.64
C ILE F 147 -33.22 -11.51 -34.83
N ARG F 148 -33.52 -11.56 -33.52
CA ARG F 148 -32.98 -12.59 -32.65
C ARG F 148 -34.05 -13.54 -32.13
N LYS F 149 -35.16 -13.01 -31.62
CA LYS F 149 -36.28 -13.85 -31.21
C LYS F 149 -36.99 -14.44 -32.41
N PHE F 150 -37.13 -13.67 -33.48
CA PHE F 150 -37.80 -14.12 -34.69
C PHE F 150 -36.81 -14.21 -35.84
N ARG F 151 -35.66 -14.84 -35.59
CA ARG F 151 -34.60 -14.89 -36.60
C ARG F 151 -35.12 -15.42 -37.92
N ASN F 152 -36.03 -16.38 -37.88
CA ASN F 152 -36.53 -17.03 -39.09
C ASN F 152 -37.62 -16.24 -39.80
N ARG F 153 -37.99 -15.07 -39.30
CA ARG F 153 -38.94 -14.19 -39.96
C ARG F 153 -38.26 -13.08 -40.76
N VAL F 154 -36.93 -13.02 -40.73
CA VAL F 154 -36.16 -11.93 -41.32
C VAL F 154 -35.38 -12.48 -42.51
N ILE F 155 -35.46 -11.77 -43.63
CA ILE F 155 -34.59 -12.04 -44.77
C ILE F 155 -33.29 -11.28 -44.53
N LYS F 156 -33.36 -9.95 -44.65
CA LYS F 156 -32.29 -9.07 -44.20
C LYS F 156 -32.89 -7.94 -43.38
N ALA F 157 -32.04 -7.24 -42.64
CA ALA F 157 -32.48 -6.22 -41.71
C ALA F 157 -31.62 -4.97 -41.87
N ALA F 158 -32.26 -3.80 -41.76
CA ALA F 158 -31.57 -2.53 -41.70
C ALA F 158 -31.99 -1.78 -40.44
N ILE F 159 -31.04 -1.08 -39.83
CA ILE F 159 -31.31 -0.24 -38.66
C ILE F 159 -30.63 1.10 -38.88
N PHE F 160 -31.35 2.18 -38.57
CA PHE F 160 -30.81 3.53 -38.63
C PHE F 160 -30.56 4.03 -37.22
N ASP F 161 -29.43 4.72 -37.03
CA ASP F 161 -28.98 5.24 -35.74
C ASP F 161 -29.31 4.23 -34.64
N PRO F 162 -28.74 3.04 -34.69
CA PRO F 162 -29.21 1.95 -33.82
C PRO F 162 -28.95 2.23 -32.35
N ILE F 163 -29.66 1.47 -31.52
CA ILE F 163 -29.59 1.58 -30.07
C ILE F 163 -29.25 0.20 -29.55
N THR F 164 -28.08 0.07 -28.95
CA THR F 164 -27.62 -1.20 -28.42
C THR F 164 -27.96 -1.32 -26.93
N PRO F 165 -27.93 -2.54 -26.39
CA PRO F 165 -28.24 -2.73 -24.96
C PRO F 165 -27.29 -2.01 -24.01
N ASP F 166 -26.13 -1.54 -24.48
CA ASP F 166 -25.20 -0.79 -23.64
C ASP F 166 -25.44 0.72 -23.71
N PHE F 167 -26.57 1.13 -24.27
CA PHE F 167 -26.83 2.53 -24.58
C PHE F 167 -27.21 3.34 -23.35
N GLY F 168 -27.88 2.74 -22.38
CA GLY F 168 -28.30 3.49 -21.20
C GLY F 168 -27.13 4.06 -20.42
N GLU F 169 -26.02 3.31 -20.35
CA GLU F 169 -24.84 3.81 -19.64
C GLU F 169 -24.37 5.13 -20.20
N PHE F 170 -24.64 5.39 -21.48
CA PHE F 170 -24.30 6.65 -22.13
C PHE F 170 -25.48 7.62 -22.15
N TYR F 171 -26.66 7.11 -22.52
CA TYR F 171 -27.86 7.94 -22.61
C TYR F 171 -28.13 8.67 -21.31
N PHE F 172 -27.97 7.99 -20.17
CA PHE F 172 -28.19 8.60 -18.86
C PHE F 172 -26.88 9.01 -18.18
N GLY F 173 -25.76 8.97 -18.91
CA GLY F 173 -24.49 9.40 -18.37
C GLY F 173 -24.26 10.89 -18.58
N ILE F 174 -23.10 11.34 -18.10
CA ILE F 174 -22.67 12.72 -18.26
C ILE F 174 -21.81 12.79 -19.51
N PRO F 175 -22.00 13.77 -20.41
CA PRO F 175 -22.99 14.88 -20.38
C PRO F 175 -24.27 14.66 -21.18
N HIS F 176 -24.61 13.44 -21.59
CA HIS F 176 -25.78 13.27 -22.44
C HIS F 176 -27.10 13.48 -21.71
N VAL F 177 -27.07 13.66 -20.39
CA VAL F 177 -28.30 13.97 -19.65
C VAL F 177 -28.92 15.25 -20.19
N SER F 178 -28.09 16.15 -20.74
CA SER F 178 -28.61 17.34 -21.38
C SER F 178 -29.51 17.01 -22.57
N GLU F 179 -29.40 15.80 -23.11
CA GLU F 179 -30.16 15.38 -24.28
C GLU F 179 -31.26 14.37 -23.98
N SER F 180 -31.10 13.57 -22.93
CA SER F 180 -32.08 12.56 -22.56
C SER F 180 -33.11 13.06 -21.56
N TRP F 181 -33.10 14.36 -21.24
CA TRP F 181 -34.02 14.90 -20.24
C TRP F 181 -35.47 14.59 -20.57
N TYR F 182 -35.79 14.44 -21.86
CA TYR F 182 -37.19 14.27 -22.27
C TYR F 182 -37.75 12.92 -21.86
N SER F 183 -36.89 11.90 -21.72
CA SER F 183 -37.36 10.60 -21.29
C SER F 183 -37.87 10.65 -19.85
N GLN F 184 -37.27 11.49 -19.00
CA GLN F 184 -37.69 11.62 -17.62
C GLN F 184 -38.81 12.64 -17.46
N PHE F 185 -38.84 13.66 -18.31
CA PHE F 185 -39.98 14.57 -18.35
C PHE F 185 -41.28 13.80 -18.62
N HIS F 186 -41.24 12.87 -19.57
CA HIS F 186 -42.44 12.13 -19.96
C HIS F 186 -42.97 11.25 -18.83
N GLN F 187 -42.16 10.97 -17.80
CA GLN F 187 -42.63 10.15 -16.70
C GLN F 187 -43.77 10.81 -15.94
N THR F 188 -43.87 12.14 -16.01
CA THR F 188 -44.78 12.87 -15.15
C THR F 188 -46.19 12.89 -15.71
N ASP F 189 -47.15 13.13 -14.82
CA ASP F 189 -48.49 13.47 -15.27
C ASP F 189 -48.50 14.78 -16.03
N MET F 190 -47.76 15.77 -15.53
CA MET F 190 -47.83 17.11 -16.10
C MET F 190 -47.41 17.14 -17.56
N SER F 191 -46.46 16.28 -17.95
CA SER F 191 -45.97 16.31 -19.33
C SER F 191 -47.12 16.11 -20.33
N VAL F 192 -48.10 15.27 -19.98
CA VAL F 192 -49.23 15.04 -20.87
C VAL F 192 -50.21 16.20 -20.80
N GLU F 193 -50.36 16.81 -19.63
CA GLU F 193 -51.27 17.94 -19.49
C GLU F 193 -50.83 19.11 -20.36
N LEU F 194 -49.53 19.42 -20.31
CA LEU F 194 -49.03 20.63 -20.97
C LEU F 194 -48.97 20.43 -22.48
N VAL F 195 -48.30 19.38 -22.95
CA VAL F 195 -48.12 19.19 -24.38
C VAL F 195 -49.45 18.92 -25.07
N SER F 196 -50.43 18.36 -24.35
CA SER F 196 -51.72 18.01 -24.93
C SER F 196 -52.78 19.06 -24.68
N SER F 197 -52.48 20.12 -23.94
CA SER F 197 -53.46 21.16 -23.65
C SER F 197 -54.04 21.73 -24.95
N SER F 198 -53.22 22.43 -25.72
CA SER F 198 -53.65 23.03 -26.97
C SER F 198 -52.80 22.52 -28.13
N ARG F 199 -53.32 22.69 -29.35
CA ARG F 199 -52.53 22.39 -30.54
C ARG F 199 -51.24 23.20 -30.56
N THR F 200 -51.26 24.40 -29.98
CA THR F 200 -50.08 25.25 -30.01
C THR F 200 -48.96 24.69 -29.14
N ALA F 201 -49.29 24.24 -27.92
CA ALA F 201 -48.29 23.61 -27.07
C ALA F 201 -47.78 22.33 -27.70
N CYS F 202 -48.66 21.59 -28.39
CA CYS F 202 -48.24 20.38 -29.07
C CYS F 202 -47.21 20.70 -30.16
N LYS F 203 -47.54 21.68 -31.02
CA LYS F 203 -46.61 22.06 -32.08
C LYS F 203 -45.28 22.54 -31.52
N ILE F 204 -45.32 23.37 -30.47
CA ILE F 204 -44.09 23.89 -29.90
C ILE F 204 -43.23 22.76 -29.36
N TYR F 205 -43.84 21.82 -28.64
CA TYR F 205 -43.07 20.74 -28.02
C TYR F 205 -42.41 19.87 -29.08
N PHE F 206 -43.22 19.33 -30.00
CA PHE F 206 -42.69 18.35 -30.95
C PHE F 206 -41.77 19.00 -31.97
N THR F 207 -41.94 20.30 -32.25
CA THR F 207 -41.04 20.97 -33.19
C THR F 207 -39.60 20.95 -32.70
N HIS F 208 -39.39 21.04 -31.39
CA HIS F 208 -38.02 21.11 -30.88
C HIS F 208 -37.24 19.85 -31.22
N PHE F 209 -37.89 18.70 -31.22
CA PHE F 209 -37.18 17.44 -31.44
C PHE F 209 -36.95 17.19 -32.93
N MET F 210 -37.91 17.55 -33.78
CA MET F 210 -37.72 17.34 -35.21
C MET F 210 -36.53 18.12 -35.73
N ASN F 211 -36.31 19.33 -35.20
CA ASN F 211 -35.23 20.18 -35.68
C ASN F 211 -33.91 19.91 -34.96
N HIS F 212 -33.95 19.82 -33.63
CA HIS F 212 -32.71 19.63 -32.87
C HIS F 212 -32.07 18.28 -33.20
N TRP F 213 -32.89 17.25 -33.39
CA TRP F 213 -32.38 15.94 -33.77
C TRP F 213 -31.98 15.84 -35.23
N SER F 214 -32.23 16.88 -36.02
CA SER F 214 -31.92 16.88 -37.44
C SER F 214 -30.64 17.65 -37.72
N TYR F 215 -29.95 17.27 -38.79
CA TYR F 215 -28.73 17.96 -39.18
C TYR F 215 -29.02 19.39 -39.63
N ARG F 216 -30.04 19.57 -40.45
CA ARG F 216 -30.43 20.91 -40.87
C ARG F 216 -31.28 21.56 -39.79
N ASP F 217 -31.59 22.83 -40.00
CA ASP F 217 -32.23 23.62 -38.94
C ASP F 217 -33.73 23.38 -38.88
N GLU F 218 -34.36 23.03 -40.00
CA GLU F 218 -35.79 22.78 -40.05
C GLU F 218 -36.03 21.47 -40.78
N LEU F 219 -36.64 20.50 -40.10
CA LEU F 219 -36.88 19.20 -40.71
C LEU F 219 -38.13 19.22 -41.59
N LEU F 220 -39.26 19.66 -41.03
CA LEU F 220 -40.54 19.58 -41.70
C LEU F 220 -41.00 20.96 -42.17
N THR F 221 -41.78 20.98 -43.24
CA THR F 221 -42.54 22.17 -43.59
C THR F 221 -43.62 22.41 -42.55
N ASP F 222 -44.32 23.53 -42.68
CA ASP F 222 -45.40 23.82 -41.75
C ASP F 222 -46.61 22.94 -42.02
N ASP F 223 -46.93 22.72 -43.30
CA ASP F 223 -47.95 21.74 -43.64
C ASP F 223 -47.63 20.39 -43.01
N GLU F 224 -46.40 19.92 -43.22
CA GLU F 224 -46.00 18.64 -42.64
C GLU F 224 -46.09 18.68 -41.12
N MET F 225 -45.65 19.78 -40.50
CA MET F 225 -45.70 19.86 -39.04
C MET F 225 -47.15 19.91 -38.54
N GLU F 226 -48.08 20.38 -39.37
CA GLU F 226 -49.47 20.39 -38.96
C GLU F 226 -50.10 19.01 -39.06
N ILE F 227 -49.63 18.16 -39.97
CA ILE F 227 -50.13 16.79 -40.03
C ILE F 227 -49.69 16.00 -38.81
N TYR F 228 -48.45 16.22 -38.35
CA TYR F 228 -47.97 15.55 -37.15
C TYR F 228 -48.80 15.94 -35.94
N VAL F 229 -49.08 17.25 -35.79
CA VAL F 229 -49.92 17.70 -34.68
C VAL F 229 -51.30 17.04 -34.76
N ASP F 230 -51.89 17.03 -35.98
CA ASP F 230 -53.13 16.31 -36.19
C ASP F 230 -53.05 14.92 -35.58
N ASN F 231 -51.89 14.28 -35.74
CA ASN F 231 -51.72 12.90 -35.28
C ASN F 231 -51.60 12.84 -33.77
N PHE F 232 -50.76 13.69 -33.18
CA PHE F 232 -50.54 13.64 -31.75
C PHE F 232 -51.65 14.30 -30.95
N MET F 233 -52.57 15.02 -31.60
CA MET F 233 -53.76 15.48 -30.91
C MET F 233 -54.88 14.44 -30.93
N LYS F 234 -54.74 13.39 -31.74
CA LYS F 234 -55.69 12.30 -31.69
C LYS F 234 -55.68 11.67 -30.29
N ALA F 235 -56.84 11.14 -29.89
CA ALA F 235 -57.03 10.67 -28.53
C ALA F 235 -55.89 9.77 -28.08
N GLY F 236 -55.37 10.05 -26.88
CA GLY F 236 -54.40 9.18 -26.23
C GLY F 236 -53.09 9.00 -26.94
N ASN F 237 -52.75 9.84 -27.92
CA ASN F 237 -51.53 9.64 -28.69
C ASN F 237 -50.32 10.25 -28.00
N ILE F 238 -50.44 11.47 -27.47
CA ILE F 238 -49.36 12.02 -26.64
C ILE F 238 -49.12 11.12 -25.44
N HIS F 239 -50.21 10.75 -24.76
CA HIS F 239 -50.09 9.96 -23.53
C HIS F 239 -49.55 8.56 -23.83
N GLY F 240 -50.00 7.95 -24.92
CA GLY F 240 -49.51 6.63 -25.27
C GLY F 240 -48.05 6.63 -25.70
N GLY F 241 -47.60 7.70 -26.36
CA GLY F 241 -46.19 7.79 -26.70
C GLY F 241 -45.32 7.89 -25.46
N PHE F 242 -45.70 8.76 -24.53
CA PHE F 242 -44.93 8.90 -23.30
C PHE F 242 -44.90 7.60 -22.51
N ASN F 243 -45.91 6.75 -22.69
CA ASN F 243 -45.96 5.49 -21.95
C ASN F 243 -44.80 4.59 -22.34
N TYR F 244 -44.37 4.62 -23.60
CA TYR F 244 -43.18 3.88 -23.98
C TYR F 244 -41.99 4.25 -23.10
N TYR F 245 -41.90 5.53 -22.72
CA TYR F 245 -40.80 5.97 -21.88
C TYR F 245 -40.96 5.50 -20.44
N ARG F 246 -42.20 5.30 -20.00
CA ARG F 246 -42.44 4.79 -18.65
C ARG F 246 -42.23 3.29 -18.57
N ALA F 247 -42.55 2.55 -19.63
CA ALA F 247 -42.36 1.12 -19.64
C ALA F 247 -40.92 0.72 -19.91
N ASN F 248 -40.18 1.53 -20.67
CA ASN F 248 -38.88 1.14 -21.18
C ASN F 248 -37.72 2.03 -20.77
N LEU F 249 -37.97 3.25 -20.29
CA LEU F 249 -36.89 4.18 -20.01
C LEU F 249 -37.00 4.87 -18.65
N SER F 250 -37.85 4.38 -17.75
CA SER F 250 -37.80 4.86 -16.38
C SER F 250 -36.57 4.27 -15.68
N MET F 251 -36.30 4.78 -14.47
CA MET F 251 -35.15 4.29 -13.73
C MET F 251 -35.34 2.86 -13.22
N THR F 252 -36.57 2.33 -13.29
CA THR F 252 -36.84 0.96 -12.88
C THR F 252 -37.06 0.01 -14.05
N SER F 253 -37.13 0.54 -15.28
CA SER F 253 -37.41 -0.30 -16.43
C SER F 253 -36.20 -1.15 -16.80
N ALA F 254 -36.48 -2.34 -17.32
CA ALA F 254 -35.44 -3.27 -17.79
C ALA F 254 -35.91 -3.86 -19.11
N PRO F 255 -35.80 -3.11 -20.21
CA PRO F 255 -36.41 -3.55 -21.47
C PRO F 255 -35.61 -4.57 -22.24
N TRP F 256 -34.34 -4.79 -21.88
CA TRP F 256 -33.50 -5.75 -22.59
C TRP F 256 -33.56 -7.11 -21.93
N ASN F 257 -33.30 -8.14 -22.73
CA ASN F 257 -33.26 -9.52 -22.27
C ASN F 257 -31.87 -10.09 -22.53
N GLU F 258 -31.54 -11.19 -21.82
CA GLU F 258 -30.27 -11.84 -22.04
C GLU F 258 -30.08 -12.25 -23.49
N LEU F 259 -31.18 -12.45 -24.24
CA LEU F 259 -31.06 -12.77 -25.65
C LEU F 259 -30.51 -11.59 -26.45
N ASP F 260 -31.00 -10.38 -26.17
CA ASP F 260 -30.56 -9.20 -26.90
C ASP F 260 -29.05 -8.99 -26.84
N ASP F 261 -28.35 -9.67 -25.93
CA ASP F 261 -26.89 -9.64 -25.92
C ASP F 261 -26.28 -10.57 -26.96
N GLU F 262 -27.03 -11.57 -27.41
CA GLU F 262 -26.49 -12.53 -28.37
C GLU F 262 -26.05 -11.83 -29.65
N VAL F 263 -24.78 -12.04 -30.03
CA VAL F 263 -24.32 -11.57 -31.32
C VAL F 263 -25.09 -12.32 -32.41
N THR F 264 -25.23 -11.69 -33.56
CA THR F 264 -25.96 -12.27 -34.68
C THR F 264 -25.19 -12.07 -35.97
N ASP F 265 -25.14 -13.11 -36.78
CA ASP F 265 -24.52 -13.07 -38.10
C ASP F 265 -25.53 -12.84 -39.21
N LEU F 266 -26.76 -12.47 -38.85
CA LEU F 266 -27.74 -12.08 -39.85
C LEU F 266 -27.22 -10.89 -40.64
N PRO F 267 -27.47 -10.80 -41.95
CA PRO F 267 -26.98 -9.66 -42.73
C PRO F 267 -27.73 -8.39 -42.34
N VAL F 268 -26.98 -7.38 -41.87
CA VAL F 268 -27.57 -6.17 -41.33
C VAL F 268 -26.94 -4.96 -42.00
N THR F 269 -27.78 -4.03 -42.48
CA THR F 269 -27.35 -2.76 -43.04
C THR F 269 -27.58 -1.66 -42.01
N ILE F 270 -26.51 -0.96 -41.62
CA ILE F 270 -26.60 0.12 -40.63
C ILE F 270 -26.33 1.45 -41.32
N LEU F 271 -27.27 2.37 -41.20
CA LEU F 271 -27.08 3.76 -41.58
C LEU F 271 -27.06 4.62 -40.32
N TRP F 272 -26.16 5.61 -40.29
CA TRP F 272 -26.08 6.54 -39.16
C TRP F 272 -25.99 7.96 -39.68
N GLY F 273 -26.97 8.78 -39.31
CA GLY F 273 -26.89 10.21 -39.57
C GLY F 273 -25.97 10.86 -38.55
N GLN F 274 -25.00 11.63 -39.04
CA GLN F 274 -23.99 12.20 -38.16
C GLN F 274 -24.46 13.45 -37.43
N GLY F 275 -25.57 14.05 -37.85
CA GLY F 275 -26.10 15.22 -37.16
C GLY F 275 -27.15 14.87 -36.13
N ASP F 276 -27.21 13.60 -35.74
CA ASP F 276 -28.17 13.14 -34.74
C ASP F 276 -27.63 13.46 -33.34
N THR F 277 -28.28 14.39 -32.65
CA THR F 277 -27.78 14.83 -31.34
C THR F 277 -28.19 13.89 -30.22
N VAL F 278 -29.28 13.14 -30.38
CA VAL F 278 -29.77 12.28 -29.31
C VAL F 278 -29.17 10.87 -29.38
N VAL F 279 -28.91 10.36 -30.58
CA VAL F 279 -28.23 9.07 -30.76
C VAL F 279 -27.00 9.32 -31.60
N PRO F 280 -25.91 9.82 -31.03
CA PRO F 280 -24.76 10.23 -31.84
C PRO F 280 -24.08 9.06 -32.51
N SER F 281 -23.45 9.34 -33.65
CA SER F 281 -22.78 8.30 -34.42
C SER F 281 -21.46 7.87 -33.78
N LEU F 282 -20.97 8.58 -32.77
CA LEU F 282 -19.79 8.09 -32.06
C LEU F 282 -20.04 6.73 -31.45
N LEU F 283 -21.31 6.35 -31.23
CA LEU F 283 -21.67 5.07 -30.65
C LEU F 283 -21.46 3.89 -31.58
N ALA F 284 -21.02 4.11 -32.82
CA ALA F 284 -20.90 3.00 -33.78
C ALA F 284 -19.75 2.07 -33.44
N ASP F 285 -18.83 2.46 -32.57
CA ASP F 285 -17.76 1.57 -32.16
C ASP F 285 -18.26 0.40 -31.33
N ARG F 286 -19.51 0.44 -30.85
CA ARG F 286 -20.08 -0.64 -30.06
C ARG F 286 -20.77 -1.70 -30.91
N LEU F 287 -20.99 -1.43 -32.20
CA LEU F 287 -21.70 -2.40 -33.04
C LEU F 287 -21.05 -3.78 -33.09
N PRO F 288 -19.72 -3.93 -33.03
CA PRO F 288 -19.15 -5.28 -33.09
C PRO F 288 -19.50 -6.15 -31.89
N LYS F 289 -19.89 -5.56 -30.76
CA LYS F 289 -20.30 -6.37 -29.63
C LYS F 289 -21.54 -7.21 -29.97
N TYR F 290 -22.34 -6.75 -30.93
CA TYR F 290 -23.66 -7.31 -31.17
C TYR F 290 -23.88 -7.83 -32.57
N TYR F 291 -23.01 -7.52 -33.53
CA TYR F 291 -23.22 -7.91 -34.92
C TYR F 291 -21.90 -8.33 -35.54
N SER F 292 -21.90 -9.49 -36.20
CA SER F 292 -20.71 -10.02 -36.84
C SER F 292 -20.71 -9.90 -38.35
N ASN F 293 -21.82 -9.45 -38.96
CA ASN F 293 -21.95 -9.41 -40.42
C ASN F 293 -22.85 -8.24 -40.79
N TYR F 294 -22.31 -7.03 -40.68
CA TYR F 294 -23.07 -5.82 -40.96
C TYR F 294 -22.20 -4.85 -41.78
N THR F 295 -22.86 -3.83 -42.31
CA THR F 295 -22.19 -2.70 -42.94
C THR F 295 -22.58 -1.42 -42.20
N LEU F 296 -21.64 -0.49 -42.14
CA LEU F 296 -21.84 0.82 -41.55
C LEU F 296 -21.72 1.89 -42.63
N GLU F 297 -22.63 2.86 -42.60
CA GLU F 297 -22.54 4.03 -43.45
C GLU F 297 -22.80 5.28 -42.62
N ILE F 298 -21.93 6.28 -42.79
CA ILE F 298 -22.07 7.57 -42.13
C ILE F 298 -22.50 8.58 -43.18
N VAL F 299 -23.51 9.39 -42.85
CA VAL F 299 -24.01 10.43 -43.73
C VAL F 299 -23.77 11.77 -43.05
N GLU F 300 -22.96 12.62 -43.69
CA GLU F 300 -22.55 13.87 -43.06
C GLU F 300 -23.75 14.75 -42.71
N ASP F 301 -24.75 14.79 -43.59
CA ASP F 301 -25.84 15.75 -43.50
C ASP F 301 -27.18 15.07 -43.21
N ALA F 302 -27.18 14.09 -42.30
CA ALA F 302 -28.40 13.47 -41.83
C ALA F 302 -28.36 13.38 -40.32
N GLY F 303 -29.53 13.53 -39.70
CA GLY F 303 -29.66 13.38 -38.26
C GLY F 303 -30.49 12.17 -37.90
N HIS F 304 -31.40 12.34 -36.94
CA HIS F 304 -32.15 11.22 -36.38
C HIS F 304 -33.23 10.70 -37.33
N PHE F 305 -33.63 11.49 -38.32
CA PHE F 305 -34.73 11.13 -39.22
C PHE F 305 -34.19 11.02 -40.65
N MET F 306 -33.61 9.86 -40.96
CA MET F 306 -33.02 9.66 -42.28
C MET F 306 -34.09 9.67 -43.37
N MET F 307 -35.23 9.03 -43.11
CA MET F 307 -36.26 8.91 -44.14
C MET F 307 -36.92 10.24 -44.45
N VAL F 308 -36.89 11.20 -43.53
CA VAL F 308 -37.50 12.51 -43.77
C VAL F 308 -36.48 13.50 -44.32
N GLU F 309 -35.26 13.48 -43.79
CA GLU F 309 -34.23 14.43 -44.19
C GLU F 309 -33.46 13.98 -45.43
N LYS F 310 -33.29 12.67 -45.62
CA LYS F 310 -32.55 12.12 -46.76
C LYS F 310 -33.32 10.95 -47.36
N PRO F 311 -34.54 11.19 -47.82
CA PRO F 311 -35.31 10.08 -48.41
C PRO F 311 -34.59 9.37 -49.53
N ASP F 312 -33.79 10.07 -50.33
CA ASP F 312 -33.12 9.44 -51.45
C ASP F 312 -32.11 8.39 -50.99
N ILE F 313 -31.42 8.65 -49.88
CA ILE F 313 -30.47 7.66 -49.36
C ILE F 313 -31.22 6.41 -48.90
N VAL F 314 -32.32 6.59 -48.17
CA VAL F 314 -33.09 5.43 -47.69
C VAL F 314 -33.54 4.57 -48.86
N ILE F 315 -34.04 5.21 -49.93
CA ILE F 315 -34.51 4.46 -51.09
C ILE F 315 -33.34 3.72 -51.74
N GLU F 316 -32.31 4.45 -52.16
CA GLU F 316 -31.20 3.83 -52.88
C GLU F 316 -30.58 2.71 -52.07
N ARG F 317 -30.28 2.95 -50.79
CA ARG F 317 -29.58 1.96 -49.99
C ARG F 317 -30.44 0.73 -49.73
N LEU F 318 -31.71 0.93 -49.36
CA LEU F 318 -32.58 -0.21 -49.10
C LEU F 318 -32.79 -1.05 -50.35
N THR F 319 -33.00 -0.39 -51.50
CA THR F 319 -33.24 -1.12 -52.74
C THR F 319 -32.04 -1.94 -53.15
N ALA F 320 -30.83 -1.47 -52.84
CA ALA F 320 -29.62 -2.15 -53.28
C ALA F 320 -29.26 -3.31 -52.36
N ALA F 321 -29.49 -3.16 -51.05
CA ALA F 321 -29.09 -4.18 -50.10
C ALA F 321 -30.08 -5.34 -50.04
N PHE F 322 -31.35 -5.10 -50.36
CA PHE F 322 -32.38 -6.14 -50.33
C PHE F 322 -32.62 -6.72 -51.72
N LYS F 323 -31.55 -6.95 -52.48
CA LYS F 323 -31.65 -7.46 -53.84
C LYS F 323 -31.66 -8.98 -53.86
C1 GOL G . 4.75 -12.70 14.83
O1 GOL G . 4.06 -12.56 16.05
C2 GOL G . 3.86 -12.19 13.70
O2 GOL G . 2.81 -13.10 13.46
C3 GOL G . 4.64 -12.06 12.39
O3 GOL G . 3.84 -11.35 11.47
H11 GOL G . 5.56 -12.18 14.87
H12 GOL G . 4.95 -13.64 14.69
HO1 GOL G . 4.30 -13.17 16.59
H2 GOL G . 3.47 -11.34 13.97
HO2 GOL G . 2.24 -13.03 14.10
H31 GOL G . 5.46 -11.56 12.55
H32 GOL G . 4.85 -12.94 12.04
HO3 GOL G . 3.09 -11.75 11.39
MG MG H . -3.01 -23.22 24.73
C1 8K6 I . -4.04 -4.16 5.70
C2 8K6 I . -2.59 -4.26 6.19
C3 8K6 I . -2.17 -2.97 6.88
C4 8K6 I . -0.66 -2.97 7.10
C5 8K6 I . -0.06 -4.33 6.72
C6 8K6 I . 1.26 -4.51 7.47
C7 8K6 I . 1.92 -5.85 7.13
C8 8K6 I . 0.93 -6.85 6.54
C9 8K6 I . 1.46 -8.28 6.74
C1 GOL J . -16.56 1.96 23.86
O1 GOL J . -17.21 1.56 22.69
C2 GOL J . -15.05 1.89 23.62
O2 GOL J . -14.70 3.10 23.00
C3 GOL J . -14.24 1.69 24.89
O3 GOL J . -13.68 2.90 25.30
H11 GOL J . -16.81 2.87 24.09
H12 GOL J . -16.80 1.37 24.60
HO1 GOL J . -17.81 0.99 22.88
H2 GOL J . -14.84 1.16 23.01
HO2 GOL J . -14.39 3.63 23.59
H31 GOL J . -13.53 1.05 24.72
H32 GOL J . -14.82 1.35 25.59
HO3 GOL J . -13.42 2.84 26.12
C1 8K6 K . -18.48 -8.13 13.61
C2 8K6 K . -17.56 -7.50 14.65
C3 8K6 K . -18.09 -7.77 16.07
C4 8K6 K . -19.09 -6.69 16.50
C5 8K6 K . -18.76 -6.20 17.90
C6 8K6 K . -19.84 -5.26 18.45
C7 8K6 K . -19.85 -3.93 17.69
H21C 8K6 K . -16.66 -7.89 14.57
H22C 8K6 K . -17.51 -6.54 14.50
H31C 8K6 K . -18.52 -8.63 16.09
H32C 8K6 K . -17.35 -7.76 16.69
H41C 8K6 K . -19.99 -7.06 16.49
H42C 8K6 K . -19.05 -5.95 15.88
H51C 8K6 K . -18.68 -6.96 18.50
H52C 8K6 K . -17.91 -5.73 17.88
H61C 8K6 K . -20.70 -5.68 18.35
H62C 8K6 K . -19.67 -5.08 19.38
H71C 8K6 K . -18.95 -3.73 17.36
H72C 8K6 K . -20.46 -3.99 16.95
C1 GOL L . 60.21 -16.94 22.34
O1 GOL L . 61.25 -17.87 22.41
C2 GOL L . 60.60 -15.70 23.13
O2 GOL L . 61.69 -15.11 22.49
C3 GOL L . 59.47 -14.67 23.18
O3 GOL L . 59.72 -13.81 24.26
H11 GOL L . 60.05 -16.71 21.41
H12 GOL L . 59.40 -17.33 22.71
HO1 GOL L . 61.76 -17.79 21.73
H2 GOL L . 60.85 -15.96 24.02
HO2 GOL L . 62.40 -15.27 22.93
H31 GOL L . 59.46 -14.15 22.35
H32 GOL L . 58.62 -15.12 23.30
HO3 GOL L . 59.03 -13.31 24.38
S SO4 M . 46.23 1.28 40.36
O1 SO4 M . 44.96 1.74 39.73
O2 SO4 M . 47.35 2.19 39.95
O3 SO4 M . 46.09 1.31 41.86
O4 SO4 M . 46.53 -0.11 39.90
C1 8K6 N . 63.90 -23.64 22.63
C2 8K6 N . 64.47 -24.14 23.94
C3 8K6 N . 63.35 -24.67 24.83
C4 8K6 N . 63.77 -24.66 26.29
C5 8K6 N . 64.80 -25.76 26.58
C6 8K6 N . 65.72 -25.35 27.73
C7 8K6 N . 67.12 -25.05 27.23
C8 8K6 N . 67.91 -26.34 27.02
C9 8K6 N . 69.41 -26.05 26.96
C10 8K6 N . 69.76 -25.28 25.69
H21C 8K6 N . 64.93 -23.42 24.39
H22C 8K6 N . 65.11 -24.86 23.75
H31C 8K6 N . 62.56 -24.11 24.71
H32C 8K6 N . 63.14 -25.58 24.55
H41C 8K6 N . 62.99 -24.81 26.85
H42C 8K6 N . 64.15 -23.80 26.51
H51C 8K6 N . 64.33 -26.58 26.81
H52C 8K6 N . 65.34 -25.90 25.78
H61C 8K6 N . 65.35 -24.57 28.18
H62C 8K6 N . 65.76 -26.09 28.37
H71C 8K6 N . 67.06 -24.57 26.39
H72C 8K6 N . 67.58 -24.49 27.89
H81C 8K6 N . 67.73 -26.94 27.77
H82C 8K6 N . 67.63 -26.75 26.19
H91C 8K6 N . 69.67 -25.53 27.73
H92C 8K6 N . 69.89 -26.89 26.96
H101 8K6 N . 69.78 -24.33 25.89
H102 8K6 N . 69.12 -25.47 24.99
C1 GOL O . 20.44 -7.21 -26.55
O1 GOL O . 19.61 -6.41 -25.77
C2 GOL O . 20.60 -6.54 -27.91
O2 GOL O . 21.35 -5.36 -27.75
C3 GOL O . 21.34 -7.43 -28.91
O3 GOL O . 21.84 -6.60 -29.92
H11 GOL O . 21.30 -7.30 -26.13
H12 GOL O . 20.04 -8.09 -26.66
HO1 GOL O . 19.77 -6.55 -24.95
H2 GOL O . 19.73 -6.30 -28.26
HO2 GOL O . 21.03 -4.91 -27.11
H31 GOL O . 22.06 -7.89 -28.46
H32 GOL O . 20.72 -8.08 -29.29
HO3 GOL O . 22.66 -6.79 -30.05
C1 GOL P . 22.15 -7.69 -4.74
O1 GOL P . 21.64 -6.44 -4.35
C2 GOL P . 21.94 -8.66 -3.57
O2 GOL P . 21.34 -9.82 -4.08
C3 GOL P . 23.25 -9.08 -2.88
O3 GOL P . 23.15 -10.44 -2.54
H11 GOL P . 21.67 -8.01 -5.52
H12 GOL P . 23.09 -7.61 -4.94
HO1 GOL P . 20.84 -6.53 -4.06
H2 GOL P . 21.35 -8.25 -2.92
HO2 GOL P . 20.68 -9.61 -4.57
H31 GOL P . 23.99 -8.93 -3.48
H32 GOL P . 23.37 -8.55 -2.08
HO3 GOL P . 23.94 -10.77 -2.51
MG MG Q . 30.98 3.18 -38.25
C1 8K6 R . 7.66 -2.33 -23.80
C2 8K6 R . 7.54 -3.78 -23.35
C3 8K6 R . 7.98 -4.72 -24.49
C4 8K6 R . 8.75 -5.92 -23.93
C5 8K6 R . 10.25 -5.65 -24.06
C6 8K6 R . 11.07 -6.89 -23.67
C7 8K6 R . 12.15 -6.52 -22.65
C8 8K6 R . 13.18 -5.58 -23.25
C9 8K6 R . 14.31 -5.28 -22.25
C10 8K6 R . 13.83 -4.29 -21.18
H21C 8K6 R . 8.11 -3.93 -22.59
H31C 8K6 R . 7.19 -5.03 -24.96
H32C 8K6 R . 8.55 -4.22 -25.10
H41C 8K6 R . 8.51 -6.71 -24.44
H42C 8K6 R . 8.52 -6.05 -23.00
H51C 8K6 R . 10.46 -5.42 -24.97
H52C 8K6 R . 10.49 -4.93 -23.47
H61C 8K6 R . 10.48 -7.56 -23.28
H62C 8K6 R . 11.49 -7.25 -24.46
H71C 8K6 R . 11.73 -6.09 -21.88
H72C 8K6 R . 12.59 -7.33 -22.35
H81C 8K6 R . 13.55 -5.99 -24.04
H82C 8K6 R . 12.74 -4.74 -23.48
H91C 8K6 R . 14.57 -6.11 -21.82
H92C 8K6 R . 15.06 -4.91 -22.73
H101 8K6 R . 13.43 -4.77 -20.45
H102 8K6 R . 13.18 -3.68 -21.57
C1 GOL S . -32.77 24.81 -8.05
O1 GOL S . -33.94 24.05 -8.09
C2 GOL S . -31.64 23.89 -7.59
O2 GOL S . -31.64 22.77 -8.43
C3 GOL S . -30.26 24.56 -7.66
O3 GOL S . -29.29 23.56 -7.51
H11 GOL S . -32.57 25.16 -8.94
H12 GOL S . -32.87 25.55 -7.43
HO1 GOL S . -34.53 24.44 -7.61
H2 GOL S . -31.81 23.61 -6.67
HO2 GOL S . -32.19 22.90 -9.07
H31 GOL S . -30.16 24.98 -8.51
H32 GOL S . -30.19 25.21 -6.95
HO3 GOL S . -29.21 23.13 -8.23
C1 8K6 T . -23.08 22.05 -10.39
C2 8K6 T . -23.25 20.92 -11.41
C3 8K6 T . -22.88 21.45 -12.80
C4 8K6 T . -21.74 20.64 -13.41
C5 8K6 T . -22.31 19.47 -14.21
C6 8K6 T . -21.20 18.62 -14.80
C7 8K6 T . -20.44 17.80 -13.76
C8 8K6 T . -21.36 16.81 -13.04
C9 8K6 T . -20.74 15.40 -13.00
C10 8K6 T . -19.60 15.33 -11.99
C11 8K6 T . -20.11 14.82 -10.64
H21C 8K6 T . -22.66 20.18 -11.17
H31C 8K6 T . -23.65 21.40 -13.37
H32C 8K6 T . -22.59 22.38 -12.71
H41C 8K6 T . -21.16 20.29 -12.71
H42C 8K6 T . -21.22 21.21 -14.00
H51C 8K6 T . -22.85 18.92 -13.62
H52C 8K6 T . -22.87 19.81 -14.92
H61C 8K6 T . -21.59 18.00 -15.44
H62C 8K6 T . -20.57 19.19 -15.26
H71C 8K6 T . -19.73 17.31 -14.19
H72C 8K6 T . -20.07 18.40 -13.10
H81C 8K6 T . -21.51 17.11 -12.14
H82C 8K6 T . -22.21 16.76 -13.52
H91C 8K6 T . -21.43 14.77 -12.75
H92C 8K6 T . -20.40 15.18 -13.88
H101 8K6 T . -19.20 16.20 -11.88
H102 8K6 T . -18.92 14.71 -12.33
H111 8K6 T . -19.41 14.94 -9.97
H112 8K6 T . -20.89 15.32 -10.39
C1 GOL U . -36.74 7.13 -28.02
O1 GOL U . -36.45 8.35 -28.63
C2 GOL U . -35.50 6.64 -27.27
O2 GOL U . -34.36 7.16 -27.91
C3 GOL U . -35.38 5.12 -27.26
O3 GOL U . -34.32 4.77 -26.40
H11 GOL U . -37.47 7.25 -27.40
H12 GOL U . -36.99 6.48 -28.70
HO1 GOL U . -36.98 8.95 -28.34
H2 GOL U . -35.54 6.96 -26.36
HO2 GOL U . -34.30 7.99 -27.74
H31 GOL U . -36.20 4.73 -26.94
H32 GOL U . -35.19 4.79 -28.16
HO3 GOL U . -33.61 5.17 -26.65
S SO4 V . -38.71 -18.16 -35.37
O1 SO4 V . -38.57 -19.51 -36.03
O2 SO4 V . -39.63 -17.30 -36.17
O3 SO4 V . -39.28 -18.35 -33.98
O4 SO4 V . -37.36 -17.52 -35.28
C1 8K6 W . -29.51 3.67 -15.38
C2 8K6 W . -30.29 2.57 -16.10
C3 8K6 W . -31.78 2.75 -15.83
C4 8K6 W . -32.61 1.96 -16.87
C5 8K6 W . -32.69 2.76 -18.17
C6 8K6 W . -33.56 2.02 -19.20
C7 8K6 W . -32.74 0.98 -19.97
C8 8K6 W . -31.98 1.63 -21.13
H21C 8K6 W . -30.01 1.71 -15.75
H22C 8K6 W . -30.12 2.61 -17.04
H31C 8K6 W . -32.00 2.42 -14.94
H32C 8K6 W . -32.01 3.68 -15.89
H41C 8K6 W . -33.49 1.81 -16.52
H42C 8K6 W . -32.17 1.11 -17.04
H51C 8K6 W . -33.10 3.62 -17.99
H52C 8K6 W . -31.81 2.88 -18.54
H61C 8K6 W . -34.29 1.57 -18.74
H62C 8K6 W . -33.92 2.66 -19.82
H71C 8K6 W . -32.11 0.56 -19.37
H72C 8K6 W . -33.35 0.31 -20.33
H81C 8K6 W . -32.53 2.28 -21.57
H82C 8K6 W . -31.18 2.06 -20.78
#